data_7PIL
#
_entry.id   7PIL
#
_cell.length_a   1.00
_cell.length_b   1.00
_cell.length_c   1.00
_cell.angle_alpha   90.00
_cell.angle_beta   90.00
_cell.angle_gamma   90.00
#
_symmetry.space_group_name_H-M   'P 1'
#
loop_
_entity.id
_entity.type
_entity.pdbx_description
1 polymer 'Light-harvesting protein B-875 alpha chain'
2 polymer 'Light-harvesting protein B-875 beta chain'
3 polymer 'Reaction center protein H chain'
4 polymer 'Reaction center protein L chain'
5 polymer 'Reaction center protein M chain'
6 polymer RC-Y
7 polymer 'Intrinsic membrane protein PufX'
8 non-polymer 'BACTERIOCHLOROPHYLL A'
9 non-polymer SPHEROIDENE
10 non-polymer DODECYL-BETA-D-MALTOSIDE
11 non-polymer 1,2-Distearoyl-sn-glycerophosphoethanolamine
12 non-polymer 'BACTERIOPHEOPHYTIN A'
13 non-polymer UBIQUINONE-10
14 non-polymer UBIQUINONE-1
15 non-polymer '(2R,5R,11R,14R)-5,8,11-trihydroxy-5,11-dioxido-17-oxo-2,14-bis(tetradecanoyloxy)-4,6,10,12,16-pentaoxa-5,11-diphosphatriacont-1-yl tetradecanoate'
16 non-polymer 'FE (III) ION'
17 water water
#
loop_
_entity_poly.entity_id
_entity_poly.type
_entity_poly.pdbx_seq_one_letter_code
_entity_poly.pdbx_strand_id
1 'polypeptide(L)' MSKFYKIWMIFDPRRVFVAQGVFLFLLAVMIHLILLSTPSYNWLEISAAKYNRVA AA,AB,AC,AD,AE,AF,AG,AH,AI,AJ,AK,AL,AM,AN
2 'polypeptide(L)' LGYTGLTDEQAQELHSVYMSGLWLFSAVAIVAHLAVYIWRPWF BA,BB,BC,BD,BE,BF,BG,BH,BI,BJ,BK,BL,BM,BN
3 'polypeptide(L)'
;MVGVTAFGNFDLASLAIYSFWIFLAGLIYYLQTENMREGYPLENEDGTPAANQGPFPLPKPKTFILPHGRGTLTVPGPES
EDRPIALARTAVSEGFPHAPTGDPMKDGVGPASWVARRDLPELDGHGHNKIKPMKAAAGFHVSAGKNPIGLPVRGCDLEI
AGKVVDIWVDIPEQMARFLEVELKDGSTRLLPMQMVKVQSNRVHVNALSSDLFAGIPTIKSPTEVTLLEEDKICGYVAGG
LMYAAP
;
H
4 'polypeptide(L)'
;ALLSFERKYRVPGGTLVGGNLFDFWVGPFYVGFFGVATFFFAALGIILIAWSAVLQGTWNPQLISVYPPALEYGLGGAPL
AKGGLWQIITICATGAFVSWALREVEICRKLGIGYHIPFAFAFAILAYLTLVLFRPVMMGAWGYAFPYGIWTHLDWVSNT
GYTYGNFHYNPAHMIAISFFFTNALALALHGALVLSAANPEKGKEMRTPDHEDTFFRDLVGYSIGTLGIHRLGLLLSLSA
VFFSALCMIITGTIWFDQWVDWWQWWVKLPWWANIPGGING
;
L
5 'polypeptide(L)'
;AEYQNIFSQVQVRGPADLGMTEDVNLANRSGVGPFSTLLGWFGNAQLGPIYLGSLGVLSLFSGLMWFFTIGIWFWYQAGW
NPAVFLRDLFFFSLEPPAPEYGLSFAAPLKEGGLWLIASFFMFVAVWSWWGRTYLRAQALGMGKHTAWAFLSAIWLWMVL
GFIRPILMGSWSEAVPYGIFSHLDWTNNFSLVHGNLFYNPFHGLSIAFLYGSALLFAMHGATILAVSRFGGERELEQIAD
RGTAAERAALFWRWTMGFNATMEGIHRWAIWMAVLVTLTGGIGILLSGTVVDNWYVWGQNHGMAPLN
;
M
6 'polypeptide(L)' EVSEFAFRLMMAAVIFVGVGIMFAFAGGHWFVGLVVGGLVAAFFAATPN UU
7 'polypeptide(L)' PKTNLRLWVAFQMMKGAGWAGGVFFGTLLLIGFFRVVGLMLPIQENQAPAPNITG X
#
# COMPACT_ATOMS: atom_id res chain seq x y z
N MET A 1 27.76 -21.62 -51.10
CA MET A 1 28.37 -20.91 -49.97
C MET A 1 28.89 -19.53 -50.37
N SER A 2 29.25 -19.35 -51.64
CA SER A 2 30.06 -18.21 -52.07
C SER A 2 29.40 -16.85 -51.81
N LYS A 3 28.10 -16.80 -51.54
CA LYS A 3 27.41 -15.55 -51.28
C LYS A 3 27.19 -15.23 -49.80
N PHE A 4 27.69 -16.05 -48.88
CA PHE A 4 27.51 -15.78 -47.45
C PHE A 4 28.07 -14.43 -47.01
N TYR A 5 29.04 -13.86 -47.74
CA TYR A 5 29.54 -12.53 -47.43
C TYR A 5 28.45 -11.44 -47.42
N LYS A 6 27.34 -11.65 -48.11
CA LYS A 6 26.25 -10.68 -48.12
C LYS A 6 25.55 -10.52 -46.77
N ILE A 7 25.88 -11.33 -45.76
CA ILE A 7 25.45 -11.05 -44.39
C ILE A 7 25.93 -9.68 -43.90
N TRP A 8 27.10 -9.24 -44.34
CA TRP A 8 27.62 -7.94 -43.92
C TRP A 8 26.97 -6.78 -44.65
N MET A 9 26.12 -7.05 -45.63
CA MET A 9 25.21 -6.05 -46.19
C MET A 9 23.85 -6.05 -45.52
N ILE A 10 23.56 -7.03 -44.65
CA ILE A 10 22.35 -7.04 -43.84
C ILE A 10 22.62 -6.54 -42.41
N PHE A 11 23.66 -7.04 -41.76
CA PHE A 11 24.00 -6.67 -40.40
C PHE A 11 25.33 -5.93 -40.35
N ASP A 12 25.36 -4.80 -39.63
CA ASP A 12 26.53 -3.94 -39.46
C ASP A 12 27.66 -4.67 -38.74
N PRO A 13 28.79 -4.93 -39.42
CA PRO A 13 29.83 -5.80 -38.84
C PRO A 13 30.35 -5.37 -37.47
N ARG A 14 30.56 -4.06 -37.28
CA ARG A 14 31.02 -3.54 -35.99
C ARG A 14 30.17 -4.05 -34.84
N ARG A 15 28.85 -3.94 -34.96
CA ARG A 15 27.94 -4.34 -33.91
C ARG A 15 27.87 -5.85 -33.75
N VAL A 16 27.88 -6.58 -34.86
CA VAL A 16 27.89 -8.06 -34.83
C VAL A 16 29.13 -8.59 -34.11
N PHE A 17 30.30 -8.02 -34.38
CA PHE A 17 31.53 -8.51 -33.75
C PHE A 17 31.54 -8.29 -32.25
N VAL A 18 31.06 -7.13 -31.77
CA VAL A 18 30.90 -6.93 -30.33
C VAL A 18 29.95 -7.96 -29.73
N ALA A 19 28.77 -8.13 -30.34
CA ALA A 19 27.80 -9.09 -29.82
C ALA A 19 28.32 -10.51 -29.87
N GLN A 20 29.08 -10.86 -30.91
CA GLN A 20 29.68 -12.19 -31.01
C GLN A 20 30.74 -12.42 -29.94
N GLY A 21 31.52 -11.39 -29.61
CA GLY A 21 32.42 -11.49 -28.47
C GLY A 21 31.71 -11.82 -27.16
N VAL A 22 30.59 -11.15 -26.90
CA VAL A 22 29.76 -11.47 -25.74
C VAL A 22 29.27 -12.92 -25.80
N PHE A 23 28.69 -13.31 -26.94
CA PHE A 23 28.16 -14.67 -27.08
C PHE A 23 29.22 -15.74 -26.84
N LEU A 24 30.37 -15.61 -27.50
CA LEU A 24 31.40 -16.65 -27.37
C LEU A 24 32.01 -16.71 -25.97
N PHE A 25 32.24 -15.56 -25.34
CA PHE A 25 32.69 -15.58 -23.95
C PHE A 25 31.69 -16.27 -23.02
N LEU A 26 30.42 -15.87 -23.09
CA LEU A 26 29.41 -16.44 -22.21
C LEU A 26 29.20 -17.93 -22.47
N LEU A 27 29.20 -18.35 -23.73
CA LEU A 27 29.13 -19.77 -24.06
C LEU A 27 30.28 -20.56 -23.44
N ALA A 28 31.50 -20.07 -23.60
CA ALA A 28 32.67 -20.74 -23.01
C ALA A 28 32.55 -20.84 -21.49
N VAL A 29 32.17 -19.75 -20.83
CA VAL A 29 32.00 -19.78 -19.37
C VAL A 29 30.96 -20.80 -18.95
N MET A 30 29.82 -20.84 -19.65
CA MET A 30 28.81 -21.87 -19.38
C MET A 30 29.39 -23.28 -19.44
N ILE A 31 30.18 -23.59 -20.47
CA ILE A 31 30.71 -24.95 -20.61
C ILE A 31 31.76 -25.26 -19.53
N HIS A 32 32.66 -24.32 -19.24
CA HIS A 32 33.59 -24.52 -18.12
C HIS A 32 32.87 -24.74 -16.78
N LEU A 33 31.81 -23.97 -16.51
CA LEU A 33 31.05 -24.16 -15.27
C LEU A 33 30.35 -25.52 -15.21
N ILE A 34 29.86 -26.01 -16.35
CA ILE A 34 29.28 -27.35 -16.39
C ILE A 34 30.32 -28.42 -16.08
N LEU A 35 31.56 -28.23 -16.54
CA LEU A 35 32.63 -29.18 -16.26
C LEU A 35 33.18 -29.06 -14.84
N LEU A 36 33.28 -27.85 -14.29
CA LEU A 36 33.60 -27.72 -12.87
C LEU A 36 32.55 -28.35 -11.97
N SER A 37 31.28 -28.26 -12.35
CA SER A 37 30.22 -28.91 -11.59
C SER A 37 30.13 -30.42 -11.84
N THR A 38 31.06 -30.98 -12.62
CA THR A 38 31.07 -32.40 -12.93
C THR A 38 32.23 -33.09 -12.20
N PRO A 39 31.96 -33.97 -11.24
CA PRO A 39 33.05 -34.57 -10.45
C PRO A 39 34.11 -35.29 -11.25
N SER A 40 33.76 -35.90 -12.38
CA SER A 40 34.76 -36.53 -13.24
C SER A 40 35.63 -35.54 -14.01
N TYR A 41 35.24 -34.27 -14.09
CA TYR A 41 35.97 -33.30 -14.91
C TYR A 41 36.40 -32.03 -14.18
N ASN A 42 36.03 -31.86 -12.91
CA ASN A 42 36.47 -30.70 -12.13
C ASN A 42 37.98 -30.77 -11.92
N TRP A 43 38.73 -30.02 -12.75
CA TRP A 43 40.19 -29.99 -12.73
C TRP A 43 40.77 -29.21 -11.55
N LEU A 44 39.93 -28.63 -10.69
CA LEU A 44 40.41 -27.96 -9.48
C LEU A 44 40.37 -28.86 -8.25
N GLU A 45 39.68 -30.00 -8.34
CA GLU A 45 39.63 -30.98 -7.26
C GLU A 45 40.32 -32.28 -7.66
N ILE A 46 41.35 -32.15 -8.49
CA ILE A 46 42.20 -33.25 -8.94
C ILE A 46 43.66 -32.87 -8.68
N MET B 1 6.12 -25.34 -53.45
CA MET B 1 7.50 -25.20 -52.99
C MET B 1 8.25 -24.08 -53.72
N SER B 2 8.08 -24.01 -55.04
CA SER B 2 8.88 -23.10 -55.86
C SER B 2 8.69 -21.62 -55.50
N LYS B 3 7.56 -21.26 -54.87
CA LYS B 3 7.27 -19.88 -54.52
C LYS B 3 7.57 -19.51 -53.07
N PHE B 4 8.16 -20.42 -52.28
CA PHE B 4 8.46 -20.10 -50.88
C PHE B 4 9.40 -18.91 -50.71
N TYR B 5 10.20 -18.58 -51.72
CA TYR B 5 11.02 -17.36 -51.69
C TYR B 5 10.23 -16.08 -51.44
N LYS B 6 8.93 -16.06 -51.73
CA LYS B 6 8.10 -14.88 -51.47
C LYS B 6 7.94 -14.55 -49.99
N ILE B 7 8.39 -15.42 -49.07
CA ILE B 7 8.39 -15.07 -47.65
C ILE B 7 9.22 -13.82 -47.37
N TRP B 8 10.27 -13.57 -48.15
CA TRP B 8 11.08 -12.36 -48.04
C TRP B 8 10.41 -11.13 -48.63
N MET B 9 9.24 -11.27 -49.23
CA MET B 9 8.36 -10.15 -49.51
C MET B 9 7.44 -9.81 -48.35
N ILE B 10 7.39 -10.67 -47.33
CA ILE B 10 6.51 -10.49 -46.19
C ILE B 10 7.29 -10.09 -44.94
N PHE B 11 8.44 -10.71 -44.69
CA PHE B 11 9.28 -10.36 -43.56
C PHE B 11 10.65 -9.85 -44.00
N ASP B 12 11.09 -8.79 -43.34
CA ASP B 12 12.45 -8.27 -43.52
C ASP B 12 13.47 -9.25 -42.92
N PRO B 13 14.55 -9.58 -43.64
CA PRO B 13 15.51 -10.56 -43.13
C PRO B 13 16.21 -10.17 -41.83
N ARG B 14 16.32 -8.88 -41.52
CA ARG B 14 16.94 -8.49 -40.25
C ARG B 14 16.17 -9.05 -39.06
N ARG B 15 14.86 -8.83 -39.04
CA ARG B 15 14.03 -9.34 -37.94
C ARG B 15 13.98 -10.87 -37.94
N VAL B 16 13.87 -11.47 -39.13
CA VAL B 16 13.83 -12.93 -39.25
C VAL B 16 15.12 -13.58 -38.77
N PHE B 17 16.27 -13.07 -39.23
CA PHE B 17 17.53 -13.72 -38.90
C PHE B 17 17.87 -13.62 -37.41
N VAL B 18 17.48 -12.53 -36.75
CA VAL B 18 17.58 -12.45 -35.29
C VAL B 18 16.66 -13.46 -34.62
N ALA B 19 15.39 -13.50 -35.03
CA ALA B 19 14.45 -14.46 -34.45
C ALA B 19 14.90 -15.90 -34.66
N GLN B 20 15.44 -16.21 -35.84
CA GLN B 20 15.94 -17.55 -36.10
C GLN B 20 17.17 -17.89 -35.25
N GLY B 21 18.11 -16.95 -35.13
CA GLY B 21 19.28 -17.19 -34.30
C GLY B 21 18.94 -17.47 -32.84
N VAL B 22 18.00 -16.72 -32.28
CA VAL B 22 17.51 -17.00 -30.92
C VAL B 22 16.85 -18.37 -30.86
N PHE B 23 15.98 -18.66 -31.82
CA PHE B 23 15.27 -19.94 -31.84
C PHE B 23 16.20 -21.14 -31.90
N LEU B 24 17.15 -21.14 -32.84
CA LEU B 24 18.00 -22.31 -33.03
C LEU B 24 18.93 -22.54 -31.84
N PHE B 25 19.50 -21.49 -31.27
CA PHE B 25 20.33 -21.65 -30.08
C PHE B 25 19.51 -22.09 -28.87
N LEU B 26 18.33 -21.52 -28.69
CA LEU B 26 17.42 -21.98 -27.63
C LEU B 26 17.09 -23.46 -27.77
N LEU B 27 16.72 -23.89 -28.97
CA LEU B 27 16.35 -25.28 -29.20
C LEU B 27 17.51 -26.24 -28.94
N ALA B 28 18.69 -25.90 -29.46
CA ALA B 28 19.88 -26.73 -29.25
C ALA B 28 20.26 -26.82 -27.77
N VAL B 29 20.34 -25.67 -27.08
CA VAL B 29 20.64 -25.67 -25.65
C VAL B 29 19.65 -26.51 -24.87
N MET B 30 18.36 -26.40 -25.20
CA MET B 30 17.34 -27.16 -24.48
C MET B 30 17.50 -28.67 -24.67
N ILE B 31 17.74 -29.12 -25.92
CA ILE B 31 17.91 -30.54 -26.17
C ILE B 31 19.15 -31.10 -25.46
N HIS B 32 20.27 -30.37 -25.51
CA HIS B 32 21.46 -30.81 -24.74
C HIS B 32 21.17 -30.93 -23.25
N LEU B 33 20.45 -29.96 -22.65
CA LEU B 33 20.11 -30.05 -21.23
C LEU B 33 19.14 -31.19 -20.92
N ILE B 34 18.22 -31.48 -21.82
CA ILE B 34 17.35 -32.65 -21.67
C ILE B 34 18.17 -33.93 -21.60
N LEU B 35 19.17 -34.05 -22.48
CA LEU B 35 20.03 -35.25 -22.48
C LEU B 35 20.95 -35.28 -21.27
N LEU B 36 21.51 -34.14 -20.85
CA LEU B 36 22.33 -34.09 -19.64
C LEU B 36 21.55 -34.43 -18.38
N SER B 37 20.24 -34.16 -18.35
CA SER B 37 19.44 -34.53 -17.20
C SER B 37 18.95 -35.96 -17.24
N THR B 38 19.19 -36.66 -18.35
CA THR B 38 18.74 -38.04 -18.53
C THR B 38 19.91 -38.99 -18.29
N PRO B 39 19.82 -39.88 -17.29
CA PRO B 39 20.95 -40.78 -17.00
C PRO B 39 21.41 -41.62 -18.18
N SER B 40 20.49 -42.05 -19.04
CA SER B 40 20.84 -42.89 -20.18
C SER B 40 21.61 -42.15 -21.27
N TYR B 41 21.58 -40.82 -21.30
CA TYR B 41 22.25 -40.07 -22.35
C TYR B 41 23.18 -38.97 -21.88
N ASN B 42 23.36 -38.79 -20.58
CA ASN B 42 24.35 -37.83 -20.05
C ASN B 42 25.76 -38.35 -20.36
N TRP B 43 26.37 -37.78 -21.40
CA TRP B 43 27.67 -38.26 -21.87
C TRP B 43 28.77 -38.11 -20.83
N LEU B 44 28.73 -37.04 -20.03
CA LEU B 44 29.73 -36.85 -18.99
C LEU B 44 29.64 -37.95 -17.93
N GLU B 45 28.42 -38.35 -17.59
CA GLU B 45 28.15 -39.42 -16.64
C GLU B 45 28.42 -40.80 -17.23
N ILE B 46 28.08 -41.01 -18.51
CA ILE B 46 28.39 -42.27 -19.20
C ILE B 46 29.90 -42.50 -19.25
N SER B 47 30.66 -41.49 -19.66
CA SER B 47 32.11 -41.59 -19.74
C SER B 47 32.76 -41.87 -18.38
N ALA B 48 32.28 -41.19 -17.33
CA ALA B 48 32.80 -41.44 -15.98
C ALA B 48 32.66 -42.90 -15.56
N ALA B 49 31.51 -43.51 -15.85
CA ALA B 49 31.32 -44.93 -15.54
C ALA B 49 32.18 -45.82 -16.43
N LYS B 50 32.21 -45.54 -17.73
CA LYS B 50 33.00 -46.33 -18.67
C LYS B 50 34.48 -46.42 -18.27
N TYR B 51 35.06 -45.30 -17.84
CA TYR B 51 36.47 -45.25 -17.48
C TYR B 51 36.71 -45.27 -15.96
N ASN B 52 35.70 -45.61 -15.17
CA ASN B 52 35.80 -45.73 -13.71
C ASN B 52 36.42 -44.51 -13.04
N ARG B 53 36.00 -43.32 -13.46
CA ARG B 53 36.59 -42.07 -12.96
C ARG B 53 36.05 -41.62 -11.61
N VAL B 54 34.85 -42.08 -11.23
CA VAL B 54 34.28 -41.71 -9.93
C VAL B 54 34.97 -42.44 -8.78
N ALA B 55 34.94 -41.80 -7.61
CA ALA B 55 35.58 -42.30 -6.38
C ALA B 55 37.04 -42.72 -6.58
N MET C 1 -15.06 -24.36 -49.68
CA MET C 1 -13.61 -24.32 -49.55
C MET C 1 -12.97 -23.29 -50.48
N SER C 2 -13.49 -23.20 -51.71
CA SER C 2 -12.85 -22.42 -52.77
C SER C 2 -12.55 -20.99 -52.36
N LYS C 3 -13.37 -20.38 -51.51
CA LYS C 3 -13.21 -18.99 -51.12
C LYS C 3 -12.40 -18.77 -49.83
N PHE C 4 -11.84 -19.82 -49.23
CA PHE C 4 -11.08 -19.65 -47.99
C PHE C 4 -9.90 -18.70 -48.11
N TYR C 5 -9.39 -18.44 -49.32
CA TYR C 5 -8.35 -17.44 -49.54
C TYR C 5 -8.71 -16.04 -49.02
N LYS C 6 -9.99 -15.73 -48.86
CA LYS C 6 -10.41 -14.43 -48.34
C LYS C 6 -10.08 -14.20 -46.86
N ILE C 7 -9.59 -15.20 -46.13
CA ILE C 7 -8.99 -14.94 -44.82
C ILE C 7 -7.92 -13.85 -44.89
N TRP C 8 -7.14 -13.80 -45.98
CA TRP C 8 -6.06 -12.83 -46.10
C TRP C 8 -6.54 -11.42 -46.39
N MET C 9 -7.82 -11.24 -46.68
CA MET C 9 -8.43 -9.92 -46.76
C MET C 9 -8.94 -9.43 -45.42
N ILE C 10 -8.95 -10.31 -44.41
CA ILE C 10 -9.37 -9.99 -43.06
C ILE C 10 -8.17 -9.91 -42.10
N PHE C 11 -7.29 -10.89 -42.15
CA PHE C 11 -6.11 -10.94 -41.28
C PHE C 11 -4.82 -10.73 -42.09
N ASP C 12 -3.96 -9.84 -41.59
CA ASP C 12 -2.68 -9.58 -42.22
C ASP C 12 -1.73 -10.77 -42.07
N PRO C 13 -1.13 -11.25 -43.16
CA PRO C 13 -0.28 -12.45 -43.07
C PRO C 13 0.94 -12.32 -42.16
N ARG C 14 1.50 -11.12 -42.00
CA ARG C 14 2.66 -10.96 -41.12
C ARG C 14 2.33 -11.34 -39.68
N ARG C 15 1.15 -10.96 -39.21
CA ARG C 15 0.71 -11.33 -37.87
C ARG C 15 0.37 -12.82 -37.80
N VAL C 16 -0.38 -13.30 -38.78
CA VAL C 16 -0.84 -14.69 -38.80
C VAL C 16 0.33 -15.67 -38.83
N PHE C 17 1.33 -15.40 -39.67
CA PHE C 17 2.47 -16.31 -39.78
C PHE C 17 3.27 -16.38 -38.49
N VAL C 18 3.42 -15.26 -37.79
CA VAL C 18 4.05 -15.27 -36.47
C VAL C 18 3.21 -16.04 -35.46
N ALA C 19 1.92 -15.72 -35.37
CA ALA C 19 1.02 -16.43 -34.46
C ALA C 19 1.04 -17.93 -34.72
N GLN C 20 0.98 -18.32 -35.98
CA GLN C 20 1.05 -19.73 -36.36
C GLN C 20 2.38 -20.37 -35.96
N GLY C 21 3.50 -19.70 -36.23
CA GLY C 21 4.80 -20.24 -35.84
C GLY C 21 4.93 -20.49 -34.35
N VAL C 22 4.58 -19.48 -33.54
CA VAL C 22 4.57 -19.64 -32.09
C VAL C 22 3.64 -20.77 -31.66
N PHE C 23 2.43 -20.78 -32.20
CA PHE C 23 1.45 -21.83 -31.87
C PHE C 23 1.98 -23.23 -32.19
N LEU C 24 2.47 -23.44 -33.41
CA LEU C 24 2.92 -24.78 -33.81
C LEU C 24 4.14 -25.25 -33.03
N PHE C 25 5.08 -24.37 -32.72
CA PHE C 25 6.21 -24.76 -31.89
C PHE C 25 5.78 -25.17 -30.49
N LEU C 26 5.00 -24.33 -29.81
CA LEU C 26 4.56 -24.66 -28.46
C LEU C 26 3.67 -25.90 -28.42
N LEU C 27 2.82 -26.10 -29.43
CA LEU C 27 2.07 -27.34 -29.53
C LEU C 27 2.97 -28.55 -29.69
N ALA C 28 3.93 -28.48 -30.63
CA ALA C 28 4.88 -29.56 -30.83
C ALA C 28 5.71 -29.85 -29.58
N VAL C 29 6.23 -28.80 -28.94
CA VAL C 29 6.94 -28.97 -27.68
C VAL C 29 6.08 -29.66 -26.63
N MET C 30 4.84 -29.22 -26.46
CA MET C 30 4.00 -29.79 -25.41
C MET C 30 3.70 -31.26 -25.63
N ILE C 31 3.45 -31.67 -26.88
CA ILE C 31 3.22 -33.09 -27.16
C ILE C 31 4.47 -33.92 -26.89
N HIS C 32 5.64 -33.46 -27.32
CA HIS C 32 6.87 -34.20 -27.02
C HIS C 32 7.11 -34.33 -25.52
N LEU C 33 6.91 -33.25 -24.76
CA LEU C 33 7.02 -33.31 -23.29
C LEU C 33 6.00 -34.26 -22.67
N ILE C 34 4.77 -34.28 -23.18
CA ILE C 34 3.77 -35.23 -22.69
C ILE C 34 4.23 -36.66 -22.88
N LEU C 35 4.77 -36.99 -24.05
CA LEU C 35 5.29 -38.33 -24.30
C LEU C 35 6.51 -38.65 -23.45
N LEU C 36 7.44 -37.71 -23.29
CA LEU C 36 8.56 -37.90 -22.38
C LEU C 36 8.11 -38.10 -20.94
N SER C 37 6.99 -37.51 -20.54
CA SER C 37 6.43 -37.75 -19.22
C SER C 37 5.70 -39.08 -19.13
N THR C 38 5.50 -39.77 -20.24
CA THR C 38 4.74 -41.02 -20.27
C THR C 38 5.72 -42.19 -20.38
N PRO C 39 5.82 -43.05 -19.36
CA PRO C 39 6.83 -44.11 -19.39
C PRO C 39 6.77 -45.03 -20.61
N SER C 40 5.57 -45.31 -21.11
CA SER C 40 5.42 -46.15 -22.30
C SER C 40 5.86 -45.46 -23.59
N TYR C 41 6.13 -44.15 -23.57
CA TYR C 41 6.53 -43.44 -24.77
C TYR C 41 7.77 -42.56 -24.63
N ASN C 42 8.42 -42.55 -23.47
CA ASN C 42 9.71 -41.86 -23.36
C ASN C 42 10.77 -42.69 -24.10
N TRP C 43 11.10 -42.25 -25.32
CA TRP C 43 12.02 -42.99 -26.18
C TRP C 43 13.42 -43.13 -25.57
N LEU C 44 13.85 -42.18 -24.75
CA LEU C 44 15.16 -42.27 -24.12
C LEU C 44 15.18 -43.36 -23.03
N GLU C 45 14.07 -43.57 -22.34
CA GLU C 45 13.96 -44.63 -21.36
C GLU C 45 13.69 -45.99 -21.99
N ILE C 46 12.85 -46.02 -23.02
CA ILE C 46 12.61 -47.26 -23.77
C ILE C 46 13.93 -47.82 -24.31
N SER C 47 14.74 -46.95 -24.92
CA SER C 47 16.01 -47.40 -25.51
C SER C 47 17.02 -47.82 -24.44
N ALA C 48 17.04 -47.15 -23.29
CA ALA C 48 17.83 -47.63 -22.16
C ALA C 48 17.46 -49.05 -21.76
N ALA C 49 16.15 -49.33 -21.65
CA ALA C 49 15.68 -50.67 -21.33
C ALA C 49 16.00 -51.66 -22.45
N LYS C 50 15.83 -51.26 -23.71
CA LYS C 50 16.12 -52.13 -24.84
C LYS C 50 17.59 -52.55 -24.86
N TYR C 51 18.51 -51.60 -24.71
CA TYR C 51 19.93 -51.84 -24.80
C TYR C 51 20.60 -52.08 -23.44
N ASN C 52 19.81 -52.30 -22.39
CA ASN C 52 20.31 -52.64 -21.05
C ASN C 52 21.30 -51.62 -20.50
N ARG C 53 21.09 -50.35 -20.81
CA ARG C 53 21.99 -49.28 -20.39
C ARG C 53 21.85 -48.91 -18.92
N VAL C 54 20.74 -49.29 -18.27
CA VAL C 54 20.63 -49.18 -16.82
C VAL C 54 21.15 -50.44 -16.15
N ALA C 55 22.25 -50.29 -15.41
CA ALA C 55 22.97 -51.35 -14.69
C ALA C 55 23.04 -52.68 -15.47
N MET D 1 -34.01 -18.50 -39.56
CA MET D 1 -32.66 -19.05 -39.64
C MET D 1 -31.87 -18.46 -40.81
N SER D 2 -32.52 -18.30 -41.96
CA SER D 2 -31.85 -17.78 -43.16
C SER D 2 -31.22 -16.41 -42.96
N LYS D 3 -31.65 -15.65 -41.96
CA LYS D 3 -31.14 -14.32 -41.68
C LYS D 3 -29.88 -14.27 -40.81
N PHE D 4 -29.38 -15.41 -40.32
CA PHE D 4 -28.24 -15.42 -39.41
C PHE D 4 -26.99 -14.72 -39.95
N TYR D 5 -26.86 -14.56 -41.27
CA TYR D 5 -25.75 -13.80 -41.84
C TYR D 5 -25.68 -12.36 -41.32
N LYS D 6 -26.79 -11.78 -40.87
CA LYS D 6 -26.81 -10.42 -40.33
C LYS D 6 -25.95 -10.24 -39.08
N ILE D 7 -25.52 -11.33 -38.43
CA ILE D 7 -24.58 -11.22 -37.31
C ILE D 7 -23.29 -10.50 -37.70
N TRP D 8 -22.85 -10.62 -38.95
CA TRP D 8 -21.66 -9.93 -39.41
C TRP D 8 -21.89 -8.44 -39.64
N MET D 9 -23.12 -7.97 -39.53
CA MET D 9 -23.41 -6.55 -39.44
C MET D 9 -23.48 -6.08 -37.99
N ILE D 10 -23.70 -7.00 -37.05
CA ILE D 10 -23.58 -6.69 -35.63
C ILE D 10 -22.12 -6.68 -35.17
N PHE D 11 -21.41 -7.79 -35.39
CA PHE D 11 -20.08 -8.00 -34.84
C PHE D 11 -19.00 -8.01 -35.92
N ASP D 12 -17.86 -7.39 -35.61
CA ASP D 12 -16.72 -7.38 -36.51
C ASP D 12 -16.12 -8.78 -36.64
N PRO D 13 -15.96 -9.30 -37.86
CA PRO D 13 -15.45 -10.68 -38.03
C PRO D 13 -14.04 -10.90 -37.49
N ARG D 14 -13.19 -9.87 -37.48
CA ARG D 14 -11.83 -10.04 -36.97
C ARG D 14 -11.82 -10.49 -35.51
N ARG D 15 -12.57 -9.81 -34.65
CA ARG D 15 -12.66 -10.21 -33.26
C ARG D 15 -13.35 -11.56 -33.09
N VAL D 16 -14.44 -11.79 -33.83
CA VAL D 16 -15.16 -13.06 -33.72
C VAL D 16 -14.26 -14.24 -34.10
N PHE D 17 -13.53 -14.12 -35.21
CA PHE D 17 -12.70 -15.23 -35.65
C PHE D 17 -11.51 -15.48 -34.73
N VAL D 18 -10.90 -14.43 -34.19
CA VAL D 18 -9.89 -14.61 -33.15
C VAL D 18 -10.50 -15.24 -31.90
N ALA D 19 -11.63 -14.71 -31.44
CA ALA D 19 -12.29 -15.25 -30.25
C ALA D 19 -12.69 -16.71 -30.44
N GLN D 20 -13.27 -17.04 -31.59
CA GLN D 20 -13.63 -18.42 -31.90
C GLN D 20 -12.42 -19.34 -31.95
N GLY D 21 -11.35 -18.92 -32.63
CA GLY D 21 -10.16 -19.74 -32.71
C GLY D 21 -9.57 -20.07 -31.35
N VAL D 22 -9.40 -19.06 -30.50
CA VAL D 22 -8.96 -19.28 -29.13
C VAL D 22 -9.93 -20.18 -28.37
N PHE D 23 -11.22 -19.86 -28.43
CA PHE D 23 -12.25 -20.65 -27.75
C PHE D 23 -12.21 -22.12 -28.16
N LEU D 24 -12.19 -22.40 -29.47
CA LEU D 24 -12.19 -23.78 -29.93
C LEU D 24 -10.94 -24.53 -29.51
N PHE D 25 -9.77 -23.89 -29.58
CA PHE D 25 -8.54 -24.55 -29.14
C PHE D 25 -8.58 -24.90 -27.66
N LEU D 26 -8.94 -23.93 -26.82
CA LEU D 26 -9.02 -24.18 -25.39
C LEU D 26 -10.09 -25.21 -25.04
N LEU D 27 -11.21 -25.22 -25.77
CA LEU D 27 -12.20 -26.27 -25.58
C LEU D 27 -11.65 -27.65 -25.93
N ALA D 28 -11.01 -27.76 -27.09
CA ALA D 28 -10.41 -29.03 -27.50
C ALA D 28 -9.35 -29.50 -26.51
N VAL D 29 -8.44 -28.62 -26.11
CA VAL D 29 -7.43 -28.95 -25.10
C VAL D 29 -8.08 -29.41 -23.80
N MET D 30 -9.11 -28.69 -23.34
CA MET D 30 -9.84 -29.11 -22.14
C MET D 30 -10.36 -30.54 -22.25
N ILE D 31 -11.03 -30.88 -23.36
CA ILE D 31 -11.61 -32.21 -23.49
C ILE D 31 -10.54 -33.29 -23.58
N HIS D 32 -9.45 -33.05 -24.32
CA HIS D 32 -8.35 -34.02 -24.33
C HIS D 32 -7.73 -34.20 -22.95
N LEU D 33 -7.51 -33.11 -22.21
CA LEU D 33 -6.98 -33.23 -20.84
C LEU D 33 -7.91 -33.99 -19.91
N ILE D 34 -9.21 -33.78 -20.02
CA ILE D 34 -10.17 -34.55 -19.21
C ILE D 34 -10.06 -36.04 -19.49
N LEU D 35 -9.95 -36.42 -20.76
CA LEU D 35 -9.80 -37.84 -21.11
C LEU D 35 -8.47 -38.42 -20.67
N LEU D 36 -7.37 -37.67 -20.84
CA LEU D 36 -6.09 -38.10 -20.29
C LEU D 36 -6.12 -38.21 -18.76
N SER D 37 -6.94 -37.41 -18.09
CA SER D 37 -7.14 -37.54 -16.65
C SER D 37 -8.01 -38.74 -16.28
N THR D 38 -8.55 -39.46 -17.27
CA THR D 38 -9.48 -40.55 -17.02
C THR D 38 -8.82 -41.88 -17.36
N PRO D 39 -8.59 -42.76 -16.37
CA PRO D 39 -7.86 -44.00 -16.64
C PRO D 39 -8.47 -44.88 -17.71
N SER D 40 -9.80 -44.90 -17.83
CA SER D 40 -10.48 -45.65 -18.88
C SER D 40 -10.37 -45.02 -20.26
N TYR D 41 -9.88 -43.79 -20.38
CA TYR D 41 -9.79 -43.12 -21.68
C TYR D 41 -8.42 -42.52 -22.00
N ASN D 42 -7.44 -42.61 -21.10
CA ASN D 42 -6.07 -42.23 -21.43
C ASN D 42 -5.50 -43.25 -22.42
N TRP D 43 -5.53 -42.90 -23.71
CA TRP D 43 -5.11 -43.80 -24.78
C TRP D 43 -3.65 -44.24 -24.65
N LEU D 44 -2.80 -43.41 -24.06
CA LEU D 44 -1.41 -43.81 -23.82
C LEU D 44 -1.33 -44.92 -22.77
N GLU D 45 -2.10 -44.80 -21.69
CA GLU D 45 -2.17 -45.88 -20.71
C GLU D 45 -2.87 -47.12 -21.26
N ILE D 46 -3.93 -46.92 -22.04
CA ILE D 46 -4.65 -48.05 -22.65
C ILE D 46 -3.72 -48.87 -23.55
N SER D 47 -2.97 -48.19 -24.41
CA SER D 47 -2.02 -48.90 -25.26
C SER D 47 -0.84 -49.48 -24.48
N ALA D 48 -0.44 -48.84 -23.39
CA ALA D 48 0.58 -49.42 -22.51
C ALA D 48 0.14 -50.76 -21.93
N ALA D 49 -1.09 -50.83 -21.42
CA ALA D 49 -1.61 -52.08 -20.87
C ALA D 49 -1.88 -53.12 -21.95
N LYS D 50 -2.46 -52.70 -23.07
CA LYS D 50 -2.75 -53.61 -24.18
C LYS D 50 -1.49 -54.34 -24.67
N TYR D 51 -0.42 -53.59 -24.93
CA TYR D 51 0.79 -54.16 -25.49
C TYR D 51 1.81 -54.61 -24.44
N ASN D 52 1.43 -54.64 -23.16
CA ASN D 52 2.30 -55.07 -22.07
C ASN D 52 3.61 -54.30 -22.01
N ARG D 53 3.54 -52.99 -22.24
CA ARG D 53 4.72 -52.13 -22.27
C ARG D 53 5.19 -51.69 -20.89
N VAL D 54 4.37 -51.82 -19.86
CA VAL D 54 4.77 -51.52 -18.49
C VAL D 54 5.56 -52.69 -17.92
N ALA D 55 6.75 -52.39 -17.39
CA ALA D 55 7.61 -53.33 -16.69
C ALA D 55 7.79 -54.65 -17.43
N MET E 1 -46.48 -10.89 -24.48
CA MET E 1 -45.31 -11.49 -25.10
C MET E 1 -44.87 -10.71 -26.35
N SER E 2 -45.83 -10.30 -27.18
CA SER E 2 -45.54 -9.77 -28.51
C SER E 2 -44.54 -8.60 -28.48
N LYS E 3 -44.69 -7.69 -27.52
CA LYS E 3 -43.89 -6.47 -27.47
C LYS E 3 -42.44 -6.65 -27.01
N PHE E 4 -41.99 -7.87 -26.66
CA PHE E 4 -40.64 -8.05 -26.11
C PHE E 4 -39.51 -7.57 -27.02
N TYR E 5 -39.74 -7.43 -28.33
CA TYR E 5 -38.72 -6.88 -29.23
C TYR E 5 -38.24 -5.49 -28.85
N LYS E 6 -39.02 -4.72 -28.09
CA LYS E 6 -38.58 -3.41 -27.61
C LYS E 6 -37.39 -3.45 -26.65
N ILE E 7 -37.04 -4.62 -26.12
CA ILE E 7 -35.80 -4.75 -25.33
C ILE E 7 -34.58 -4.28 -26.10
N TRP E 8 -34.54 -4.50 -27.41
CA TRP E 8 -33.42 -4.06 -28.24
C TRP E 8 -33.37 -2.55 -28.44
N MET E 9 -34.40 -1.83 -28.02
CA MET E 9 -34.36 -0.37 -27.92
C MET E 9 -33.75 0.09 -26.60
N ILE E 10 -33.81 -0.77 -25.58
CA ILE E 10 -33.20 -0.50 -24.27
C ILE E 10 -31.73 -0.93 -24.25
N PHE E 11 -31.43 -2.16 -24.65
CA PHE E 11 -30.08 -2.73 -24.58
C PHE E 11 -29.46 -2.85 -25.96
N ASP E 12 -28.21 -2.41 -26.10
CA ASP E 12 -27.45 -2.61 -27.32
C ASP E 12 -27.30 -4.11 -27.56
N PRO E 13 -27.74 -4.63 -28.71
CA PRO E 13 -27.60 -6.08 -28.96
C PRO E 13 -26.18 -6.61 -28.87
N ARG E 14 -25.18 -5.81 -29.21
CA ARG E 14 -23.79 -6.25 -29.10
C ARG E 14 -23.44 -6.65 -27.67
N ARG E 15 -23.70 -5.76 -26.72
CA ARG E 15 -23.43 -6.02 -25.31
C ARG E 15 -24.20 -7.24 -24.81
N VAL E 16 -25.49 -7.33 -25.16
CA VAL E 16 -26.31 -8.48 -24.77
C VAL E 16 -25.74 -9.78 -25.31
N PHE E 17 -25.43 -9.82 -26.61
CA PHE E 17 -25.00 -11.07 -27.24
C PHE E 17 -23.68 -11.58 -26.66
N VAL E 18 -22.70 -10.70 -26.46
CA VAL E 18 -21.46 -11.12 -25.79
C VAL E 18 -21.74 -11.63 -24.39
N ALA E 19 -22.49 -10.87 -23.60
CA ALA E 19 -22.79 -11.28 -22.23
C ALA E 19 -23.53 -12.62 -22.19
N GLN E 20 -24.49 -12.82 -23.09
CA GLN E 20 -25.24 -14.06 -23.15
C GLN E 20 -24.38 -15.25 -23.56
N GLY E 21 -23.48 -15.07 -24.53
CA GLY E 21 -22.59 -16.15 -24.92
C GLY E 21 -21.66 -16.59 -23.80
N VAL E 22 -21.08 -15.63 -23.08
CA VAL E 22 -20.28 -15.96 -21.90
C VAL E 22 -21.13 -16.66 -20.85
N PHE E 23 -22.31 -16.12 -20.57
CA PHE E 23 -23.22 -16.71 -19.58
C PHE E 23 -23.59 -18.15 -19.92
N LEU E 24 -24.02 -18.41 -21.15
CA LEU E 24 -24.44 -19.76 -21.53
C LEU E 24 -23.28 -20.75 -21.51
N PHE E 25 -22.09 -20.34 -21.95
CA PHE E 25 -20.95 -21.25 -21.90
C PHE E 25 -20.55 -21.60 -20.47
N LEU E 26 -20.43 -20.60 -19.61
CA LEU E 26 -20.08 -20.86 -18.21
C LEU E 26 -21.15 -21.69 -17.50
N LEU E 27 -22.43 -21.44 -17.81
CA LEU E 27 -23.49 -22.27 -17.26
C LEU E 27 -23.36 -23.72 -17.71
N ALA E 28 -23.21 -23.95 -19.01
CA ALA E 28 -23.07 -25.30 -19.55
C ALA E 28 -21.86 -26.02 -18.98
N VAL E 29 -20.69 -25.35 -18.98
CA VAL E 29 -19.48 -25.92 -18.40
C VAL E 29 -19.70 -26.31 -16.95
N MET E 30 -20.31 -25.43 -16.15
CA MET E 30 -20.59 -25.75 -14.75
C MET E 30 -21.45 -27.00 -14.61
N ILE E 31 -22.53 -27.11 -15.39
CA ILE E 31 -23.42 -28.27 -15.24
C ILE E 31 -22.73 -29.57 -15.64
N HIS E 32 -21.94 -29.57 -16.72
CA HIS E 32 -21.16 -30.76 -17.05
C HIS E 32 -20.15 -31.12 -15.95
N LEU E 33 -19.45 -30.12 -15.39
CA LEU E 33 -18.53 -30.37 -14.28
C LEU E 33 -19.23 -30.90 -13.04
N ILE E 34 -20.46 -30.46 -12.76
CA ILE E 34 -21.24 -31.04 -11.66
C ILE E 34 -21.48 -32.53 -11.90
N LEU E 35 -21.92 -32.89 -13.10
CA LEU E 35 -22.21 -34.30 -13.39
C LEU E 35 -20.95 -35.16 -13.43
N LEU E 36 -19.84 -34.64 -13.96
CA LEU E 36 -18.57 -35.36 -13.85
C LEU E 36 -18.13 -35.51 -12.41
N SER E 37 -18.38 -34.51 -11.56
CA SER E 37 -18.12 -34.63 -10.14
C SER E 37 -19.08 -35.58 -9.43
N THR E 38 -20.14 -36.03 -10.10
CA THR E 38 -21.16 -36.84 -9.49
C THR E 38 -21.00 -38.29 -9.94
N PRO E 39 -20.64 -39.22 -9.05
CA PRO E 39 -20.30 -40.58 -9.50
C PRO E 39 -21.42 -41.28 -10.26
N SER E 40 -22.67 -41.06 -9.88
CA SER E 40 -23.82 -41.65 -10.56
C SER E 40 -24.07 -41.09 -11.96
N TYR E 41 -23.42 -39.98 -12.34
CA TYR E 41 -23.65 -39.36 -13.64
C TYR E 41 -22.39 -39.07 -14.44
N ASN E 42 -21.20 -39.40 -13.94
CA ASN E 42 -19.97 -39.31 -14.74
C ASN E 42 -20.00 -40.39 -15.82
N TRP E 43 -20.33 -39.98 -17.04
CA TRP E 43 -20.54 -40.91 -18.15
C TRP E 43 -19.29 -41.70 -18.52
N LEU E 44 -18.10 -41.14 -18.29
CA LEU E 44 -16.86 -41.88 -18.53
C LEU E 44 -16.65 -43.00 -17.53
N GLU E 45 -17.00 -42.77 -16.26
CA GLU E 45 -16.94 -43.83 -15.26
C GLU E 45 -18.07 -44.83 -15.38
N ILE E 46 -19.26 -44.40 -15.81
CA ILE E 46 -20.36 -45.33 -16.06
C ILE E 46 -20.00 -46.31 -17.17
N SER E 47 -19.49 -45.80 -18.30
CA SER E 47 -19.07 -46.67 -19.38
C SER E 47 -17.88 -47.54 -19.03
N ALA E 48 -16.94 -47.03 -18.21
CA ALA E 48 -15.86 -47.86 -17.71
C ALA E 48 -16.39 -49.09 -16.95
N ALA E 49 -17.33 -48.87 -16.04
CA ALA E 49 -17.92 -49.98 -15.28
C ALA E 49 -18.74 -50.90 -16.16
N LYS E 50 -19.53 -50.33 -17.09
CA LYS E 50 -20.35 -51.12 -17.99
C LYS E 50 -19.51 -52.07 -18.85
N TYR E 51 -18.43 -51.57 -19.44
CA TYR E 51 -17.58 -52.36 -20.33
C TYR E 51 -16.37 -52.99 -19.63
N ASN E 52 -16.35 -53.01 -18.29
CA ASN E 52 -15.31 -53.70 -17.51
C ASN E 52 -13.89 -53.25 -17.85
N ARG E 53 -13.71 -51.94 -18.05
CA ARG E 53 -12.46 -51.38 -18.58
C ARG E 53 -11.38 -51.15 -17.53
N VAL E 54 -11.68 -51.20 -16.24
CA VAL E 54 -10.70 -50.94 -15.19
C VAL E 54 -10.22 -52.25 -14.57
N ALA E 55 -8.90 -52.45 -14.59
CA ALA E 55 -8.19 -53.51 -13.85
C ALA E 55 -8.82 -54.89 -13.99
N MET F 1 -52.63 0.04 -7.02
CA MET F 1 -51.58 -0.49 -7.89
C MET F 1 -51.43 0.27 -9.21
N SER F 2 -52.54 0.78 -9.74
CA SER F 2 -52.60 1.21 -11.14
C SER F 2 -51.56 2.27 -11.51
N LYS F 3 -51.04 3.01 -10.54
CA LYS F 3 -50.00 4.02 -10.79
C LYS F 3 -48.57 3.50 -10.68
N PHE F 4 -48.36 2.21 -10.37
CA PHE F 4 -47.00 1.68 -10.23
C PHE F 4 -46.13 1.86 -11.48
N TYR F 5 -46.74 2.02 -12.66
CA TYR F 5 -45.96 2.30 -13.87
C TYR F 5 -45.11 3.56 -13.79
N LYS F 6 -45.46 4.52 -12.93
CA LYS F 6 -44.65 5.73 -12.77
C LYS F 6 -43.27 5.48 -12.22
N ILE F 7 -42.97 4.29 -11.71
CA ILE F 7 -41.62 3.94 -11.28
C ILE F 7 -40.59 4.13 -12.40
N TRP F 8 -40.98 3.90 -13.65
CA TRP F 8 -40.07 4.09 -14.78
C TRP F 8 -39.78 5.54 -15.10
N MET F 9 -40.48 6.48 -14.46
CA MET F 9 -40.13 7.89 -14.53
C MET F 9 -39.11 8.27 -13.47
N ILE F 10 -38.94 7.42 -12.45
CA ILE F 10 -37.97 7.61 -11.38
C ILE F 10 -36.71 6.78 -11.62
N PHE F 11 -36.85 5.51 -11.97
CA PHE F 11 -35.75 4.57 -12.17
C PHE F 11 -35.49 4.29 -13.64
N ASP F 12 -34.24 4.42 -14.06
CA ASP F 12 -33.82 4.17 -15.44
C ASP F 12 -33.97 2.69 -15.76
N PRO F 13 -34.76 2.31 -16.77
CA PRO F 13 -35.01 0.88 -17.02
C PRO F 13 -33.77 0.07 -17.37
N ARG F 14 -32.75 0.68 -17.99
CA ARG F 14 -31.52 -0.05 -18.26
C ARG F 14 -30.86 -0.53 -16.98
N ARG F 15 -30.70 0.38 -16.03
CA ARG F 15 -30.10 0.06 -14.73
C ARG F 15 -30.95 -0.95 -13.96
N VAL F 16 -32.27 -0.77 -13.96
CA VAL F 16 -33.18 -1.69 -13.28
C VAL F 16 -33.07 -3.11 -13.84
N PHE F 17 -33.16 -3.25 -15.16
CA PHE F 17 -33.17 -4.59 -15.76
C PHE F 17 -31.85 -5.32 -15.57
N VAL F 18 -30.73 -4.61 -15.68
CA VAL F 18 -29.42 -5.21 -15.39
C VAL F 18 -29.36 -5.66 -13.93
N ALA F 19 -29.69 -4.76 -13.00
CA ALA F 19 -29.69 -5.09 -11.58
C ALA F 19 -30.64 -6.24 -11.28
N GLN F 20 -31.81 -6.25 -11.92
CA GLN F 20 -32.75 -7.36 -11.75
C GLN F 20 -32.19 -8.68 -12.28
N GLY F 21 -31.58 -8.64 -13.47
CA GLY F 21 -31.01 -9.86 -14.04
C GLY F 21 -29.94 -10.48 -13.16
N VAL F 22 -28.96 -9.66 -12.74
CA VAL F 22 -27.92 -10.11 -11.82
C VAL F 22 -28.53 -10.64 -10.53
N PHE F 23 -29.48 -9.89 -9.96
CA PHE F 23 -30.16 -10.32 -8.74
C PHE F 23 -30.81 -11.69 -8.88
N LEU F 24 -31.66 -11.87 -9.89
CA LEU F 24 -32.42 -13.11 -10.01
C LEU F 24 -31.53 -14.31 -10.30
N PHE F 25 -30.50 -14.16 -11.13
CA PHE F 25 -29.59 -15.27 -11.39
C PHE F 25 -28.84 -15.72 -10.14
N LEU F 26 -28.25 -14.77 -9.40
CA LEU F 26 -27.52 -15.13 -8.19
C LEU F 26 -28.43 -15.73 -7.13
N LEU F 27 -29.64 -15.19 -6.97
CA LEU F 27 -30.62 -15.79 -6.06
C LEU F 27 -30.96 -17.23 -6.45
N ALA F 28 -31.21 -17.46 -7.74
CA ALA F 28 -31.51 -18.80 -8.23
C ALA F 28 -30.35 -19.77 -7.99
N VAL F 29 -29.13 -19.38 -8.35
CA VAL F 29 -27.95 -20.21 -8.10
C VAL F 29 -27.80 -20.54 -6.63
N MET F 30 -27.91 -19.53 -5.76
CA MET F 30 -27.82 -19.75 -4.32
C MET F 30 -28.82 -20.81 -3.84
N ILE F 31 -30.08 -20.72 -4.25
CA ILE F 31 -31.06 -21.69 -3.78
C ILE F 31 -30.77 -23.10 -4.29
N HIS F 32 -30.39 -23.25 -5.57
CA HIS F 32 -30.03 -24.58 -6.07
C HIS F 32 -28.83 -25.16 -5.32
N LEU F 33 -27.81 -24.34 -5.04
CA LEU F 33 -26.66 -24.82 -4.27
C LEU F 33 -27.01 -25.21 -2.84
N ILE F 34 -27.94 -24.49 -2.20
CA ILE F 34 -28.43 -24.88 -0.88
C ILE F 34 -29.09 -26.26 -0.93
N LEU F 35 -29.90 -26.50 -1.94
CA LEU F 35 -30.59 -27.79 -2.06
C LEU F 35 -29.63 -28.93 -2.40
N LEU F 36 -28.67 -28.69 -3.30
CA LEU F 36 -27.61 -29.67 -3.53
C LEU F 36 -26.78 -29.94 -2.27
N SER F 37 -26.53 -28.91 -1.46
CA SER F 37 -25.83 -29.11 -0.20
C SER F 37 -26.68 -29.81 0.85
N THR F 38 -27.98 -29.94 0.64
CA THR F 38 -28.87 -30.55 1.62
C THR F 38 -29.16 -31.99 1.23
N PRO F 39 -28.71 -32.98 2.01
CA PRO F 39 -28.79 -34.37 1.53
C PRO F 39 -30.20 -34.84 1.22
N SER F 40 -31.20 -34.35 1.95
CA SER F 40 -32.60 -34.69 1.68
C SER F 40 -33.16 -34.04 0.42
N TYR F 41 -32.45 -33.11 -0.21
CA TYR F 41 -32.94 -32.45 -1.42
C TYR F 41 -31.95 -32.46 -2.58
N ASN F 42 -30.82 -33.15 -2.46
CA ASN F 42 -29.93 -33.33 -3.61
C ASN F 42 -30.55 -34.34 -4.57
N TRP F 43 -31.15 -33.83 -5.65
CA TRP F 43 -31.88 -34.66 -6.59
C TRP F 43 -30.99 -35.69 -7.29
N LEU F 44 -29.69 -35.39 -7.45
CA LEU F 44 -28.78 -36.38 -8.02
C LEU F 44 -28.51 -37.55 -7.07
N GLU F 45 -28.30 -37.28 -5.78
CA GLU F 45 -28.14 -38.35 -4.80
C GLU F 45 -29.43 -39.12 -4.56
N ILE F 46 -30.56 -38.43 -4.56
CA ILE F 46 -31.86 -39.09 -4.39
C ILE F 46 -32.10 -40.10 -5.51
N SER F 47 -31.90 -39.70 -6.76
CA SER F 47 -32.09 -40.62 -7.88
C SER F 47 -31.04 -41.73 -7.89
N ALA F 48 -29.81 -41.43 -7.49
CA ALA F 48 -28.79 -42.47 -7.35
C ALA F 48 -29.22 -43.56 -6.35
N ALA F 49 -29.76 -43.14 -5.20
CA ALA F 49 -30.26 -44.09 -4.22
C ALA F 49 -31.50 -44.84 -4.74
N LYS F 50 -32.42 -44.12 -5.38
CA LYS F 50 -33.63 -44.74 -5.93
C LYS F 50 -33.32 -45.84 -6.93
N TYR F 51 -32.37 -45.62 -7.84
CA TYR F 51 -32.07 -46.55 -8.91
C TYR F 51 -30.85 -47.44 -8.63
N ASN F 52 -30.31 -47.43 -7.40
CA ASN F 52 -29.17 -48.27 -7.00
C ASN F 52 -27.94 -48.09 -7.88
N ARG F 53 -27.64 -46.85 -8.27
CA ARG F 53 -26.63 -46.57 -9.27
C ARG F 53 -25.19 -46.64 -8.77
N VAL F 54 -24.95 -46.81 -7.47
CA VAL F 54 -23.58 -46.91 -6.94
C VAL F 54 -23.44 -48.17 -6.09
N ALA F 55 -22.26 -48.81 -6.20
CA ALA F 55 -21.86 -49.97 -5.41
C ALA F 55 -22.85 -51.13 -5.46
N MET G 1 -51.09 11.55 11.06
CA MET G 1 -50.42 10.90 9.94
C MET G 1 -50.64 11.62 8.61
N SER G 2 -51.76 12.34 8.49
CA SER G 2 -52.24 12.84 7.20
C SER G 2 -51.22 13.65 6.40
N LYS G 3 -50.22 14.26 7.04
CA LYS G 3 -49.23 15.07 6.33
C LYS G 3 -47.88 14.39 6.10
N PHE G 4 -47.75 13.09 6.42
CA PHE G 4 -46.49 12.38 6.18
C PHE G 4 -46.03 12.42 4.73
N TYR G 5 -46.93 12.65 3.77
CA TYR G 5 -46.53 12.86 2.38
C TYR G 5 -45.50 13.96 2.17
N LYS G 6 -45.38 14.91 3.09
CA LYS G 6 -44.34 15.93 2.98
C LYS G 6 -42.91 15.40 3.08
N ILE G 7 -42.72 14.14 3.47
CA ILE G 7 -41.38 13.54 3.46
C ILE G 7 -40.76 13.60 2.05
N TRP G 8 -41.58 13.56 1.00
CA TRP G 8 -41.09 13.65 -0.36
C TRP G 8 -40.79 15.07 -0.81
N MET G 9 -41.15 16.08 -0.01
CA MET G 9 -40.63 17.42 -0.19
C MET G 9 -39.19 17.52 0.28
N ILE G 10 -38.82 16.64 1.22
CA ILE G 10 -37.53 16.69 1.89
C ILE G 10 -36.52 15.74 1.25
N PHE G 11 -36.89 14.47 1.05
CA PHE G 11 -35.99 13.45 0.53
C PHE G 11 -36.35 13.07 -0.91
N ASP G 12 -35.33 12.99 -1.75
CA ASP G 12 -35.43 12.47 -3.12
C ASP G 12 -35.97 11.05 -3.10
N PRO G 13 -37.12 10.78 -3.73
CA PRO G 13 -37.62 9.39 -3.81
C PRO G 13 -36.68 8.39 -4.47
N ARG G 14 -35.81 8.82 -5.39
CA ARG G 14 -34.90 7.87 -6.03
C ARG G 14 -33.93 7.28 -5.01
N ARG G 15 -33.26 8.15 -4.25
CA ARG G 15 -32.34 7.71 -3.20
C ARG G 15 -33.07 6.95 -2.08
N VAL G 16 -34.26 7.41 -1.70
CA VAL G 16 -35.06 6.70 -0.70
C VAL G 16 -35.44 5.29 -1.18
N PHE G 17 -35.95 5.18 -2.41
CA PHE G 17 -36.36 3.87 -2.90
C PHE G 17 -35.19 2.89 -2.99
N VAL G 18 -34.03 3.35 -3.47
CA VAL G 18 -32.85 2.50 -3.52
C VAL G 18 -32.41 2.08 -2.12
N ALA G 19 -32.26 3.05 -1.21
CA ALA G 19 -31.85 2.73 0.16
C ALA G 19 -32.81 1.76 0.82
N GLN G 20 -34.12 1.99 0.64
CA GLN G 20 -35.13 1.09 1.18
C GLN G 20 -35.02 -0.31 0.57
N GLY G 21 -34.79 -0.40 -0.74
CA GLY G 21 -34.70 -1.70 -1.39
C GLY G 21 -33.53 -2.53 -0.90
N VAL G 22 -32.35 -1.92 -0.87
CA VAL G 22 -31.16 -2.58 -0.32
C VAL G 22 -31.40 -3.01 1.13
N PHE G 23 -31.92 -2.11 1.95
CA PHE G 23 -32.19 -2.40 3.35
C PHE G 23 -33.12 -3.60 3.52
N LEU G 24 -34.29 -3.57 2.86
CA LEU G 24 -35.25 -4.66 3.01
C LEU G 24 -34.71 -6.00 2.55
N PHE G 25 -33.96 -6.03 1.45
CA PHE G 25 -33.36 -7.29 1.00
C PHE G 25 -32.34 -7.83 2.00
N LEU G 26 -31.40 -6.99 2.42
CA LEU G 26 -30.39 -7.42 3.40
C LEU G 26 -31.02 -7.90 4.70
N LEU G 27 -32.07 -7.21 5.16
CA LEU G 27 -32.80 -7.67 6.34
C LEU G 27 -33.46 -9.03 6.11
N ALA G 28 -34.17 -9.19 4.99
CA ALA G 28 -34.81 -10.46 4.68
C ALA G 28 -33.82 -11.62 4.60
N VAL G 29 -32.71 -11.41 3.90
CA VAL G 29 -31.67 -12.44 3.79
C VAL G 29 -31.11 -12.80 5.16
N MET G 30 -30.81 -11.78 5.98
CA MET G 30 -30.32 -12.04 7.33
C MET G 30 -31.28 -12.90 8.16
N ILE G 31 -32.58 -12.58 8.15
CA ILE G 31 -33.52 -13.33 8.97
C ILE G 31 -33.66 -14.77 8.49
N HIS G 32 -33.74 -15.00 7.17
CA HIS G 32 -33.77 -16.37 6.67
C HIS G 32 -32.49 -17.15 7.03
N LEU G 33 -31.32 -16.52 6.92
CA LEU G 33 -30.08 -17.19 7.27
C LEU G 33 -29.96 -17.49 8.76
N ILE G 34 -30.45 -16.59 9.62
CA ILE G 34 -30.54 -16.89 11.04
C ILE G 34 -31.42 -18.12 11.29
N LEU G 35 -32.55 -18.21 10.60
CA LEU G 35 -33.46 -19.35 10.79
C LEU G 35 -32.89 -20.65 10.21
N LEU G 36 -32.19 -20.59 9.07
CA LEU G 36 -31.47 -21.77 8.60
C LEU G 36 -30.37 -22.20 9.55
N SER G 37 -29.72 -21.25 10.22
CA SER G 37 -28.69 -21.62 11.19
C SER G 37 -29.29 -22.19 12.47
N THR G 38 -30.51 -21.78 12.79
CA THR G 38 -31.20 -22.26 13.97
C THR G 38 -31.75 -23.66 13.75
N PRO G 39 -31.28 -24.67 14.49
CA PRO G 39 -31.75 -26.05 14.24
C PRO G 39 -33.25 -26.23 14.34
N SER G 40 -33.90 -25.55 15.29
CA SER G 40 -35.34 -25.66 15.46
C SER G 40 -36.15 -25.05 14.33
N TYR G 41 -35.54 -24.23 13.47
CA TYR G 41 -36.27 -23.53 12.42
C TYR G 41 -35.74 -23.74 11.01
N ASN G 42 -34.72 -24.56 10.81
CA ASN G 42 -34.29 -24.94 9.47
C ASN G 42 -35.36 -25.83 8.84
N TRP G 43 -36.18 -25.24 7.96
CA TRP G 43 -37.34 -25.93 7.40
C TRP G 43 -36.97 -27.12 6.53
N LEU G 44 -35.80 -27.07 5.88
CA LEU G 44 -35.33 -28.23 5.12
C LEU G 44 -35.04 -29.42 6.04
N GLU G 45 -34.34 -29.17 7.14
CA GLU G 45 -34.03 -30.22 8.11
C GLU G 45 -35.28 -30.72 8.85
N ILE G 46 -36.20 -29.81 9.17
CA ILE G 46 -37.48 -30.20 9.74
C ILE G 46 -38.24 -31.13 8.79
N SER G 47 -38.24 -30.81 7.51
CA SER G 47 -38.91 -31.65 6.51
C SER G 47 -38.29 -33.04 6.45
N ALA G 48 -36.96 -33.13 6.48
CA ALA G 48 -36.27 -34.41 6.47
C ALA G 48 -36.68 -35.27 7.67
N ALA G 49 -36.68 -34.70 8.87
CA ALA G 49 -37.09 -35.44 10.06
C ALA G 49 -38.56 -35.85 10.00
N LYS G 50 -39.43 -34.98 9.48
CA LYS G 50 -40.86 -35.30 9.39
C LYS G 50 -41.11 -36.50 8.48
N TYR G 51 -40.55 -36.49 7.28
CA TYR G 51 -40.86 -37.48 6.25
C TYR G 51 -39.89 -38.67 6.22
N ASN G 52 -39.05 -38.83 7.25
CA ASN G 52 -38.08 -39.92 7.36
C ASN G 52 -37.06 -39.97 6.20
N ARG G 53 -36.80 -38.83 5.57
CA ARG G 53 -35.92 -38.79 4.41
C ARG G 53 -34.45 -39.00 4.78
N VAL G 54 -34.12 -38.97 6.07
CA VAL G 54 -32.74 -38.94 6.55
C VAL G 54 -31.97 -40.23 6.33
N ALA G 55 -32.62 -41.29 5.85
CA ALA G 55 -31.91 -42.52 5.53
C ALA G 55 -32.50 -43.23 4.32
N MET H 1 -41.96 23.06 26.97
CA MET H 1 -42.09 22.25 25.75
C MET H 1 -42.35 23.09 24.51
N SER H 2 -43.33 24.00 24.59
CA SER H 2 -44.03 24.51 23.40
C SER H 2 -43.10 25.14 22.37
N LYS H 3 -41.92 25.62 22.75
CA LYS H 3 -40.97 26.23 21.81
C LYS H 3 -39.98 25.25 21.18
N PHE H 4 -40.05 23.95 21.50
CA PHE H 4 -39.13 22.98 20.92
C PHE H 4 -39.11 22.98 19.39
N TYR H 5 -40.20 23.38 18.74
CA TYR H 5 -40.23 23.44 17.28
C TYR H 5 -39.14 24.30 16.66
N LYS H 6 -38.61 25.27 17.39
CA LYS H 6 -37.57 26.16 16.86
C LYS H 6 -36.27 25.41 16.55
N ILE H 7 -36.11 24.17 17.01
CA ILE H 7 -34.99 23.32 16.60
C ILE H 7 -34.87 23.19 15.08
N TRP H 8 -35.98 23.27 14.35
CA TRP H 8 -35.95 23.17 12.89
C TRP H 8 -35.49 24.43 12.19
N MET H 9 -35.40 25.56 12.89
CA MET H 9 -34.65 26.70 12.39
C MET H 9 -33.16 26.57 12.66
N ILE H 10 -32.76 25.68 13.56
CA ILE H 10 -31.35 25.43 13.85
C ILE H 10 -30.79 24.32 12.97
N PHE H 11 -31.50 23.19 12.84
CA PHE H 11 -30.99 22.02 12.13
C PHE H 11 -31.83 21.69 10.89
N ASP H 12 -31.13 21.40 9.80
CA ASP H 12 -31.73 20.98 8.54
C ASP H 12 -32.44 19.63 8.71
N PRO H 13 -33.74 19.54 8.44
CA PRO H 13 -34.47 18.28 8.65
C PRO H 13 -33.96 17.11 7.80
N ARG H 14 -33.35 17.38 6.65
CA ARG H 14 -32.73 16.30 5.88
C ARG H 14 -31.65 15.59 6.69
N ARG H 15 -30.75 16.37 7.29
CA ARG H 15 -29.66 15.84 8.09
C ARG H 15 -30.18 15.12 9.33
N VAL H 16 -31.14 15.73 10.03
CA VAL H 16 -31.69 15.16 11.26
C VAL H 16 -32.39 13.83 10.99
N PHE H 17 -33.21 13.76 9.94
CA PHE H 17 -33.93 12.53 9.66
C PHE H 17 -33.00 11.39 9.24
N VAL H 18 -31.94 11.68 8.49
CA VAL H 18 -30.93 10.66 8.20
C VAL H 18 -30.26 10.18 9.47
N ALA H 19 -29.77 11.11 10.30
CA ALA H 19 -29.06 10.75 11.52
C ALA H 19 -29.95 9.95 12.47
N GLN H 20 -31.19 10.40 12.66
CA GLN H 20 -32.14 9.68 13.48
C GLN H 20 -32.44 8.28 12.94
N GLY H 21 -32.63 8.16 11.62
CA GLY H 21 -32.91 6.85 11.04
C GLY H 21 -31.80 5.84 11.25
N VAL H 22 -30.56 6.26 10.98
CA VAL H 22 -29.40 5.41 11.24
C VAL H 22 -29.32 5.05 12.72
N PHE H 23 -29.41 6.06 13.59
CA PHE H 23 -29.32 5.84 15.03
C PHE H 23 -30.35 4.83 15.54
N LEU H 24 -31.62 5.02 15.17
CA LEU H 24 -32.67 4.13 15.67
C LEU H 24 -32.50 2.69 15.17
N PHE H 25 -32.12 2.51 13.91
CA PHE H 25 -31.91 1.15 13.40
C PHE H 25 -30.75 0.45 14.12
N LEU H 26 -29.61 1.13 14.22
CA LEU H 26 -28.47 0.54 14.92
C LEU H 26 -28.77 0.23 16.38
N LEU H 27 -29.49 1.12 17.06
CA LEU H 27 -29.91 0.85 18.44
C LEU H 27 -30.81 -0.39 18.52
N ALA H 28 -31.82 -0.48 17.64
CA ALA H 28 -32.71 -1.62 17.64
C ALA H 28 -31.97 -2.93 17.38
N VAL H 29 -31.10 -2.95 16.37
CA VAL H 29 -30.26 -4.11 16.09
C VAL H 29 -29.40 -4.47 17.31
N MET H 30 -28.77 -3.46 17.90
CA MET H 30 -27.96 -3.66 19.10
C MET H 30 -28.72 -4.35 20.22
N ILE H 31 -29.93 -3.87 20.52
CA ILE H 31 -30.72 -4.47 21.60
C ILE H 31 -31.18 -5.88 21.25
N HIS H 32 -31.61 -6.12 20.00
CA HIS H 32 -31.97 -7.48 19.60
C HIS H 32 -30.77 -8.43 19.65
N LEU H 33 -29.59 -7.98 19.21
CA LEU H 33 -28.38 -8.78 19.34
C LEU H 33 -28.05 -9.12 20.80
N ILE H 34 -28.11 -8.13 21.69
CA ILE H 34 -27.90 -8.39 23.12
C ILE H 34 -28.84 -9.48 23.62
N LEU H 35 -30.12 -9.40 23.24
CA LEU H 35 -31.09 -10.38 23.73
C LEU H 35 -30.88 -11.76 23.10
N LEU H 36 -30.56 -11.83 21.81
CA LEU H 36 -30.21 -13.11 21.21
C LEU H 36 -28.94 -13.71 21.84
N SER H 37 -27.98 -12.87 22.19
CA SER H 37 -26.76 -13.34 22.84
C SER H 37 -26.99 -13.75 24.30
N THR H 38 -28.15 -13.43 24.86
CA THR H 38 -28.45 -13.73 26.25
C THR H 38 -29.33 -14.97 26.32
N PRO H 39 -28.85 -16.06 26.92
CA PRO H 39 -29.60 -17.32 26.86
C PRO H 39 -31.01 -17.25 27.44
N SER H 40 -31.21 -16.46 28.49
CA SER H 40 -32.54 -16.33 29.10
C SER H 40 -33.55 -15.60 28.23
N TYR H 41 -33.11 -14.92 27.16
CA TYR H 41 -34.02 -14.16 26.31
C TYR H 41 -33.93 -14.48 24.83
N ASN H 42 -33.13 -15.46 24.42
CA ASN H 42 -33.12 -15.92 23.04
C ASN H 42 -34.43 -16.61 22.73
N TRP H 43 -35.34 -15.91 22.05
CA TRP H 43 -36.70 -16.38 21.84
C TRP H 43 -36.77 -17.63 20.98
N LEU H 44 -35.80 -17.82 20.07
CA LEU H 44 -35.76 -19.05 19.28
C LEU H 44 -35.39 -20.26 20.14
N GLU H 45 -34.39 -20.11 21.00
CA GLU H 45 -34.04 -21.17 21.95
C GLU H 45 -35.15 -21.45 22.97
N ILE H 46 -35.79 -20.38 23.48
CA ILE H 46 -36.91 -20.55 24.40
C ILE H 46 -38.03 -21.35 23.74
N SER H 47 -38.40 -20.99 22.52
CA SER H 47 -39.42 -21.74 21.78
C SER H 47 -39.01 -23.19 21.56
N ALA H 48 -37.75 -23.43 21.17
CA ALA H 48 -37.28 -24.81 20.99
C ALA H 48 -37.38 -25.64 22.26
N ALA H 49 -37.01 -25.06 23.40
CA ALA H 49 -37.16 -25.74 24.68
C ALA H 49 -38.63 -25.98 25.05
N LYS H 50 -39.48 -24.97 24.85
CA LYS H 50 -40.89 -25.09 25.20
C LYS H 50 -41.58 -26.23 24.46
N TYR H 51 -41.32 -26.37 23.16
CA TYR H 51 -42.02 -27.32 22.31
C TYR H 51 -41.26 -28.63 22.09
N ASN H 52 -40.15 -28.85 22.79
CA ASN H 52 -39.29 -30.03 22.65
C ASN H 52 -38.85 -30.28 21.21
N ARG H 53 -38.44 -29.21 20.51
CA ARG H 53 -38.16 -29.28 19.08
C ARG H 53 -36.77 -29.80 18.73
N VAL H 54 -35.84 -29.87 19.68
CA VAL H 54 -34.43 -30.11 19.37
C VAL H 54 -33.83 -31.16 20.31
N ALA H 55 -32.69 -31.70 19.87
CA ALA H 55 -31.98 -32.80 20.53
C ALA H 55 -32.87 -34.02 20.76
N MET I 1 -25.72 32.75 38.23
CA MET I 1 -26.46 31.78 37.42
C MET I 1 -27.24 32.46 36.30
N SER I 2 -28.03 33.49 36.65
CA SER I 2 -29.03 34.05 35.76
C SER I 2 -28.49 34.49 34.39
N LYS I 3 -27.20 34.78 34.28
CA LYS I 3 -26.62 35.25 33.02
C LYS I 3 -26.01 34.15 32.14
N PHE I 4 -26.13 32.87 32.52
CA PHE I 4 -25.59 31.78 31.70
C PHE I 4 -26.11 31.78 30.27
N TYR I 5 -27.26 32.39 30.00
CA TYR I 5 -27.80 32.48 28.64
C TYR I 5 -26.86 33.11 27.62
N LYS I 6 -25.88 33.90 28.03
CA LYS I 6 -24.94 34.48 27.08
C LYS I 6 -23.95 33.48 26.47
N ILE I 7 -23.96 32.23 26.92
CA ILE I 7 -23.18 31.18 26.25
C ILE I 7 -23.47 31.10 24.76
N TRP I 8 -24.74 31.30 24.38
CA TRP I 8 -25.17 31.24 22.98
C TRP I 8 -24.68 32.42 22.13
N MET I 9 -24.13 33.45 22.76
CA MET I 9 -23.52 34.55 22.01
C MET I 9 -22.09 34.27 21.59
N ILE I 10 -21.45 33.24 22.15
CA ILE I 10 -20.08 32.88 21.80
C ILE I 10 -19.97 31.50 21.15
N PHE I 11 -20.83 30.56 21.54
CA PHE I 11 -20.87 29.26 20.88
C PHE I 11 -22.09 29.13 19.97
N ASP I 12 -21.83 28.68 18.74
CA ASP I 12 -22.85 28.30 17.77
C ASP I 12 -23.73 27.18 18.32
N PRO I 13 -25.04 27.39 18.47
CA PRO I 13 -25.89 26.37 19.11
C PRO I 13 -25.92 25.05 18.36
N ARG I 14 -25.70 25.05 17.05
CA ARG I 14 -25.62 23.79 16.29
C ARG I 14 -24.50 22.90 16.81
N ARG I 15 -23.32 23.47 17.02
CA ARG I 15 -22.19 22.70 17.51
C ARG I 15 -22.42 22.19 18.92
N VAL I 16 -22.95 23.03 19.80
CA VAL I 16 -23.15 22.67 21.21
C VAL I 16 -24.12 21.49 21.34
N PHE I 17 -25.28 21.57 20.69
CA PHE I 17 -26.24 20.47 20.77
C PHE I 17 -25.72 19.19 20.16
N VAL I 18 -24.95 19.27 19.07
CA VAL I 18 -24.28 18.08 18.54
C VAL I 18 -23.32 17.50 19.57
N ALA I 19 -22.36 18.32 20.03
CA ALA I 19 -21.36 17.85 20.98
C ALA I 19 -21.99 17.30 22.25
N GLN I 20 -23.07 17.94 22.71
CA GLN I 20 -23.80 17.45 23.88
C GLN I 20 -24.54 16.14 23.61
N GLY I 21 -25.22 16.03 22.47
CA GLY I 21 -25.89 14.78 22.13
C GLY I 21 -24.93 13.62 21.98
N VAL I 22 -23.80 13.86 21.31
CA VAL I 22 -22.73 12.87 21.22
C VAL I 22 -22.27 12.43 22.60
N PHE I 23 -21.93 13.40 23.46
CA PHE I 23 -21.49 13.11 24.81
C PHE I 23 -22.50 12.27 25.58
N LEU I 24 -23.78 12.68 25.58
CA LEU I 24 -24.78 11.97 26.38
C LEU I 24 -25.02 10.54 25.90
N PHE I 25 -25.05 10.33 24.58
CA PHE I 25 -25.21 8.98 24.05
C PHE I 25 -24.05 8.07 24.47
N LEU I 26 -22.82 8.51 24.25
CA LEU I 26 -21.65 7.69 24.58
C LEU I 26 -21.56 7.40 26.07
N LEU I 27 -21.82 8.39 26.91
CA LEU I 27 -21.85 8.18 28.35
C LEU I 27 -22.92 7.17 28.76
N ALA I 28 -24.14 7.31 28.23
CA ALA I 28 -25.22 6.40 28.57
C ALA I 28 -24.92 4.96 28.20
N VAL I 29 -24.40 4.73 26.99
CA VAL I 29 -24.03 3.37 26.60
C VAL I 29 -22.92 2.82 27.50
N MET I 30 -21.89 3.62 27.75
CA MET I 30 -20.79 3.21 28.62
C MET I 30 -21.28 2.75 29.99
N ILE I 31 -22.17 3.51 30.64
CA ILE I 31 -22.69 3.12 31.95
C ILE I 31 -23.52 1.84 31.88
N HIS I 32 -24.39 1.71 30.88
CA HIS I 32 -25.16 0.47 30.74
C HIS I 32 -24.27 -0.75 30.51
N LEU I 33 -23.21 -0.60 29.70
CA LEU I 33 -22.24 -1.68 29.52
C LEU I 33 -21.46 -2.01 30.79
N ILE I 34 -21.12 -1.01 31.61
CA ILE I 34 -20.52 -1.28 32.91
C ILE I 34 -21.45 -2.09 33.80
N LEU I 35 -22.72 -1.70 33.87
CA LEU I 35 -23.68 -2.46 34.67
C LEU I 35 -23.90 -3.87 34.13
N LEU I 36 -23.95 -4.03 32.81
CA LEU I 36 -24.06 -5.38 32.24
C LEU I 36 -22.85 -6.25 32.56
N SER I 37 -21.65 -5.65 32.54
CA SER I 37 -20.45 -6.36 32.97
C SER I 37 -20.44 -6.67 34.46
N THR I 38 -21.30 -6.03 35.24
CA THR I 38 -21.29 -6.17 36.69
C THR I 38 -22.32 -7.22 37.09
N PRO I 39 -21.89 -8.38 37.60
CA PRO I 39 -22.85 -9.47 37.85
C PRO I 39 -23.99 -9.10 38.78
N SER I 40 -23.71 -8.30 39.81
CA SER I 40 -24.73 -7.83 40.74
C SER I 40 -25.74 -6.86 40.12
N TYR I 41 -25.48 -6.35 38.92
CA TYR I 41 -26.38 -5.40 38.28
C TYR I 41 -26.81 -5.74 36.86
N ASN I 42 -26.37 -6.87 36.31
CA ASN I 42 -26.88 -7.32 35.01
C ASN I 42 -28.33 -7.78 35.17
N TRP I 43 -29.26 -6.89 34.82
CA TRP I 43 -30.69 -7.14 35.04
C TRP I 43 -31.21 -8.34 34.27
N LEU I 44 -30.60 -8.67 33.13
CA LEU I 44 -31.00 -9.87 32.40
C LEU I 44 -30.59 -11.15 33.14
N GLU I 45 -29.38 -11.17 33.69
CA GLU I 45 -28.93 -12.30 34.50
C GLU I 45 -29.61 -12.35 35.86
N ILE I 46 -29.91 -11.20 36.45
CA ILE I 46 -30.69 -11.14 37.69
C ILE I 46 -32.06 -11.78 37.50
N SER I 47 -32.81 -11.32 36.49
CA SER I 47 -34.13 -11.89 36.22
C SER I 47 -34.07 -13.36 35.84
N ALA I 48 -33.01 -13.80 35.14
CA ALA I 48 -32.84 -15.22 34.88
C ALA I 48 -32.74 -16.03 36.18
N ALA I 49 -31.92 -15.58 37.12
CA ALA I 49 -31.79 -16.25 38.41
C ALA I 49 -33.06 -16.15 39.24
N LYS I 50 -33.71 -14.99 39.22
CA LYS I 50 -34.97 -14.79 39.93
C LYS I 50 -36.06 -15.75 39.47
N TYR I 51 -36.14 -16.00 38.16
CA TYR I 51 -37.25 -16.75 37.59
C TYR I 51 -36.86 -18.15 37.12
N ASN I 52 -35.66 -18.62 37.49
CA ASN I 52 -35.16 -19.96 37.15
C ASN I 52 -35.06 -20.19 35.64
N ARG I 53 -34.77 -19.12 34.88
CA ARG I 53 -34.60 -19.22 33.44
C ARG I 53 -33.19 -19.65 33.04
N VAL I 54 -32.22 -19.52 33.94
CA VAL I 54 -30.84 -19.92 33.68
C VAL I 54 -30.73 -21.45 33.80
N ALA I 55 -30.69 -22.11 32.65
CA ALA I 55 -30.76 -23.56 32.58
C ALA I 55 -30.09 -24.07 31.30
N MET J 1 -5.64 38.79 42.30
CA MET J 1 -6.74 37.97 41.80
C MET J 1 -7.66 38.73 40.85
N SER J 2 -8.28 39.82 41.35
CA SER J 2 -9.44 40.43 40.70
C SER J 2 -9.23 40.77 39.22
N LYS J 3 -7.98 41.00 38.80
CA LYS J 3 -7.68 41.23 37.38
C LYS J 3 -7.59 39.96 36.53
N PHE J 4 -7.80 38.76 37.09
CA PHE J 4 -7.71 37.53 36.31
C PHE J 4 -8.60 37.51 35.07
N TYR J 5 -9.69 38.30 35.04
CA TYR J 5 -10.57 38.35 33.87
C TYR J 5 -9.87 38.68 32.56
N LYS J 6 -8.71 39.33 32.59
CA LYS J 6 -7.95 39.61 31.37
C LYS J 6 -7.43 38.36 30.66
N ILE J 7 -7.54 37.18 31.26
CA ILE J 7 -7.22 35.94 30.55
C ILE J 7 -8.07 35.76 29.29
N TRP J 8 -9.32 36.23 29.31
CA TRP J 8 -10.16 36.17 28.11
C TRP J 8 -9.78 37.18 27.05
N MET J 9 -8.82 38.07 27.33
CA MET J 9 -8.24 38.93 26.31
C MET J 9 -7.04 38.28 25.64
N ILE J 10 -6.44 37.29 26.30
CA ILE J 10 -5.32 36.51 25.76
C ILE J 10 -5.79 35.23 25.08
N PHE J 11 -6.64 34.44 25.75
CA PHE J 11 -7.15 33.17 25.25
C PHE J 11 -8.59 33.29 24.78
N ASP J 12 -8.85 32.79 23.58
CA ASP J 12 -10.19 32.74 23.01
C ASP J 12 -11.07 31.82 23.87
N PRO J 13 -12.19 32.32 24.40
CA PRO J 13 -13.01 31.48 25.29
C PRO J 13 -13.51 30.20 24.66
N ARG J 14 -13.77 30.20 23.34
CA ARG J 14 -14.27 29.00 22.67
C ARG J 14 -13.25 27.86 22.73
N ARG J 15 -12.00 28.15 22.39
CA ARG J 15 -10.93 27.15 22.45
C ARG J 15 -10.68 26.67 23.88
N VAL J 16 -10.65 27.57 24.85
CA VAL J 16 -10.48 27.19 26.25
C VAL J 16 -11.59 26.28 26.73
N PHE J 17 -12.85 26.63 26.43
CA PHE J 17 -13.97 25.86 26.95
C PHE J 17 -14.06 24.47 26.35
N VAL J 18 -13.74 24.31 25.06
CA VAL J 18 -13.61 22.96 24.49
C VAL J 18 -12.48 22.18 25.17
N ALA J 19 -11.29 22.78 25.25
CA ALA J 19 -10.15 22.13 25.88
C ALA J 19 -10.44 21.75 27.32
N GLN J 20 -11.07 22.64 28.07
CA GLN J 20 -11.40 22.37 29.47
C GLN J 20 -12.48 21.29 29.63
N GLY J 21 -13.48 21.29 28.76
CA GLY J 21 -14.48 20.23 28.80
C GLY J 21 -13.90 18.85 28.58
N VAL J 22 -13.03 18.71 27.58
CA VAL J 22 -12.35 17.44 27.35
C VAL J 22 -11.47 17.07 28.53
N PHE J 23 -10.70 18.04 29.04
CA PHE J 23 -9.84 17.80 30.20
C PHE J 23 -10.61 17.29 31.40
N LEU J 24 -11.69 17.98 31.78
CA LEU J 24 -12.42 17.61 32.99
C LEU J 24 -13.13 16.27 32.86
N PHE J 25 -13.66 15.93 31.68
CA PHE J 25 -14.28 14.61 31.51
C PHE J 25 -13.25 13.49 31.62
N LEU J 26 -12.13 13.59 30.91
CA LEU J 26 -11.13 12.54 30.94
C LEU J 26 -10.51 12.38 32.33
N LEU J 27 -10.30 13.49 33.04
CA LEU J 27 -9.86 13.42 34.43
C LEU J 27 -10.88 12.70 35.31
N ALA J 28 -12.16 13.10 35.22
CA ALA J 28 -13.20 12.47 36.02
C ALA J 28 -13.35 10.99 35.70
N VAL J 29 -13.33 10.64 34.41
CA VAL J 29 -13.38 9.24 33.99
C VAL J 29 -12.21 8.46 34.59
N MET J 30 -10.99 8.98 34.46
CA MET J 30 -9.80 8.32 35.01
C MET J 30 -9.94 8.03 36.50
N ILE J 31 -10.41 9.01 37.28
CA ILE J 31 -10.51 8.81 38.73
C ILE J 31 -11.58 7.78 39.07
N HIS J 32 -12.75 7.82 38.41
CA HIS J 32 -13.75 6.78 38.63
C HIS J 32 -13.23 5.40 38.24
N LEU J 33 -12.51 5.29 37.12
CA LEU J 33 -11.91 4.01 36.71
C LEU J 33 -10.87 3.52 37.71
N ILE J 34 -10.02 4.42 38.21
CA ILE J 34 -9.06 4.06 39.26
C ILE J 34 -9.78 3.46 40.47
N LEU J 35 -10.86 4.10 40.92
CA LEU J 35 -11.59 3.60 42.09
C LEU J 35 -12.32 2.30 41.80
N LEU J 36 -12.90 2.15 40.60
CA LEU J 36 -13.44 0.86 40.20
C LEU J 36 -12.37 -0.24 40.16
N SER J 37 -11.16 0.10 39.73
CA SER J 37 -10.05 -0.86 39.75
C SER J 37 -9.54 -1.14 41.15
N THR J 38 -10.06 -0.48 42.18
CA THR J 38 -9.56 -0.59 43.54
C THR J 38 -10.54 -1.38 44.42
N PRO J 39 -10.16 -2.55 44.92
CA PRO J 39 -11.13 -3.41 45.62
C PRO J 39 -11.75 -2.78 46.86
N SER J 40 -11.03 -1.86 47.52
CA SER J 40 -11.55 -1.15 48.68
C SER J 40 -12.52 -0.03 48.35
N TYR J 41 -12.65 0.36 47.08
CA TYR J 41 -13.46 1.51 46.70
C TYR J 41 -14.41 1.27 45.53
N ASN J 42 -14.38 0.11 44.88
CA ASN J 42 -15.37 -0.24 43.87
C ASN J 42 -16.73 -0.37 44.53
N TRP J 43 -17.56 0.68 44.35
CA TRP J 43 -18.85 0.77 45.03
C TRP J 43 -19.82 -0.34 44.60
N LEU J 44 -19.69 -0.82 43.36
CA LEU J 44 -20.55 -1.89 42.88
C LEU J 44 -20.23 -3.21 43.58
N GLU J 45 -18.95 -3.54 43.72
CA GLU J 45 -18.56 -4.72 44.48
C GLU J 45 -18.83 -4.57 45.97
N ILE J 46 -18.62 -3.37 46.52
CA ILE J 46 -18.93 -3.11 47.93
C ILE J 46 -20.39 -3.40 48.24
N SER J 47 -21.30 -2.84 47.43
CA SER J 47 -22.72 -3.10 47.63
C SER J 47 -23.11 -4.55 47.35
N ALA J 48 -22.44 -5.21 46.39
CA ALA J 48 -22.71 -6.63 46.15
C ALA J 48 -22.40 -7.48 47.38
N ALA J 49 -21.23 -7.27 47.99
CA ALA J 49 -20.87 -7.97 49.21
C ALA J 49 -21.76 -7.57 50.38
N LYS J 50 -22.05 -6.28 50.53
CA LYS J 50 -22.92 -5.81 51.61
C LYS J 50 -24.29 -6.46 51.58
N TYR J 51 -24.93 -6.51 50.42
CA TYR J 51 -26.30 -7.02 50.31
C TYR J 51 -26.37 -8.50 49.94
N ASN J 52 -25.23 -9.20 49.90
CA ASN J 52 -25.16 -10.63 49.55
C ASN J 52 -25.75 -10.94 48.17
N ARG J 53 -25.48 -10.07 47.21
CA ARG J 53 -26.08 -10.19 45.88
C ARG J 53 -25.40 -11.23 44.99
N VAL J 54 -24.15 -11.61 45.30
CA VAL J 54 -23.37 -12.49 44.45
C VAL J 54 -22.77 -13.62 45.29
N ALA J 55 -22.82 -14.84 44.75
CA ALA J 55 -22.26 -16.04 45.38
C ALA J 55 -22.75 -16.26 46.81
N MET K 1 16.32 42.55 40.29
CA MET K 1 15.28 41.54 40.09
C MET K 1 14.09 42.09 39.29
N SER K 2 13.45 43.14 39.81
CA SER K 2 12.08 43.51 39.43
C SER K 2 11.89 43.92 37.97
N LYS K 3 12.89 43.74 37.12
CA LYS K 3 12.69 43.84 35.68
C LYS K 3 12.18 42.56 35.03
N PHE K 4 11.92 41.51 35.82
CA PHE K 4 11.46 40.23 35.29
C PHE K 4 10.24 40.32 34.36
N TYR K 5 9.38 41.32 34.56
CA TYR K 5 8.22 41.51 33.68
C TYR K 5 8.55 41.61 32.19
N LYS K 6 9.77 42.00 31.83
CA LYS K 6 10.15 42.09 30.43
C LYS K 6 10.18 40.74 29.70
N ILE K 7 10.08 39.62 30.41
CA ILE K 7 9.93 38.30 29.78
C ILE K 7 8.75 38.27 28.82
N TRP K 8 7.68 39.03 29.11
CA TRP K 8 6.50 39.11 28.25
C TRP K 8 6.70 39.98 27.01
N MET K 9 7.79 40.74 26.95
CA MET K 9 8.17 41.44 25.73
C MET K 9 8.87 40.51 24.75
N ILE K 10 9.30 39.33 25.21
CA ILE K 10 10.02 38.36 24.41
C ILE K 10 9.14 37.15 24.06
N PHE K 11 8.46 36.59 25.06
CA PHE K 11 7.60 35.43 24.87
C PHE K 11 6.15 35.84 24.69
N ASP K 12 5.50 35.27 23.67
CA ASP K 12 4.06 35.43 23.49
C ASP K 12 3.33 34.79 24.67
N PRO K 13 2.54 35.54 25.43
CA PRO K 13 1.93 34.99 26.65
C PRO K 13 0.99 33.82 26.38
N ARG K 14 0.41 33.73 25.19
CA ARG K 14 -0.42 32.58 24.83
C ARG K 14 0.40 31.29 24.80
N ARG K 15 1.55 31.32 24.13
CA ARG K 15 2.41 30.13 24.04
C ARG K 15 3.00 29.75 25.39
N VAL K 16 3.36 30.73 26.23
CA VAL K 16 3.80 30.44 27.59
C VAL K 16 2.69 29.78 28.40
N PHE K 17 1.49 30.36 28.39
CA PHE K 17 0.40 29.83 29.20
C PHE K 17 0.02 28.40 28.79
N VAL K 18 -0.04 28.13 27.48
CA VAL K 18 -0.32 26.76 27.03
C VAL K 18 0.80 25.81 27.46
N ALA K 19 2.05 26.17 27.17
CA ALA K 19 3.18 25.33 27.55
C ALA K 19 3.21 25.05 29.05
N GLN K 20 3.02 26.10 29.86
CA GLN K 20 3.04 25.95 31.32
C GLN K 20 1.89 25.06 31.82
N GLY K 21 0.68 25.27 31.32
CA GLY K 21 -0.45 24.47 31.78
C GLY K 21 -0.28 22.99 31.48
N VAL K 22 0.20 22.67 30.28
CA VAL K 22 0.51 21.28 29.93
C VAL K 22 1.60 20.72 30.84
N PHE K 23 2.71 21.47 30.99
CA PHE K 23 3.79 21.07 31.88
C PHE K 23 3.31 20.79 33.30
N LEU K 24 2.55 21.71 33.89
CA LEU K 24 2.15 21.55 35.29
C LEU K 24 1.19 20.38 35.52
N PHE K 25 0.27 20.12 34.60
CA PHE K 25 -0.59 18.94 34.75
C PHE K 25 0.17 17.64 34.59
N LEU K 26 1.01 17.53 33.56
CA LEU K 26 1.76 16.30 33.34
C LEU K 26 2.74 16.02 34.48
N LEU K 27 3.37 17.06 35.02
CA LEU K 27 4.21 16.91 36.21
C LEU K 27 3.41 16.43 37.42
N ALA K 28 2.28 17.08 37.70
CA ALA K 28 1.42 16.67 38.81
C ALA K 28 0.95 15.23 38.68
N VAL K 29 0.46 14.86 37.49
CA VAL K 29 0.05 13.48 37.23
C VAL K 29 1.20 12.51 37.45
N MET K 30 2.37 12.82 36.88
CA MET K 30 3.56 12.01 37.07
C MET K 30 3.87 11.76 38.55
N ILE K 31 3.80 12.81 39.38
CA ILE K 31 4.09 12.65 40.81
C ILE K 31 3.01 11.82 41.51
N HIS K 32 1.72 12.10 41.26
CA HIS K 32 0.67 11.29 41.86
C HIS K 32 0.79 9.82 41.45
N LEU K 33 1.16 9.55 40.20
CA LEU K 33 1.36 8.16 39.75
C LEU K 33 2.53 7.48 40.44
N ILE K 34 3.67 8.16 40.56
CA ILE K 34 4.79 7.65 41.35
C ILE K 34 4.34 7.26 42.76
N LEU K 35 3.49 8.07 43.39
CA LEU K 35 3.05 7.77 44.76
C LEU K 35 2.01 6.67 44.81
N LEU K 36 1.08 6.60 43.84
CA LEU K 36 0.18 5.47 43.74
C LEU K 36 0.92 4.15 43.52
N SER K 37 2.01 4.19 42.75
CA SER K 37 2.81 2.99 42.52
C SER K 37 3.80 2.70 43.64
N THR K 38 3.89 3.55 44.66
CA THR K 38 4.79 3.34 45.78
C THR K 38 4.01 2.77 46.96
N PRO K 39 4.25 1.52 47.38
CA PRO K 39 3.37 0.88 48.37
C PRO K 39 3.30 1.61 49.71
N SER K 40 4.35 2.32 50.09
CA SER K 40 4.34 3.13 51.31
C SER K 40 3.51 4.41 51.20
N TYR K 41 3.10 4.81 49.99
CA TYR K 41 2.39 6.07 49.80
C TYR K 41 1.10 5.96 48.98
N ASN K 42 0.71 4.76 48.55
CA ASN K 42 -0.59 4.56 47.90
C ASN K 42 -1.70 4.76 48.94
N TRP K 43 -2.28 5.96 48.94
CA TRP K 43 -3.26 6.35 49.96
C TRP K 43 -4.51 5.48 49.95
N LEU K 44 -4.91 4.97 48.79
CA LEU K 44 -6.04 4.07 48.71
C LEU K 44 -5.78 2.74 49.43
N GLU K 45 -4.59 2.18 49.25
CA GLU K 45 -4.22 0.95 49.96
C GLU K 45 -3.89 1.19 51.42
N ILE K 46 -3.28 2.34 51.74
CA ILE K 46 -3.03 2.71 53.13
C ILE K 46 -4.32 2.77 53.93
N SER K 47 -5.34 3.46 53.40
CA SER K 47 -6.63 3.51 54.08
C SER K 47 -7.32 2.15 54.13
N ALA K 48 -7.16 1.33 53.08
CA ALA K 48 -7.71 -0.02 53.09
C ALA K 48 -7.10 -0.86 54.22
N ALA K 49 -5.80 -0.70 54.48
CA ALA K 49 -5.17 -1.36 55.62
C ALA K 49 -5.61 -0.76 56.95
N LYS K 50 -5.71 0.57 57.02
CA LYS K 50 -6.13 1.24 58.26
C LYS K 50 -7.54 0.84 58.68
N TYR K 51 -8.47 0.74 57.73
CA TYR K 51 -9.88 0.52 58.04
C TYR K 51 -10.33 -0.92 57.84
N ASN K 52 -9.39 -1.84 57.56
CA ASN K 52 -9.69 -3.27 57.40
C ASN K 52 -10.76 -3.54 56.34
N ARG K 53 -10.60 -2.89 55.18
CA ARG K 53 -11.60 -2.94 54.13
C ARG K 53 -11.51 -4.18 53.24
N VAL K 54 -10.43 -4.97 53.36
CA VAL K 54 -10.36 -6.29 52.75
C VAL K 54 -10.02 -7.30 53.83
N ALA K 55 -10.57 -8.51 53.67
CA ALA K 55 -10.55 -9.57 54.69
C ALA K 55 -11.08 -9.08 56.03
N MET L 1 34.68 39.27 32.15
CA MET L 1 33.35 39.19 32.74
C MET L 1 32.39 40.25 32.17
N SER L 2 32.73 41.52 32.36
CA SER L 2 31.80 42.63 32.15
C SER L 2 31.11 42.59 30.78
N LYS L 3 31.84 42.24 29.72
CA LYS L 3 31.32 42.27 28.36
C LYS L 3 30.55 41.01 27.93
N PHE L 4 30.32 40.04 28.82
CA PHE L 4 29.53 38.87 28.45
C PHE L 4 28.13 39.21 27.93
N TYR L 5 27.59 40.38 28.29
CA TYR L 5 26.28 40.81 27.76
C TYR L 5 26.20 40.80 26.24
N LYS L 6 27.32 40.95 25.53
CA LYS L 6 27.30 40.93 24.07
C LYS L 6 26.87 39.59 23.48
N ILE L 7 26.70 38.55 24.29
CA ILE L 7 26.11 37.30 23.82
C ILE L 7 24.73 37.51 23.23
N TRP L 8 23.98 38.51 23.70
CA TRP L 8 22.66 38.83 23.17
C TRP L 8 22.72 39.66 21.89
N MET L 9 23.91 40.04 21.44
CA MET L 9 24.09 40.49 20.07
C MET L 9 24.24 39.31 19.12
N ILE L 10 24.68 38.16 19.64
CA ILE L 10 24.93 36.94 18.87
C ILE L 10 23.69 36.05 18.89
N PHE L 11 23.19 35.72 20.08
CA PHE L 11 22.07 34.80 20.27
C PHE L 11 20.78 35.57 20.52
N ASP L 12 19.72 35.19 19.81
CA ASP L 12 18.40 35.75 20.10
C ASP L 12 17.89 35.21 21.43
N PRO L 13 17.53 36.07 22.40
CA PRO L 13 17.19 35.57 23.74
C PRO L 13 16.01 34.60 23.76
N ARG L 14 15.03 34.80 22.88
CA ARG L 14 13.84 33.93 22.85
C ARG L 14 14.23 32.47 22.66
N ARG L 15 15.06 32.19 21.65
CA ARG L 15 15.48 30.83 21.36
C ARG L 15 16.35 30.24 22.48
N VAL L 16 17.27 31.04 23.02
CA VAL L 16 18.13 30.58 24.11
C VAL L 16 17.29 30.18 25.34
N PHE L 17 16.35 31.04 25.74
CA PHE L 17 15.57 30.77 26.95
C PHE L 17 14.73 29.51 26.84
N VAL L 18 14.18 29.22 25.66
CA VAL L 18 13.50 27.93 25.45
C VAL L 18 14.46 26.77 25.66
N ALA L 19 15.61 26.80 24.97
CA ALA L 19 16.58 25.72 25.08
C ALA L 19 17.10 25.57 26.51
N GLN L 20 17.32 26.69 27.20
CA GLN L 20 17.77 26.68 28.58
C GLN L 20 16.73 26.11 29.54
N GLY L 21 15.47 26.52 29.40
CA GLY L 21 14.41 25.95 30.22
C GLY L 21 14.29 24.44 30.09
N VAL L 22 14.30 23.95 28.84
CA VAL L 22 14.27 22.52 28.58
C VAL L 22 15.48 21.82 29.19
N PHE L 23 16.68 22.35 28.93
CA PHE L 23 17.91 21.80 29.49
C PHE L 23 17.85 21.68 31.02
N LEU L 24 17.49 22.76 31.71
CA LEU L 24 17.47 22.72 33.17
C LEU L 24 16.47 21.72 33.74
N PHE L 25 15.27 21.64 33.15
CA PHE L 25 14.29 20.66 33.61
C PHE L 25 14.79 19.23 33.43
N LEU L 26 15.28 18.91 32.23
CA LEU L 26 15.78 17.56 31.96
C LEU L 26 16.98 17.22 32.84
N LEU L 27 17.86 18.19 33.06
CA LEU L 27 18.98 17.98 33.98
C LEU L 27 18.51 17.69 35.41
N ALA L 28 17.55 18.48 35.90
CA ALA L 28 16.97 18.21 37.21
C ALA L 28 16.31 16.83 37.28
N VAL L 29 15.47 16.50 36.30
CA VAL L 29 14.81 15.20 36.30
C VAL L 29 15.82 14.07 36.25
N MET L 30 16.86 14.21 35.44
CA MET L 30 17.93 13.22 35.39
C MET L 30 18.54 12.97 36.77
N ILE L 31 18.90 14.04 37.49
CA ILE L 31 19.53 13.89 38.81
C ILE L 31 18.57 13.28 39.83
N HIS L 32 17.30 13.71 39.84
CA HIS L 32 16.34 13.11 40.76
C HIS L 32 16.13 11.61 40.48
N LEU L 33 16.06 11.22 39.20
CA LEU L 33 15.96 9.80 38.86
C LEU L 33 17.18 9.00 39.29
N ILE L 34 18.39 9.57 39.12
CA ILE L 34 19.60 8.92 39.61
C ILE L 34 19.50 8.63 41.10
N LEU L 35 19.06 9.62 41.89
CA LEU L 35 18.94 9.43 43.33
C LEU L 35 17.84 8.44 43.69
N LEU L 36 16.68 8.50 43.00
CA LEU L 36 15.65 7.48 43.22
C LEU L 36 16.12 6.08 42.84
N SER L 37 16.99 5.98 41.83
CA SER L 37 17.54 4.67 41.47
C SER L 37 18.60 4.19 42.45
N THR L 38 18.91 4.98 43.49
CA THR L 38 19.97 4.67 44.44
C THR L 38 19.36 4.39 45.81
N PRO L 39 19.55 3.19 46.36
CA PRO L 39 18.90 2.84 47.64
C PRO L 39 19.25 3.78 48.79
N SER L 40 20.49 4.29 48.83
CA SER L 40 20.90 5.22 49.87
C SER L 40 20.32 6.63 49.72
N TYR L 41 19.69 6.94 48.59
CA TYR L 41 19.16 8.28 48.36
C TYR L 41 17.74 8.32 47.79
N ASN L 42 17.10 7.17 47.61
CA ASN L 42 15.66 7.14 47.32
C ASN L 42 14.92 7.55 48.60
N TRP L 43 14.52 8.82 48.67
CA TRP L 43 13.86 9.36 49.85
C TRP L 43 12.57 8.64 50.20
N LEU L 44 11.82 8.17 49.20
CA LEU L 44 10.58 7.44 49.48
C LEU L 44 10.85 6.11 50.20
N GLU L 45 11.90 5.40 49.79
CA GLU L 45 12.27 4.14 50.45
C GLU L 45 12.95 4.38 51.80
N ILE L 46 13.83 5.39 51.89
CA ILE L 46 14.40 5.81 53.17
C ILE L 46 13.28 6.11 54.17
N SER L 47 12.26 6.84 53.73
CA SER L 47 11.10 7.13 54.56
C SER L 47 10.40 5.85 55.03
N ALA L 48 10.15 4.92 54.11
CA ALA L 48 9.46 3.68 54.45
C ALA L 48 10.20 2.87 55.51
N ALA L 49 11.53 2.82 55.44
CA ALA L 49 12.31 2.16 56.48
C ALA L 49 12.30 2.93 57.79
N LYS L 50 12.49 4.26 57.73
CA LYS L 50 12.53 5.08 58.94
C LYS L 50 11.27 4.94 59.78
N TYR L 51 10.11 4.86 59.14
CA TYR L 51 8.84 4.78 59.84
C TYR L 51 8.24 3.36 59.85
N ASN L 52 8.96 2.38 59.31
CA ASN L 52 8.50 0.98 59.22
C ASN L 52 7.14 0.83 58.56
N ARG L 53 6.96 1.52 57.44
CA ARG L 53 5.65 1.62 56.79
C ARG L 53 5.32 0.40 55.93
N VAL L 54 6.31 -0.36 55.48
CA VAL L 54 6.10 -1.62 54.78
C VAL L 54 6.40 -2.77 55.73
N ALA L 55 5.44 -3.69 55.86
CA ALA L 55 5.47 -4.78 56.84
C ALA L 55 5.77 -4.27 58.25
N MET M 1 51.44 33.50 15.96
CA MET M 1 50.79 33.14 17.22
C MET M 1 49.61 34.07 17.53
N SER M 2 49.88 35.38 17.57
CA SER M 2 48.88 36.36 17.98
C SER M 2 47.58 36.27 17.19
N LYS M 3 47.64 35.90 15.92
CA LYS M 3 46.50 35.94 14.96
C LYS M 3 45.42 34.85 15.17
N PHE M 4 45.43 33.99 16.21
CA PHE M 4 44.42 32.95 16.37
C PHE M 4 42.99 33.47 16.29
N TYR M 5 42.75 34.73 16.67
CA TYR M 5 41.42 35.33 16.60
C TYR M 5 40.78 35.32 15.21
N LYS M 6 41.56 35.26 14.13
CA LYS M 6 40.98 35.34 12.79
C LYS M 6 40.07 34.17 12.45
N ILE M 7 40.05 33.11 13.25
CA ILE M 7 39.07 32.04 13.09
C ILE M 7 37.63 32.54 13.11
N TRP M 8 37.34 33.61 13.87
CA TRP M 8 36.00 34.19 13.93
C TRP M 8 35.61 34.95 12.66
N MET M 9 36.53 35.15 11.71
CA MET M 9 36.19 35.66 10.40
C MET M 9 35.83 34.53 9.43
N ILE M 10 36.06 33.29 9.82
CA ILE M 10 35.82 32.13 8.97
C ILE M 10 34.73 31.21 9.53
N PHE M 11 34.44 31.28 10.83
CA PHE M 11 33.31 30.59 11.45
C PHE M 11 32.34 31.60 12.04
N ASP M 12 31.04 31.27 12.00
CA ASP M 12 30.01 32.12 12.59
C ASP M 12 29.86 31.81 14.08
N PRO M 13 29.97 32.81 14.96
CA PRO M 13 29.99 32.54 16.41
C PRO M 13 28.75 31.83 16.94
N ARG M 14 27.58 32.01 16.32
CA ARG M 14 26.40 31.25 16.73
C ARG M 14 26.64 29.76 16.63
N ARG M 15 27.13 29.31 15.47
CA ARG M 15 27.37 27.90 15.21
C ARG M 15 28.43 27.35 16.15
N VAL M 16 29.55 28.06 16.30
CA VAL M 16 30.62 27.63 17.18
C VAL M 16 30.16 27.53 18.63
N PHE M 17 29.46 28.56 19.12
CA PHE M 17 29.07 28.56 20.54
C PHE M 17 28.08 27.44 20.86
N VAL M 18 27.11 27.19 19.98
CA VAL M 18 26.21 26.05 20.19
C VAL M 18 26.97 24.73 20.17
N ALA M 19 27.87 24.55 19.20
CA ALA M 19 28.69 23.35 19.15
C ALA M 19 29.57 23.20 20.39
N GLN M 20 30.13 24.31 20.87
CA GLN M 20 30.90 24.28 22.12
C GLN M 20 30.03 23.86 23.31
N GLY M 21 28.83 24.41 23.44
CA GLY M 21 27.95 24.02 24.53
C GLY M 21 27.59 22.55 24.52
N VAL M 22 27.19 22.04 23.36
CA VAL M 22 26.89 20.62 23.21
C VAL M 22 28.12 19.77 23.52
N PHE M 23 29.28 20.14 22.95
CA PHE M 23 30.53 19.42 23.22
C PHE M 23 30.84 19.35 24.71
N LEU M 24 30.89 20.50 25.39
CA LEU M 24 31.30 20.52 26.79
C LEU M 24 30.31 19.80 27.71
N PHE M 25 29.01 19.97 27.49
CA PHE M 25 28.04 19.24 28.30
C PHE M 25 28.18 17.73 28.15
N LEU M 26 28.30 17.26 26.91
CA LEU M 26 28.48 15.82 26.67
C LEU M 26 29.76 15.30 27.32
N LEU M 27 30.87 16.03 27.15
CA LEU M 27 32.13 15.62 27.78
C LEU M 27 32.00 15.53 29.29
N ALA M 28 31.42 16.55 29.92
CA ALA M 28 31.21 16.54 31.37
C ALA M 28 30.30 15.39 31.81
N VAL M 29 29.19 15.18 31.10
CA VAL M 29 28.30 14.06 31.41
C VAL M 29 29.04 12.73 31.28
N MET M 30 29.77 12.54 30.19
CA MET M 30 30.54 11.31 29.99
C MET M 30 31.50 11.04 31.15
N ILE M 31 32.24 12.07 31.59
CA ILE M 31 33.19 11.88 32.69
C ILE M 31 32.49 11.56 34.00
N HIS M 32 31.42 12.29 34.34
CA HIS M 32 30.67 11.96 35.56
C HIS M 32 30.09 10.55 35.52
N LEU M 33 29.55 10.13 34.36
CA LEU M 33 29.03 8.77 34.22
C LEU M 33 30.11 7.69 34.39
N ILE M 34 31.31 7.93 33.88
CA ILE M 34 32.40 6.97 34.06
C ILE M 34 32.79 6.85 35.53
N LEU M 35 32.88 7.98 36.23
CA LEU M 35 33.17 7.94 37.66
C LEU M 35 32.06 7.25 38.46
N LEU M 36 30.80 7.48 38.09
CA LEU M 36 29.71 6.74 38.72
C LEU M 36 29.77 5.24 38.42
N SER M 37 30.21 4.87 37.22
CA SER M 37 30.41 3.47 36.87
C SER M 37 31.78 2.95 37.31
N THR M 38 32.50 3.72 38.12
CA THR M 38 33.73 3.27 38.77
C THR M 38 33.49 3.20 40.27
N PRO M 39 33.43 2.01 40.86
CA PRO M 39 33.04 1.90 42.28
C PRO M 39 33.92 2.69 43.24
N SER M 40 35.22 2.82 42.94
CA SER M 40 36.12 3.60 43.78
C SER M 40 35.87 5.11 43.72
N TYR M 41 35.07 5.59 42.78
CA TYR M 41 34.76 7.01 42.66
C TYR M 41 33.27 7.35 42.64
N ASN M 42 32.39 6.36 42.72
CA ASN M 42 30.95 6.64 42.83
C ASN M 42 30.67 7.23 44.21
N TRP M 43 30.56 8.57 44.25
CA TRP M 43 30.46 9.29 45.52
C TRP M 43 29.22 8.92 46.32
N LEU M 44 28.11 8.60 45.66
CA LEU M 44 26.91 8.16 46.39
C LEU M 44 27.15 6.85 47.14
N GLU M 45 27.83 5.89 46.51
CA GLU M 45 28.15 4.63 47.16
C GLU M 45 29.26 4.78 48.20
N ILE M 46 30.25 5.63 47.92
CA ILE M 46 31.29 5.92 48.90
C ILE M 46 30.66 6.48 50.18
N SER M 47 29.75 7.44 50.03
CA SER M 47 29.03 7.98 51.18
C SER M 47 28.16 6.92 51.86
N ALA M 48 27.47 6.10 51.08
CA ALA M 48 26.66 5.03 51.65
C ALA M 48 27.50 4.08 52.51
N ALA M 49 28.70 3.73 52.05
CA ALA M 49 29.60 2.90 52.85
C ALA M 49 30.14 3.65 54.06
N LYS M 50 30.63 4.88 53.85
CA LYS M 50 31.16 5.69 54.94
C LYS M 50 30.19 5.84 56.11
N TYR M 51 28.92 6.15 55.83
CA TYR M 51 27.94 6.39 56.86
C TYR M 51 27.14 5.14 57.28
N ASN M 52 27.47 3.96 56.77
CA ASN M 52 26.78 2.70 57.09
C ASN M 52 25.28 2.75 56.80
N ARG M 53 24.91 3.31 55.65
CA ARG M 53 23.51 3.60 55.36
C ARG M 53 22.70 2.38 54.93
N VAL M 54 23.32 1.30 54.47
CA VAL M 54 22.62 0.10 54.03
C VAL M 54 22.73 -0.98 55.10
N ALA M 55 21.56 -1.45 55.58
CA ALA M 55 21.45 -2.35 56.72
C ALA M 55 22.21 -1.84 57.95
N PHE N 4 52.61 21.66 1.75
CA PHE N 4 51.52 21.63 2.74
C PHE N 4 50.46 22.71 2.51
N TYR N 5 50.86 23.98 2.57
CA TYR N 5 49.90 25.09 2.69
C TYR N 5 48.87 25.15 1.57
N LYS N 6 49.12 24.52 0.42
CA LYS N 6 48.18 24.53 -0.69
C LYS N 6 46.89 23.76 -0.41
N ILE N 7 46.82 22.98 0.68
CA ILE N 7 45.57 22.32 1.08
C ILE N 7 44.43 23.32 1.27
N TRP N 8 44.73 24.55 1.71
CA TRP N 8 43.73 25.60 1.85
C TRP N 8 43.26 26.15 0.51
N MET N 9 43.82 25.67 -0.60
CA MET N 9 43.27 25.86 -1.94
C MET N 9 42.49 24.64 -2.41
N ILE N 10 42.97 23.44 -2.05
CA ILE N 10 42.32 22.19 -2.43
C ILE N 10 40.95 22.07 -1.78
N PHE N 11 40.76 22.61 -0.58
CA PHE N 11 39.51 22.47 0.16
C PHE N 11 39.03 23.83 0.67
N ASP N 12 37.75 23.86 1.06
CA ASP N 12 37.25 24.87 1.97
C ASP N 12 37.87 24.66 3.36
N PRO N 13 38.45 25.70 3.98
CA PRO N 13 39.04 25.52 5.32
C PRO N 13 38.05 25.07 6.38
N ARG N 14 36.79 25.50 6.28
CA ARG N 14 35.78 25.10 7.26
C ARG N 14 35.64 23.58 7.33
N ARG N 15 35.54 22.93 6.16
CA ARG N 15 35.44 21.48 6.11
C ARG N 15 36.66 20.81 6.73
N VAL N 16 37.86 21.29 6.41
CA VAL N 16 39.09 20.72 6.96
C VAL N 16 39.12 20.83 8.48
N PHE N 17 38.82 22.02 9.01
CA PHE N 17 38.79 22.19 10.46
C PHE N 17 37.68 21.40 11.14
N VAL N 18 36.53 21.27 10.50
CA VAL N 18 35.47 20.39 11.02
C VAL N 18 35.95 18.94 11.06
N ALA N 19 36.47 18.44 9.93
CA ALA N 19 36.93 17.06 9.85
C ALA N 19 38.08 16.76 10.82
N GLN N 20 39.10 17.63 10.85
CA GLN N 20 40.20 17.45 11.79
C GLN N 20 39.73 17.43 13.23
N GLY N 21 38.97 18.44 13.64
CA GLY N 21 38.54 18.55 15.03
C GLY N 21 37.72 17.36 15.50
N VAL N 22 36.75 16.92 14.68
CA VAL N 22 35.97 15.73 15.00
C VAL N 22 36.87 14.49 15.11
N PHE N 23 37.69 14.23 14.09
CA PHE N 23 38.50 13.02 14.09
C PHE N 23 39.50 13.00 15.25
N LEU N 24 40.18 14.12 15.49
CA LEU N 24 41.15 14.17 16.58
C LEU N 24 40.50 13.93 17.95
N PHE N 25 39.30 14.47 18.16
CA PHE N 25 38.60 14.20 19.41
C PHE N 25 38.20 12.72 19.53
N LEU N 26 37.58 12.16 18.50
CA LEU N 26 37.21 10.74 18.53
C LEU N 26 38.43 9.84 18.69
N LEU N 27 39.55 10.23 18.09
CA LEU N 27 40.81 9.51 18.29
C LEU N 27 41.27 9.58 19.74
N ALA N 28 41.38 10.79 20.29
CA ALA N 28 41.80 10.98 21.67
C ALA N 28 40.90 10.24 22.66
N VAL N 29 39.58 10.38 22.52
CA VAL N 29 38.65 9.68 23.40
C VAL N 29 38.88 8.17 23.36
N MET N 30 38.94 7.58 22.17
CA MET N 30 39.06 6.12 22.09
C MET N 30 40.39 5.63 22.66
N ILE N 31 41.47 6.39 22.48
CA ILE N 31 42.74 6.02 23.14
C ILE N 31 42.60 6.00 24.66
N HIS N 32 41.94 7.00 25.24
CA HIS N 32 41.67 6.94 26.69
C HIS N 32 40.76 5.76 27.06
N LEU N 33 39.73 5.50 26.26
CA LEU N 33 38.87 4.34 26.50
C LEU N 33 39.64 3.02 26.41
N ILE N 34 40.60 2.92 25.48
CA ILE N 34 41.47 1.74 25.42
C ILE N 34 42.31 1.62 26.69
N LEU N 35 42.90 2.72 27.14
CA LEU N 35 43.67 2.71 28.38
C LEU N 35 42.80 2.37 29.60
N LEU N 36 41.59 2.91 29.65
CA LEU N 36 40.67 2.57 30.73
C LEU N 36 40.23 1.10 30.68
N SER N 37 40.09 0.54 29.49
CA SER N 37 39.78 -0.88 29.34
C SER N 37 41.03 -1.76 29.41
N THR N 38 42.20 -1.18 29.67
CA THR N 38 43.42 -1.95 29.87
C THR N 38 43.77 -1.98 31.35
N PRO N 39 43.74 -3.14 32.01
CA PRO N 39 43.96 -3.18 33.47
C PRO N 39 45.30 -2.62 33.94
N SER N 40 46.35 -2.68 33.11
CA SER N 40 47.64 -2.10 33.46
C SER N 40 47.68 -0.58 33.40
N TYR N 41 46.66 0.08 32.83
CA TYR N 41 46.71 1.53 32.60
C TYR N 41 45.49 2.30 33.05
N ASN N 42 44.42 1.65 33.51
CA ASN N 42 43.27 2.37 34.07
C ASN N 42 43.70 3.08 35.35
N TRP N 43 43.90 4.40 35.25
CA TRP N 43 44.39 5.19 36.38
C TRP N 43 43.46 5.11 37.59
N LEU N 44 42.15 5.12 37.36
CA LEU N 44 41.19 5.02 38.46
C LEU N 44 41.33 3.71 39.23
N GLU N 45 41.51 2.59 38.51
CA GLU N 45 41.72 1.30 39.17
C GLU N 45 43.08 1.22 39.85
N ILE N 46 44.14 1.72 39.19
CA ILE N 46 45.47 1.74 39.80
C ILE N 46 45.46 2.54 41.09
N SER N 47 44.85 3.72 41.07
CA SER N 47 44.70 4.53 42.28
C SER N 47 43.93 3.81 43.37
N ALA N 48 42.83 3.13 43.02
CA ALA N 48 42.05 2.39 44.01
C ALA N 48 42.86 1.30 44.69
N ALA N 49 43.69 0.58 43.93
CA ALA N 49 44.56 -0.44 44.51
C ALA N 49 45.63 0.16 45.40
N LYS N 50 46.25 1.27 44.97
CA LYS N 50 47.27 1.94 45.78
C LYS N 50 46.73 2.41 47.12
N TYR N 51 45.56 3.05 47.11
CA TYR N 51 45.00 3.64 48.33
C TYR N 51 44.05 2.72 49.07
N ASN N 52 44.00 1.44 48.71
CA ASN N 52 43.19 0.42 49.40
C ASN N 52 41.71 0.79 49.50
N ARG N 53 41.16 1.33 48.42
CA ARG N 53 39.80 1.85 48.43
C ARG N 53 38.75 0.75 48.21
N VAL N 54 39.14 -0.41 47.71
CA VAL N 54 38.17 -1.44 47.30
C VAL N 54 38.43 -2.76 48.00
N LEU O 1 20.91 -4.70 -53.02
CA LEU O 1 20.30 -4.73 -51.68
C LEU O 1 21.37 -4.50 -50.62
N GLY O 2 21.06 -3.64 -49.64
CA GLY O 2 22.01 -3.35 -48.58
C GLY O 2 21.45 -2.45 -47.50
N TYR O 3 21.48 -2.93 -46.26
CA TYR O 3 21.05 -2.17 -45.10
C TYR O 3 22.19 -1.56 -44.30
N THR O 4 23.45 -1.92 -44.58
CA THR O 4 24.59 -1.57 -43.74
C THR O 4 25.48 -0.49 -44.33
N GLY O 5 25.34 -0.18 -45.62
CA GLY O 5 26.21 0.76 -46.30
C GLY O 5 27.56 0.22 -46.75
N LEU O 6 27.89 -1.03 -46.43
CA LEU O 6 29.01 -1.69 -47.09
C LEU O 6 28.68 -1.91 -48.56
N THR O 7 29.65 -1.63 -49.44
CA THR O 7 29.55 -2.11 -50.81
C THR O 7 29.76 -3.63 -50.87
N ASP O 8 29.39 -4.21 -52.00
CA ASP O 8 29.60 -5.63 -52.23
C ASP O 8 31.07 -6.03 -52.09
N GLU O 9 31.98 -5.24 -52.68
CA GLU O 9 33.40 -5.52 -52.58
C GLU O 9 33.92 -5.37 -51.15
N GLN O 10 33.44 -4.37 -50.42
CA GLN O 10 33.79 -4.24 -49.00
C GLN O 10 33.32 -5.44 -48.19
N ALA O 11 32.09 -5.90 -48.44
CA ALA O 11 31.58 -7.07 -47.73
C ALA O 11 32.36 -8.33 -48.08
N GLN O 12 32.73 -8.51 -49.34
CA GLN O 12 33.57 -9.64 -49.73
C GLN O 12 34.91 -9.64 -49.01
N GLU O 13 35.57 -8.49 -48.96
CA GLU O 13 36.86 -8.39 -48.30
C GLU O 13 36.75 -8.66 -46.79
N LEU O 14 35.79 -8.01 -46.13
CA LEU O 14 35.58 -8.21 -44.71
C LEU O 14 35.22 -9.66 -44.36
N HIS O 15 34.43 -10.32 -45.20
CA HIS O 15 34.11 -11.73 -44.97
C HIS O 15 35.34 -12.63 -45.09
N SER O 16 36.24 -12.33 -46.03
CA SER O 16 37.45 -13.14 -46.15
C SER O 16 38.31 -13.04 -44.89
N VAL O 17 38.38 -11.87 -44.27
CA VAL O 17 39.06 -11.72 -42.99
C VAL O 17 38.34 -12.50 -41.89
N TYR O 18 37.03 -12.28 -41.73
CA TYR O 18 36.27 -12.98 -40.70
C TYR O 18 36.38 -14.50 -40.82
N MET O 19 36.29 -15.03 -42.03
CA MET O 19 36.40 -16.48 -42.22
C MET O 19 37.80 -17.00 -41.86
N SER O 20 38.85 -16.28 -42.25
CA SER O 20 40.20 -16.71 -41.90
C SER O 20 40.41 -16.82 -40.39
N GLY O 21 39.92 -15.83 -39.64
CA GLY O 21 40.01 -15.89 -38.19
C GLY O 21 39.07 -16.89 -37.54
N LEU O 22 37.91 -17.11 -38.17
CA LEU O 22 37.01 -18.19 -37.73
C LEU O 22 37.65 -19.57 -37.87
N TRP O 23 38.29 -19.84 -39.02
CA TRP O 23 39.02 -21.10 -39.17
C TRP O 23 40.15 -21.24 -38.16
N LEU O 24 40.94 -20.19 -37.96
CA LEU O 24 42.00 -20.23 -36.95
C LEU O 24 41.44 -20.48 -35.56
N PHE O 25 40.36 -19.80 -35.19
CA PHE O 25 39.72 -20.04 -33.89
C PHE O 25 39.26 -21.48 -33.74
N SER O 26 38.61 -22.03 -34.78
CA SER O 26 38.21 -23.43 -34.75
C SER O 26 39.41 -24.38 -34.68
N ALA O 27 40.50 -24.03 -35.35
CA ALA O 27 41.71 -24.84 -35.29
C ALA O 27 42.31 -24.90 -33.88
N VAL O 28 42.45 -23.74 -33.23
CA VAL O 28 42.88 -23.72 -31.83
C VAL O 28 41.94 -24.53 -30.95
N ALA O 29 40.63 -24.40 -31.15
CA ALA O 29 39.67 -25.19 -30.39
C ALA O 29 39.83 -26.69 -30.61
N ILE O 30 40.04 -27.11 -31.86
CA ILE O 30 40.29 -28.51 -32.15
C ILE O 30 41.50 -29.03 -31.38
N VAL O 31 42.59 -28.26 -31.37
CA VAL O 31 43.77 -28.66 -30.60
C VAL O 31 43.44 -28.80 -29.11
N ALA O 32 42.71 -27.83 -28.55
CA ALA O 32 42.29 -27.94 -27.15
C ALA O 32 41.40 -29.16 -26.89
N HIS O 33 40.46 -29.44 -27.79
CA HIS O 33 39.63 -30.63 -27.64
C HIS O 33 40.45 -31.92 -27.75
N LEU O 34 41.37 -31.97 -28.71
CA LEU O 34 42.21 -33.16 -28.87
C LEU O 34 43.08 -33.40 -27.63
N ALA O 35 43.73 -32.36 -27.13
CA ALA O 35 44.50 -32.46 -25.89
C ALA O 35 43.65 -32.98 -24.73
N VAL O 36 42.46 -32.42 -24.54
CA VAL O 36 41.57 -32.86 -23.46
C VAL O 36 41.10 -34.30 -23.68
N TYR O 37 40.81 -34.67 -24.94
CA TYR O 37 40.36 -36.04 -25.20
C TYR O 37 41.47 -37.05 -24.91
N ILE O 38 42.70 -36.77 -25.36
CA ILE O 38 43.84 -37.61 -25.02
C ILE O 38 44.00 -37.71 -23.50
N TRP O 39 43.89 -36.58 -22.80
CA TRP O 39 44.00 -36.58 -21.34
C TRP O 39 42.87 -37.40 -20.70
N ARG O 40 41.64 -37.21 -21.15
CA ARG O 40 40.48 -37.69 -20.41
C ARG O 40 39.29 -37.87 -21.36
N PRO O 41 39.24 -38.98 -22.10
CA PRO O 41 38.20 -39.18 -23.13
C PRO O 41 36.78 -39.07 -22.61
N TRP O 42 35.99 -38.18 -23.22
CA TRP O 42 34.58 -38.06 -22.89
C TRP O 42 33.67 -38.99 -23.70
N PHE O 43 34.22 -39.75 -24.65
CA PHE O 43 33.53 -40.91 -25.20
C PHE O 43 34.32 -42.18 -24.85
N LEU P 1 3.09 -5.59 -54.20
CA LEU P 1 3.12 -7.02 -53.90
C LEU P 1 3.65 -7.30 -52.49
N GLY P 2 4.92 -6.93 -52.23
CA GLY P 2 5.52 -7.18 -50.93
C GLY P 2 5.40 -6.03 -49.94
N TYR P 3 5.55 -6.39 -48.67
CA TYR P 3 5.68 -5.45 -47.56
C TYR P 3 7.11 -5.00 -47.29
N THR P 4 8.11 -5.66 -47.88
CA THR P 4 9.49 -5.47 -47.48
C THR P 4 10.30 -4.57 -48.41
N GLY P 5 9.76 -4.23 -49.59
CA GLY P 5 10.51 -3.49 -50.57
C GLY P 5 11.57 -4.26 -51.33
N LEU P 6 11.77 -5.54 -51.05
CA LEU P 6 12.55 -6.39 -51.94
C LEU P 6 11.82 -6.60 -53.26
N THR P 7 12.52 -6.47 -54.37
CA THR P 7 11.97 -6.94 -55.64
C THR P 7 11.85 -8.46 -55.63
N ASP P 8 11.10 -8.97 -56.61
CA ASP P 8 10.97 -10.42 -56.78
C ASP P 8 12.32 -11.08 -57.04
N GLU P 9 13.14 -10.46 -57.89
CA GLU P 9 14.50 -10.93 -58.14
C GLU P 9 15.38 -10.92 -56.90
N GLN P 10 15.26 -9.87 -56.08
CA GLN P 10 15.99 -9.82 -54.82
C GLN P 10 15.51 -10.87 -53.82
N ALA P 11 14.20 -11.10 -53.73
CA ALA P 11 13.69 -12.14 -52.84
C ALA P 11 14.14 -13.53 -53.27
N GLN P 12 14.20 -13.79 -54.58
CA GLN P 12 14.78 -15.04 -55.06
C GLN P 12 16.26 -15.16 -54.71
N GLU P 13 17.04 -14.11 -54.99
CA GLU P 13 18.46 -14.10 -54.65
C GLU P 13 18.69 -14.37 -53.17
N LEU P 14 18.02 -13.64 -52.29
CA LEU P 14 18.18 -13.84 -50.85
C LEU P 14 17.75 -15.24 -50.42
N HIS P 15 16.67 -15.77 -50.96
CA HIS P 15 16.24 -17.12 -50.63
C HIS P 15 17.26 -18.18 -51.05
N SER P 16 17.92 -17.98 -52.20
CA SER P 16 18.91 -18.97 -52.65
C SER P 16 20.09 -19.05 -51.69
N VAL P 17 20.55 -17.91 -51.17
CA VAL P 17 21.61 -17.93 -50.16
C VAL P 17 21.10 -18.51 -48.84
N TYR P 18 19.90 -18.13 -48.42
CA TYR P 18 19.33 -18.67 -47.19
C TYR P 18 19.18 -20.19 -47.24
N MET P 19 18.64 -20.72 -48.33
CA MET P 19 18.48 -22.17 -48.44
C MET P 19 19.82 -22.89 -48.48
N SER P 20 20.87 -22.26 -49.02
CA SER P 20 22.20 -22.83 -48.93
C SER P 20 22.68 -22.96 -47.48
N GLY P 21 22.45 -21.91 -46.67
CA GLY P 21 22.74 -22.00 -45.26
C GLY P 21 21.95 -23.07 -44.54
N LEU P 22 20.65 -23.16 -44.83
CA LEU P 22 19.80 -24.20 -44.24
C LEU P 22 20.27 -25.61 -44.59
N TRP P 23 20.57 -25.87 -45.86
CA TRP P 23 21.05 -27.20 -46.24
C TRP P 23 22.43 -27.51 -45.66
N LEU P 24 23.34 -26.52 -45.63
CA LEU P 24 24.62 -26.72 -44.96
C LEU P 24 24.43 -27.06 -43.49
N PHE P 25 23.62 -26.28 -42.77
CA PHE P 25 23.37 -26.52 -41.37
C PHE P 25 22.71 -27.87 -41.12
N SER P 26 21.70 -28.21 -41.91
CA SER P 26 21.06 -29.52 -41.76
C SER P 26 21.96 -30.69 -42.15
N ALA P 27 22.84 -30.50 -43.14
CA ALA P 27 23.80 -31.56 -43.50
C ALA P 27 24.74 -31.91 -42.35
N VAL P 28 25.38 -30.91 -41.73
CA VAL P 28 26.22 -31.20 -40.57
C VAL P 28 25.40 -31.78 -39.43
N ALA P 29 24.15 -31.33 -39.25
CA ALA P 29 23.29 -31.91 -38.22
C ALA P 29 23.03 -33.39 -38.47
N ILE P 30 22.82 -33.77 -39.74
CA ILE P 30 22.63 -35.18 -40.08
C ILE P 30 23.87 -36.00 -39.72
N VAL P 31 25.05 -35.47 -40.02
CA VAL P 31 26.30 -36.14 -39.65
C VAL P 31 26.40 -36.31 -38.14
N ALA P 32 26.10 -35.25 -37.38
CA ALA P 32 26.09 -35.34 -35.92
C ALA P 32 25.08 -36.38 -35.41
N HIS P 33 23.89 -36.43 -35.98
CA HIS P 33 22.93 -37.47 -35.59
C HIS P 33 23.43 -38.87 -35.93
N LEU P 34 24.03 -39.04 -37.11
CA LEU P 34 24.57 -40.33 -37.51
C LEU P 34 25.67 -40.80 -36.56
N ALA P 35 26.62 -39.92 -36.23
CA ALA P 35 27.66 -40.26 -35.26
C ALA P 35 27.08 -40.68 -33.92
N VAL P 36 26.14 -39.91 -33.38
CA VAL P 36 25.51 -40.25 -32.11
C VAL P 36 24.70 -41.53 -32.21
N TYR P 37 24.00 -41.74 -33.33
CA TYR P 37 23.23 -42.97 -33.47
C TYR P 37 24.13 -44.19 -33.52
N ILE P 38 25.28 -44.09 -34.17
CA ILE P 38 26.25 -45.18 -34.19
C ILE P 38 26.81 -45.41 -32.79
N TRP P 39 27.21 -44.33 -32.11
CA TRP P 39 27.73 -44.44 -30.75
C TRP P 39 26.69 -45.01 -29.78
N ARG P 40 25.45 -44.52 -29.84
CA ARG P 40 24.43 -44.86 -28.85
C ARG P 40 23.04 -44.77 -29.47
N PRO P 41 22.60 -45.83 -30.15
CA PRO P 41 21.30 -45.80 -30.82
C PRO P 41 20.14 -45.47 -29.89
N TRP P 42 19.35 -44.46 -30.26
CA TRP P 42 18.02 -44.37 -29.71
C TRP P 42 17.06 -45.22 -30.55
N PHE P 43 15.81 -45.33 -30.09
CA PHE P 43 14.88 -46.39 -30.53
C PHE P 43 15.43 -47.76 -30.16
N GLY Q 2 -12.65 -5.72 -46.98
CA GLY Q 2 -11.22 -5.97 -46.91
C GLY Q 2 -10.46 -5.00 -46.02
N TYR Q 3 -9.97 -5.51 -44.89
CA TYR Q 3 -9.26 -4.68 -43.93
C TYR Q 3 -7.76 -4.57 -44.20
N THR Q 4 -7.16 -5.59 -44.83
CA THR Q 4 -5.71 -5.71 -44.91
C THR Q 4 -5.08 -4.92 -46.05
N GLY Q 5 -5.86 -4.50 -47.03
CA GLY Q 5 -5.35 -3.87 -48.22
C GLY Q 5 -4.84 -4.81 -49.30
N LEU Q 6 -4.94 -6.13 -49.10
CA LEU Q 6 -4.70 -7.07 -50.18
C LEU Q 6 -5.84 -7.01 -51.19
N THR Q 7 -5.50 -7.01 -52.47
CA THR Q 7 -6.50 -7.27 -53.49
C THR Q 7 -6.93 -8.74 -53.44
N ASP Q 8 -8.04 -9.03 -54.12
CA ASP Q 8 -8.53 -10.40 -54.24
C ASP Q 8 -7.53 -11.29 -54.97
N GLU Q 9 -6.86 -10.76 -55.98
CA GLU Q 9 -5.82 -11.50 -56.69
C GLU Q 9 -4.60 -11.79 -55.81
N GLN Q 10 -4.19 -10.81 -55.00
CA GLN Q 10 -3.10 -11.04 -54.05
C GLN Q 10 -3.48 -12.05 -52.98
N ALA Q 11 -4.70 -11.98 -52.46
CA ALA Q 11 -5.17 -12.97 -51.49
C ALA Q 11 -5.19 -14.38 -52.08
N GLN Q 12 -5.60 -14.53 -53.33
CA GLN Q 12 -5.54 -15.83 -54.00
C GLN Q 12 -4.11 -16.36 -54.13
N GLU Q 13 -3.20 -15.52 -54.64
CA GLU Q 13 -1.81 -15.94 -54.80
C GLU Q 13 -1.18 -16.34 -53.46
N LEU Q 14 -1.29 -15.48 -52.46
CA LEU Q 14 -0.72 -15.76 -51.14
C LEU Q 14 -1.29 -17.05 -50.54
N HIS Q 15 -2.60 -17.25 -50.65
CA HIS Q 15 -3.23 -18.48 -50.15
C HIS Q 15 -2.69 -19.72 -50.84
N SER Q 16 -2.49 -19.68 -52.15
CA SER Q 16 -2.01 -20.86 -52.87
C SER Q 16 -0.63 -21.29 -52.39
N VAL Q 17 0.28 -20.34 -52.18
CA VAL Q 17 1.60 -20.67 -51.65
C VAL Q 17 1.51 -21.12 -50.20
N TYR Q 18 0.68 -20.44 -49.39
CA TYR Q 18 0.45 -20.87 -48.01
C TYR Q 18 -0.06 -22.31 -47.93
N MET Q 19 -1.04 -22.66 -48.77
CA MET Q 19 -1.57 -24.02 -48.75
C MET Q 19 -0.54 -25.07 -49.15
N SER Q 20 0.33 -24.74 -50.12
CA SER Q 20 1.44 -25.65 -50.42
C SER Q 20 2.39 -25.82 -49.24
N GLY Q 21 2.56 -24.78 -48.43
CA GLY Q 21 3.28 -24.94 -47.16
C GLY Q 21 2.58 -25.85 -46.18
N LEU Q 22 1.28 -25.62 -45.96
CA LEU Q 22 0.47 -26.49 -45.09
C LEU Q 22 0.52 -27.95 -45.54
N TRP Q 23 0.32 -28.21 -46.83
CA TRP Q 23 0.36 -29.60 -47.32
C TRP Q 23 1.73 -30.24 -47.12
N LEU Q 24 2.81 -29.51 -47.41
CA LEU Q 24 4.15 -30.05 -47.17
C LEU Q 24 4.37 -30.39 -45.70
N PHE Q 25 4.12 -29.43 -44.81
CA PHE Q 25 4.28 -29.64 -43.37
C PHE Q 25 3.45 -30.82 -42.87
N SER Q 26 2.18 -30.89 -43.29
CA SER Q 26 1.32 -31.99 -42.86
C SER Q 26 1.69 -33.33 -43.50
N ALA Q 27 2.26 -33.33 -44.71
CA ALA Q 27 2.76 -34.57 -45.29
C ALA Q 27 3.97 -35.12 -44.54
N VAL Q 28 4.93 -34.25 -44.18
CA VAL Q 28 6.02 -34.66 -43.30
C VAL Q 28 5.48 -35.20 -41.98
N ALA Q 29 4.51 -34.52 -41.39
CA ALA Q 29 3.89 -35.00 -40.15
C ALA Q 29 3.23 -36.37 -40.33
N ILE Q 30 2.54 -36.59 -41.45
CA ILE Q 30 1.94 -37.91 -41.70
C ILE Q 30 3.00 -39.00 -41.76
N VAL Q 31 4.11 -38.74 -42.45
CA VAL Q 31 5.21 -39.71 -42.48
C VAL Q 31 5.80 -39.94 -41.09
N ALA Q 32 5.96 -38.87 -40.31
CA ALA Q 32 6.40 -39.02 -38.92
C ALA Q 32 5.43 -39.86 -38.09
N HIS Q 33 4.12 -39.59 -38.20
CA HIS Q 33 3.13 -40.41 -37.50
C HIS Q 33 3.16 -41.85 -37.96
N LEU Q 34 3.28 -42.09 -39.27
CA LEU Q 34 3.36 -43.45 -39.79
C LEU Q 34 4.56 -44.20 -39.22
N ALA Q 35 5.75 -43.58 -39.25
CA ALA Q 35 6.94 -44.20 -38.66
C ALA Q 35 6.72 -44.56 -37.19
N VAL Q 36 6.29 -43.59 -36.38
CA VAL Q 36 6.09 -43.86 -34.97
C VAL Q 36 4.97 -44.88 -34.73
N TYR Q 37 3.93 -44.88 -35.56
CA TYR Q 37 2.87 -45.86 -35.40
C TYR Q 37 3.34 -47.28 -35.71
N ILE Q 38 4.12 -47.45 -36.77
CA ILE Q 38 4.69 -48.76 -37.07
C ILE Q 38 5.66 -49.19 -35.98
N TRP Q 39 6.49 -48.27 -35.50
CA TRP Q 39 7.40 -48.57 -34.40
C TRP Q 39 6.65 -48.89 -33.09
N ARG Q 40 5.59 -48.13 -32.77
CA ARG Q 40 4.94 -48.30 -31.47
C ARG Q 40 3.49 -47.82 -31.52
N PRO Q 41 2.56 -48.69 -31.93
CA PRO Q 41 1.14 -48.28 -32.06
C PRO Q 41 0.53 -47.78 -30.77
N TRP Q 42 -0.27 -46.72 -30.87
CA TRP Q 42 -0.97 -46.17 -29.71
C TRP Q 42 -2.43 -46.57 -29.62
N PHE Q 43 -2.91 -47.44 -30.51
CA PHE Q 43 -4.25 -48.00 -30.40
C PHE Q 43 -4.20 -49.52 -30.21
N LEU R 1 -26.83 0.28 -42.21
CA LEU R 1 -27.57 -0.65 -41.36
C LEU R 1 -26.83 -0.95 -40.05
N GLY R 2 -25.97 -1.97 -40.06
CA GLY R 2 -25.30 -2.40 -38.85
C GLY R 2 -24.03 -1.63 -38.51
N TYR R 3 -23.46 -2.01 -37.36
CA TYR R 3 -22.33 -1.29 -36.78
C TYR R 3 -21.01 -1.52 -37.51
N THR R 4 -20.85 -2.65 -38.18
CA THR R 4 -19.55 -3.03 -38.74
C THR R 4 -19.20 -2.30 -40.03
N GLY R 5 -20.18 -1.70 -40.71
CA GLY R 5 -19.96 -1.12 -42.01
C GLY R 5 -19.86 -2.12 -43.16
N LEU R 6 -20.07 -3.41 -42.91
CA LEU R 6 -20.34 -4.34 -43.99
C LEU R 6 -21.71 -4.07 -44.60
N THR R 7 -21.81 -4.19 -45.92
CA THR R 7 -23.12 -4.23 -46.55
C THR R 7 -23.80 -5.58 -46.31
N ASP R 8 -25.11 -5.61 -46.58
CA ASP R 8 -25.87 -6.85 -46.49
C ASP R 8 -25.34 -7.91 -47.45
N GLU R 9 -24.95 -7.49 -48.66
CA GLU R 9 -24.34 -8.39 -49.63
C GLU R 9 -22.97 -8.91 -49.16
N GLN R 10 -22.17 -8.05 -48.54
CA GLN R 10 -20.91 -8.48 -47.95
C GLN R 10 -21.12 -9.44 -46.76
N ALA R 11 -22.14 -9.18 -45.95
CA ALA R 11 -22.46 -10.09 -44.85
C ALA R 11 -22.90 -11.47 -45.33
N GLN R 12 -23.71 -11.52 -46.40
CA GLN R 12 -24.05 -12.81 -47.02
C GLN R 12 -22.82 -13.55 -47.54
N GLU R 13 -21.93 -12.83 -48.23
CA GLU R 13 -20.71 -13.44 -48.75
C GLU R 13 -19.84 -14.01 -47.63
N LEU R 14 -19.53 -13.18 -46.63
CA LEU R 14 -18.72 -13.63 -45.50
C LEU R 14 -19.35 -14.80 -44.76
N HIS R 15 -20.66 -14.74 -44.50
CA HIS R 15 -21.35 -15.85 -43.82
C HIS R 15 -21.27 -17.16 -44.60
N SER R 16 -21.43 -17.10 -45.93
CA SER R 16 -21.41 -18.33 -46.72
C SER R 16 -20.05 -19.03 -46.66
N VAL R 17 -18.97 -18.25 -46.67
CA VAL R 17 -17.64 -18.84 -46.50
C VAL R 17 -17.44 -19.35 -45.07
N TYR R 18 -17.85 -18.56 -44.08
CA TYR R 18 -17.79 -18.99 -42.69
C TYR R 18 -18.52 -20.31 -42.46
N MET R 19 -19.76 -20.42 -42.96
CA MET R 19 -20.52 -21.65 -42.78
C MET R 19 -19.89 -22.85 -43.47
N SER R 20 -19.22 -22.65 -44.61
CA SER R 20 -18.51 -23.75 -45.24
C SER R 20 -17.32 -24.21 -44.39
N GLY R 21 -16.66 -23.29 -43.70
CA GLY R 21 -15.69 -23.68 -42.69
C GLY R 21 -16.31 -24.45 -41.53
N LEU R 22 -17.44 -23.96 -41.01
CA LEU R 22 -18.16 -24.66 -39.93
C LEU R 22 -18.51 -26.10 -40.30
N TRP R 23 -19.10 -26.29 -41.48
CA TRP R 23 -19.50 -27.65 -41.88
C TRP R 23 -18.30 -28.55 -42.13
N LEU R 24 -17.23 -28.02 -42.73
CA LEU R 24 -16.01 -28.80 -42.89
C LEU R 24 -15.44 -29.23 -41.54
N PHE R 25 -15.28 -28.28 -40.62
CA PHE R 25 -14.73 -28.58 -39.30
C PHE R 25 -15.59 -29.61 -38.55
N SER R 26 -16.91 -29.42 -38.55
CA SER R 26 -17.80 -30.36 -37.88
C SER R 26 -17.87 -31.72 -38.58
N ALA R 27 -17.73 -31.76 -39.90
CA ALA R 27 -17.64 -33.03 -40.61
C ALA R 27 -16.44 -33.86 -40.15
N VAL R 28 -15.27 -33.22 -40.05
CA VAL R 28 -14.10 -33.89 -39.47
C VAL R 28 -14.37 -34.35 -38.04
N ALA R 29 -14.96 -33.47 -37.22
CA ALA R 29 -15.27 -33.83 -35.84
C ALA R 29 -16.25 -35.00 -35.74
N ILE R 30 -17.25 -35.04 -36.62
CA ILE R 30 -18.19 -36.16 -36.63
C ILE R 30 -17.48 -37.49 -36.90
N VAL R 31 -16.60 -37.50 -37.91
CA VAL R 31 -15.85 -38.72 -38.23
C VAL R 31 -14.92 -39.11 -37.08
N ALA R 32 -14.26 -38.13 -36.47
CA ALA R 32 -13.45 -38.40 -35.27
C ALA R 32 -14.28 -39.04 -34.16
N HIS R 33 -15.46 -38.48 -33.88
CA HIS R 33 -16.34 -39.08 -32.86
C HIS R 33 -16.79 -40.49 -33.22
N LEU R 34 -17.14 -40.72 -34.48
CA LEU R 34 -17.57 -42.04 -34.91
C LEU R 34 -16.46 -43.09 -34.76
N ALA R 35 -15.25 -42.75 -35.20
CA ALA R 35 -14.11 -43.65 -35.00
C ALA R 35 -13.87 -43.96 -33.53
N VAL R 36 -13.87 -42.93 -32.67
CA VAL R 36 -13.65 -43.14 -31.25
C VAL R 36 -14.79 -43.94 -30.62
N TYR R 37 -16.03 -43.68 -31.05
CA TYR R 37 -17.14 -44.47 -30.54
C TYR R 37 -17.03 -45.94 -30.93
N ILE R 38 -16.63 -46.22 -32.17
CA ILE R 38 -16.42 -47.59 -32.59
C ILE R 38 -15.27 -48.22 -31.82
N TRP R 39 -14.17 -47.48 -31.65
CA TRP R 39 -13.04 -47.96 -30.85
C TRP R 39 -13.40 -48.18 -29.38
N ARG R 40 -14.17 -47.27 -28.78
CA ARG R 40 -14.38 -47.30 -27.33
C ARG R 40 -15.64 -46.54 -26.95
N PRO R 41 -16.81 -47.17 -27.05
CA PRO R 41 -18.08 -46.49 -26.74
C PRO R 41 -18.13 -45.90 -25.33
N TRP R 42 -18.56 -44.65 -25.24
CA TRP R 42 -18.74 -43.98 -23.95
C TRP R 42 -20.17 -44.11 -23.42
N PHE R 43 -21.01 -44.90 -24.10
CA PHE R 43 -22.37 -45.19 -23.65
C PHE R 43 -22.60 -46.69 -23.69
N LEU S 1 -37.87 7.11 -29.82
CA LEU S 1 -37.09 5.86 -29.80
C LEU S 1 -36.49 5.61 -28.42
N GLY S 2 -35.82 4.48 -28.27
CA GLY S 2 -35.08 4.16 -27.07
C GLY S 2 -33.65 4.66 -27.05
N TYR S 3 -32.87 4.12 -26.12
CA TYR S 3 -31.50 4.53 -25.89
C TYR S 3 -30.51 4.00 -26.92
N THR S 4 -30.83 2.92 -27.62
CA THR S 4 -29.87 2.27 -28.51
C THR S 4 -29.83 2.86 -29.91
N GLY S 5 -30.86 3.61 -30.30
CA GLY S 5 -30.99 4.13 -31.65
C GLY S 5 -31.51 3.15 -32.67
N LEU S 6 -31.76 1.89 -32.32
CA LEU S 6 -32.50 1.01 -33.22
C LEU S 6 -33.91 1.55 -33.41
N THR S 7 -34.35 1.59 -34.67
CA THR S 7 -35.75 1.90 -34.94
C THR S 7 -36.64 0.74 -34.52
N ASP S 8 -37.96 1.00 -34.50
CA ASP S 8 -38.92 -0.04 -34.16
C ASP S 8 -38.87 -1.20 -35.15
N GLU S 9 -38.72 -0.90 -36.44
CA GLU S 9 -38.59 -1.94 -37.45
C GLU S 9 -37.28 -2.72 -37.32
N GLN S 10 -36.18 -2.02 -37.05
CA GLN S 10 -34.91 -2.69 -36.78
C GLN S 10 -34.99 -3.58 -35.54
N ALA S 11 -35.67 -3.11 -34.50
CA ALA S 11 -35.84 -3.92 -33.29
C ALA S 11 -36.70 -5.15 -33.54
N GLN S 12 -37.80 -5.01 -34.29
CA GLN S 12 -38.61 -6.17 -34.66
C GLN S 12 -37.83 -7.17 -35.52
N GLU S 13 -37.03 -6.66 -36.47
CA GLU S 13 -36.23 -7.54 -37.31
C GLU S 13 -35.20 -8.31 -36.50
N LEU S 14 -34.39 -7.61 -35.71
CA LEU S 14 -33.38 -8.27 -34.88
C LEU S 14 -34.00 -9.28 -33.91
N HIS S 15 -35.11 -8.92 -33.26
CA HIS S 15 -35.80 -9.86 -32.37
C HIS S 15 -36.26 -11.12 -33.09
N SER S 16 -36.75 -10.99 -34.32
CA SER S 16 -37.22 -12.16 -35.06
C SER S 16 -36.08 -13.14 -35.33
N VAL S 17 -34.90 -12.63 -35.70
CA VAL S 17 -33.74 -13.49 -35.87
C VAL S 17 -33.29 -14.09 -34.55
N TYR S 18 -33.15 -13.25 -33.52
CA TYR S 18 -32.74 -13.71 -32.19
C TYR S 18 -33.63 -14.83 -31.67
N MET S 19 -34.95 -14.66 -31.75
CA MET S 19 -35.88 -15.68 -31.24
C MET S 19 -35.78 -16.99 -32.02
N SER S 20 -35.55 -16.93 -33.33
CA SER S 20 -35.34 -18.16 -34.08
C SER S 20 -34.07 -18.88 -33.66
N GLY S 21 -33.00 -18.13 -33.33
CA GLY S 21 -31.84 -18.75 -32.72
C GLY S 21 -32.12 -19.37 -31.36
N LEU S 22 -32.88 -18.65 -30.52
CA LEU S 22 -33.29 -19.18 -29.21
C LEU S 22 -34.11 -20.45 -29.34
N TRP S 23 -35.10 -20.47 -30.24
CA TRP S 23 -35.88 -21.70 -30.44
C TRP S 23 -35.03 -22.84 -30.97
N LEU S 24 -34.12 -22.56 -31.90
CA LEU S 24 -33.22 -23.60 -32.41
C LEU S 24 -32.36 -24.17 -31.29
N PHE S 25 -31.71 -23.30 -30.52
CA PHE S 25 -30.87 -23.72 -29.39
C PHE S 25 -31.68 -24.53 -28.36
N SER S 26 -32.86 -24.04 -27.99
CA SER S 26 -33.68 -24.74 -27.00
C SER S 26 -34.29 -26.04 -27.52
N ALA S 27 -34.63 -26.11 -28.81
CA ALA S 27 -35.06 -27.38 -29.39
C ALA S 27 -33.98 -28.47 -29.27
N VAL S 28 -32.75 -28.13 -29.62
CA VAL S 28 -31.63 -29.08 -29.45
C VAL S 28 -31.49 -29.48 -27.98
N ALA S 29 -31.55 -28.51 -27.07
CA ALA S 29 -31.45 -28.79 -25.64
C ALA S 29 -32.57 -29.71 -25.14
N ILE S 30 -33.79 -29.54 -25.66
CA ILE S 30 -34.89 -30.43 -25.28
C ILE S 30 -34.60 -31.87 -25.68
N VAL S 31 -34.12 -32.07 -26.91
CA VAL S 31 -33.78 -33.41 -27.38
C VAL S 31 -32.65 -34.02 -26.55
N ALA S 32 -31.62 -33.24 -26.25
CA ALA S 32 -30.56 -33.68 -25.36
C ALA S 32 -31.10 -34.12 -23.99
N HIS S 33 -31.95 -33.29 -23.37
CA HIS S 33 -32.54 -33.67 -22.09
C HIS S 33 -33.40 -34.91 -22.19
N LEU S 34 -34.21 -35.03 -23.25
CA LEU S 34 -35.03 -36.23 -23.44
C LEU S 34 -34.17 -37.48 -23.59
N ALA S 35 -33.12 -37.40 -24.40
CA ALA S 35 -32.19 -38.52 -24.56
C ALA S 35 -31.56 -38.94 -23.24
N VAL S 36 -31.04 -37.97 -22.48
CA VAL S 36 -30.43 -38.27 -21.19
C VAL S 36 -31.46 -38.79 -20.19
N TYR S 37 -32.68 -38.24 -20.20
CA TYR S 37 -33.69 -38.73 -19.26
C TYR S 37 -34.07 -40.18 -19.54
N ILE S 38 -34.27 -40.52 -20.81
CA ILE S 38 -34.60 -41.91 -21.16
C ILE S 38 -33.44 -42.82 -20.81
N TRP S 39 -32.20 -42.38 -21.09
CA TRP S 39 -31.01 -43.13 -20.71
C TRP S 39 -30.87 -43.28 -19.20
N ARG S 40 -31.14 -42.22 -18.43
CA ARG S 40 -30.79 -42.21 -17.01
C ARG S 40 -31.64 -41.17 -16.27
N PRO S 41 -32.86 -41.53 -15.88
CA PRO S 41 -33.75 -40.58 -15.18
C PRO S 41 -33.14 -40.00 -13.92
N TRP S 42 -33.20 -38.66 -13.79
CA TRP S 42 -32.77 -37.98 -12.59
C TRP S 42 -33.91 -37.73 -11.60
N PHE S 43 -35.11 -38.22 -11.88
CA PHE S 43 -36.18 -38.33 -10.90
C PHE S 43 -36.60 -39.77 -10.76
N LEU T 1 -41.81 15.20 -12.81
CA LEU T 1 -40.64 14.95 -11.98
C LEU T 1 -39.40 14.73 -12.86
N GLY T 2 -39.43 13.69 -13.71
CA GLY T 2 -38.59 13.66 -14.88
C GLY T 2 -37.18 13.13 -14.72
N TYR T 3 -36.92 12.30 -13.70
CA TYR T 3 -35.58 11.78 -13.47
C TYR T 3 -35.05 10.99 -14.67
N THR T 4 -35.89 10.18 -15.31
CA THR T 4 -35.45 9.31 -16.39
C THR T 4 -35.61 9.92 -17.78
N GLY T 5 -36.43 10.97 -17.90
CA GLY T 5 -36.83 11.49 -19.19
C GLY T 5 -37.92 10.73 -19.91
N LEU T 6 -38.37 9.59 -19.38
CA LEU T 6 -39.52 8.90 -19.97
C LEU T 6 -40.79 9.71 -19.75
N THR T 7 -41.62 9.79 -20.78
CA THR T 7 -42.96 10.35 -20.61
C THR T 7 -43.84 9.39 -19.82
N ASP T 8 -44.98 9.93 -19.36
CA ASP T 8 -46.00 9.10 -18.72
C ASP T 8 -46.52 8.00 -19.64
N GLU T 9 -46.71 8.31 -20.93
CA GLU T 9 -47.13 7.31 -21.90
C GLU T 9 -46.06 6.22 -22.08
N GLN T 10 -44.81 6.62 -22.24
CA GLN T 10 -43.71 5.66 -22.35
C GLN T 10 -43.63 4.77 -21.12
N ALA T 11 -43.82 5.35 -19.93
CA ALA T 11 -43.84 4.56 -18.70
C ALA T 11 -45.00 3.56 -18.66
N GLN T 12 -46.19 3.97 -19.10
CA GLN T 12 -47.31 3.04 -19.19
C GLN T 12 -47.01 1.87 -20.12
N GLU T 13 -46.45 2.16 -21.30
CA GLU T 13 -46.12 1.12 -22.27
C GLU T 13 -45.09 0.15 -21.72
N LEU T 14 -43.93 0.67 -21.30
CA LEU T 14 -42.85 -0.17 -20.79
C LEU T 14 -43.28 -1.00 -19.57
N HIS T 15 -44.07 -0.41 -18.67
CA HIS T 15 -44.58 -1.18 -17.53
C HIS T 15 -45.47 -2.33 -17.95
N SER T 16 -46.36 -2.12 -18.92
CA SER T 16 -47.29 -3.18 -19.32
C SER T 16 -46.57 -4.41 -19.86
N VAL T 17 -45.52 -4.21 -20.65
CA VAL T 17 -44.75 -5.33 -21.18
C VAL T 17 -43.80 -5.92 -20.13
N TYR T 18 -43.18 -5.08 -19.30
CA TYR T 18 -42.45 -5.59 -18.14
C TYR T 18 -43.32 -6.48 -17.27
N MET T 19 -44.55 -6.03 -16.96
CA MET T 19 -45.45 -6.83 -16.13
C MET T 19 -45.83 -8.15 -16.79
N SER T 20 -45.96 -8.18 -18.11
CA SER T 20 -46.21 -9.45 -18.80
C SER T 20 -45.03 -10.40 -18.69
N GLY T 21 -43.81 -9.87 -18.75
CA GLY T 21 -42.63 -10.68 -18.45
C GLY T 21 -42.61 -11.21 -17.03
N LEU T 22 -42.89 -10.34 -16.05
CA LEU T 22 -42.99 -10.76 -14.66
C LEU T 22 -44.05 -11.83 -14.42
N TRP T 23 -45.24 -11.68 -15.03
CA TRP T 23 -46.25 -12.74 -14.91
C TRP T 23 -45.79 -14.04 -15.58
N LEU T 24 -45.14 -13.95 -16.73
CA LEU T 24 -44.62 -15.16 -17.39
C LEU T 24 -43.58 -15.87 -16.52
N PHE T 25 -42.59 -15.12 -16.03
CA PHE T 25 -41.56 -15.70 -15.17
C PHE T 25 -42.14 -16.32 -13.91
N SER T 26 -43.05 -15.60 -13.25
CA SER T 26 -43.68 -16.12 -12.02
C SER T 26 -44.61 -17.30 -12.30
N ALA T 27 -45.31 -17.31 -13.43
CA ALA T 27 -46.13 -18.46 -13.78
C ALA T 27 -45.30 -19.73 -13.95
N VAL T 28 -44.17 -19.64 -14.65
CA VAL T 28 -43.25 -20.76 -14.75
C VAL T 28 -42.74 -21.18 -13.37
N ALA T 29 -42.35 -20.20 -12.55
CA ALA T 29 -41.87 -20.49 -11.20
C ALA T 29 -42.93 -21.15 -10.33
N ILE T 30 -44.18 -20.69 -10.41
CA ILE T 30 -45.26 -21.29 -9.63
C ILE T 30 -45.46 -22.76 -10.00
N VAL T 31 -45.44 -23.06 -11.30
CA VAL T 31 -45.55 -24.45 -11.74
C VAL T 31 -44.34 -25.26 -11.29
N ALA T 32 -43.13 -24.71 -11.44
CA ALA T 32 -41.94 -25.36 -10.91
C ALA T 32 -42.04 -25.68 -9.42
N HIS T 33 -42.54 -24.74 -8.62
CA HIS T 33 -42.74 -25.02 -7.19
C HIS T 33 -43.81 -26.07 -6.94
N LEU T 34 -44.90 -26.04 -7.70
CA LEU T 34 -45.95 -27.05 -7.55
C LEU T 34 -45.42 -28.45 -7.85
N ALA T 35 -44.65 -28.58 -8.94
CA ALA T 35 -44.04 -29.87 -9.28
C ALA T 35 -43.16 -30.40 -8.16
N VAL T 36 -42.27 -29.57 -7.63
CA VAL T 36 -41.39 -29.98 -6.53
C VAL T 36 -42.19 -30.28 -5.26
N TYR T 37 -43.23 -29.52 -4.97
CA TYR T 37 -44.00 -29.81 -3.75
C TYR T 37 -44.76 -31.13 -3.86
N ILE T 38 -45.28 -31.45 -5.05
CA ILE T 38 -45.91 -32.75 -5.25
C ILE T 38 -44.86 -33.87 -5.19
N TRP T 39 -43.70 -33.63 -5.80
CA TRP T 39 -42.60 -34.60 -5.76
C TRP T 39 -42.06 -34.79 -4.35
N ARG T 40 -41.85 -33.71 -3.60
CA ARG T 40 -41.13 -33.78 -2.34
C ARG T 40 -41.49 -32.60 -1.44
N PRO T 41 -42.61 -32.68 -0.72
CA PRO T 41 -43.07 -31.57 0.13
C PRO T 41 -42.02 -31.09 1.13
N TRP T 42 -41.77 -29.79 1.14
CA TRP T 42 -40.86 -29.22 2.13
C TRP T 42 -41.56 -28.81 3.42
N PHE T 43 -42.85 -28.51 3.37
CA PHE T 43 -43.68 -28.54 4.57
C PHE T 43 -44.31 -29.91 4.76
N LEU U 1 -41.09 25.86 -0.64
CA LEU U 1 -41.84 24.62 -0.53
C LEU U 1 -40.95 23.45 -0.11
N GLY U 2 -40.04 23.02 -0.99
CA GLY U 2 -39.24 21.83 -0.68
C GLY U 2 -37.89 21.81 -1.36
N TYR U 3 -37.08 20.84 -0.89
CA TYR U 3 -35.72 20.64 -1.39
C TYR U 3 -35.69 19.82 -2.67
N THR U 4 -36.65 18.91 -2.84
CA THR U 4 -36.62 17.93 -3.92
C THR U 4 -37.12 18.47 -5.24
N GLY U 5 -37.78 19.63 -5.24
CA GLY U 5 -38.49 20.15 -6.39
C GLY U 5 -39.90 19.63 -6.58
N LEU U 6 -40.32 18.63 -5.81
CA LEU U 6 -41.71 18.18 -5.85
C LEU U 6 -42.64 19.25 -5.30
N THR U 7 -43.74 19.49 -6.00
CA THR U 7 -44.83 20.26 -5.43
C THR U 7 -45.60 19.45 -4.39
N ASP U 8 -46.41 20.17 -3.60
CA ASP U 8 -47.27 19.51 -2.63
C ASP U 8 -48.22 18.52 -3.30
N GLU U 9 -48.75 18.89 -4.47
CA GLU U 9 -49.61 17.99 -5.24
C GLU U 9 -48.86 16.76 -5.72
N GLN U 10 -47.64 16.94 -6.25
CA GLN U 10 -46.80 15.81 -6.65
C GLN U 10 -46.42 14.93 -5.46
N ALA U 11 -46.12 15.53 -4.31
CA ALA U 11 -45.78 14.75 -3.13
C ALA U 11 -46.96 13.92 -2.63
N GLN U 12 -48.17 14.48 -2.64
CA GLN U 12 -49.36 13.69 -2.33
C GLN U 12 -49.56 12.56 -3.34
N GLU U 13 -49.35 12.84 -4.63
CA GLU U 13 -49.47 11.82 -5.66
C GLU U 13 -48.50 10.66 -5.41
N LEU U 14 -47.21 10.97 -5.31
CA LEU U 14 -46.20 9.94 -5.08
C LEU U 14 -46.45 9.17 -3.78
N HIS U 15 -46.84 9.86 -2.70
CA HIS U 15 -47.09 9.19 -1.43
C HIS U 15 -48.25 8.20 -1.50
N SER U 16 -49.32 8.55 -2.21
CA SER U 16 -50.46 7.65 -2.31
C SER U 16 -50.07 6.33 -2.96
N VAL U 17 -49.23 6.39 -3.99
CA VAL U 17 -48.75 5.19 -4.67
C VAL U 17 -47.75 4.43 -3.81
N TYR U 18 -46.79 5.14 -3.22
CA TYR U 18 -45.85 4.53 -2.29
C TYR U 18 -46.54 3.77 -1.16
N MET U 19 -47.54 4.40 -0.53
CA MET U 19 -48.27 3.76 0.56
C MET U 19 -49.05 2.53 0.10
N SER U 20 -49.55 2.52 -1.14
CA SER U 20 -50.19 1.31 -1.65
C SER U 20 -49.20 0.17 -1.82
N GLY U 21 -47.97 0.48 -2.25
CA GLY U 21 -46.92 -0.53 -2.26
C GLY U 21 -46.58 -1.04 -0.88
N LEU U 22 -46.41 -0.12 0.08
CA LEU U 22 -46.15 -0.49 1.47
C LEU U 22 -47.24 -1.37 2.07
N TRP U 23 -48.52 -1.03 1.85
CA TRP U 23 -49.60 -1.87 2.36
C TRP U 23 -49.67 -3.22 1.65
N LEU U 24 -49.42 -3.25 0.34
CA LEU U 24 -49.33 -4.53 -0.36
C LEU U 24 -48.23 -5.41 0.24
N PHE U 25 -47.02 -4.87 0.34
CA PHE U 25 -45.89 -5.62 0.89
C PHE U 25 -46.15 -6.11 2.31
N SER U 26 -46.66 -5.22 3.18
CA SER U 26 -46.97 -5.62 4.55
C SER U 26 -48.11 -6.62 4.64
N ALA U 27 -49.11 -6.54 3.76
CA ALA U 27 -50.16 -7.55 3.73
C ALA U 27 -49.62 -8.94 3.44
N VAL U 28 -48.69 -9.06 2.49
CA VAL U 28 -48.04 -10.34 2.22
C VAL U 28 -47.22 -10.81 3.41
N ALA U 29 -46.45 -9.91 4.02
CA ALA U 29 -45.69 -10.25 5.22
C ALA U 29 -46.58 -10.72 6.37
N ILE U 30 -47.74 -10.10 6.56
CA ILE U 30 -48.65 -10.51 7.62
C ILE U 30 -49.14 -11.94 7.41
N VAL U 31 -49.56 -12.26 6.17
CA VAL U 31 -49.98 -13.62 5.85
C VAL U 31 -48.85 -14.62 6.02
N ALA U 32 -47.65 -14.26 5.55
CA ALA U 32 -46.48 -15.12 5.76
C ALA U 32 -46.21 -15.37 7.24
N HIS U 33 -46.20 -14.32 8.07
CA HIS U 33 -45.99 -14.51 9.51
C HIS U 33 -47.11 -15.34 10.15
N LEU U 34 -48.35 -15.11 9.74
CA LEU U 34 -49.46 -15.93 10.25
C LEU U 34 -49.28 -17.40 9.92
N ALA U 35 -49.02 -17.72 8.65
CA ALA U 35 -48.84 -19.11 8.23
C ALA U 35 -47.69 -19.78 8.98
N VAL U 36 -46.56 -19.09 9.10
CA VAL U 36 -45.43 -19.63 9.87
C VAL U 36 -45.79 -19.82 11.34
N TYR U 37 -46.51 -18.86 11.93
CA TYR U 37 -46.87 -19.00 13.34
C TYR U 37 -47.81 -20.17 13.59
N ILE U 38 -48.79 -20.38 12.71
CA ILE U 38 -49.66 -21.55 12.84
C ILE U 38 -48.88 -22.84 12.65
N TRP U 39 -47.96 -22.87 11.68
CA TRP U 39 -47.10 -24.03 11.48
C TRP U 39 -46.18 -24.28 12.66
N ARG U 40 -45.53 -23.24 13.19
CA ARG U 40 -44.44 -23.42 14.15
C ARG U 40 -44.30 -22.18 15.03
N PRO U 41 -45.13 -22.07 16.07
CA PRO U 41 -45.12 -20.89 16.95
C PRO U 41 -43.76 -20.61 17.57
N TRP U 42 -43.33 -19.35 17.51
CA TRP U 42 -42.09 -18.93 18.14
C TRP U 42 -42.27 -18.34 19.54
N PHE U 43 -43.49 -18.35 20.07
CA PHE U 43 -43.73 -18.03 21.49
C PHE U 43 -44.43 -19.19 22.19
N LEU V 1 -36.67 33.08 12.25
CA LEU V 1 -35.42 33.25 11.50
C LEU V 1 -34.31 32.41 12.13
N GLY V 2 -33.57 31.69 11.30
CA GLY V 2 -32.46 30.91 11.77
C GLY V 2 -31.51 30.48 10.68
N TYR V 3 -30.77 29.40 10.97
CA TYR V 3 -29.71 28.91 10.08
C TYR V 3 -30.25 28.17 8.86
N THR V 4 -31.42 27.53 8.97
CA THR V 4 -31.90 26.62 7.93
C THR V 4 -32.68 27.33 6.82
N GLY V 5 -33.16 28.54 7.06
CA GLY V 5 -34.08 29.20 6.16
C GLY V 5 -35.51 28.73 6.19
N LEU V 6 -35.87 27.84 7.13
CA LEU V 6 -37.28 27.61 7.42
C LEU V 6 -37.89 28.83 8.09
N THR V 7 -39.10 29.19 7.68
CA THR V 7 -39.86 30.16 8.45
C THR V 7 -40.34 29.55 9.76
N ASP V 8 -40.72 30.42 10.70
CA ASP V 8 -41.34 29.97 11.93
C ASP V 8 -42.62 29.17 11.65
N GLU V 9 -43.40 29.61 10.67
CA GLU V 9 -44.59 28.88 10.24
C GLU V 9 -44.25 27.48 9.73
N GLN V 10 -43.24 27.38 8.86
CA GLN V 10 -42.79 26.07 8.37
C GLN V 10 -42.22 25.22 9.50
N ALA V 11 -41.45 25.81 10.40
CA ALA V 11 -40.90 25.09 11.54
C ALA V 11 -41.99 24.54 12.46
N GLN V 12 -43.00 25.35 12.77
CA GLN V 12 -44.13 24.86 13.57
C GLN V 12 -44.87 23.71 12.90
N GLU V 13 -45.15 23.84 11.60
CA GLU V 13 -45.85 22.76 10.90
C GLU V 13 -45.04 21.48 10.87
N LEU V 14 -43.79 21.54 10.41
CA LEU V 14 -42.94 20.36 10.35
C LEU V 14 -42.87 19.66 11.71
N HIS V 15 -42.68 20.42 12.78
CA HIS V 15 -42.65 19.84 14.12
C HIS V 15 -43.93 19.09 14.48
N SER V 16 -45.08 19.61 14.08
CA SER V 16 -46.33 18.91 14.37
C SER V 16 -46.41 17.58 13.64
N VAL V 17 -45.93 17.53 12.40
CA VAL V 17 -45.91 16.26 11.67
C VAL V 17 -44.88 15.30 12.28
N TYR V 18 -43.67 15.80 12.52
CA TYR V 18 -42.63 15.00 13.16
C TYR V 18 -43.06 14.39 14.48
N MET V 19 -43.63 15.21 15.37
CA MET V 19 -44.10 14.71 16.65
C MET V 19 -45.18 13.64 16.52
N SER V 20 -46.02 13.72 15.50
CA SER V 20 -47.01 12.65 15.29
C SER V 20 -46.35 11.35 14.86
N GLY V 21 -45.26 11.43 14.07
CA GLY V 21 -44.44 10.25 13.83
C GLY V 21 -43.78 9.70 15.08
N LEU V 22 -43.22 10.59 15.90
CA LEU V 22 -42.59 10.18 17.15
C LEU V 22 -43.59 9.48 18.09
N TRP V 23 -44.77 10.07 18.27
CA TRP V 23 -45.79 9.45 19.12
C TRP V 23 -46.25 8.11 18.56
N LEU V 24 -46.42 8.02 17.24
CA LEU V 24 -46.81 6.76 16.61
C LEU V 24 -45.76 5.67 16.86
N PHE V 25 -44.49 5.97 16.57
CA PHE V 25 -43.41 5.01 16.81
C PHE V 25 -43.34 4.60 18.28
N SER V 26 -43.36 5.58 19.19
CA SER V 26 -43.27 5.29 20.61
C SER V 26 -44.47 4.53 21.16
N ALA V 27 -45.67 4.78 20.63
CA ALA V 27 -46.83 3.98 21.00
C ALA V 27 -46.67 2.51 20.64
N VAL V 28 -46.19 2.23 19.42
CA VAL V 28 -45.92 0.85 19.02
C VAL V 28 -44.87 0.23 19.92
N ALA V 29 -43.78 0.96 20.19
CA ALA V 29 -42.76 0.50 21.13
C ALA V 29 -43.31 0.21 22.52
N ILE V 30 -44.18 1.08 23.04
CA ILE V 30 -44.78 0.84 24.35
C ILE V 30 -45.60 -0.45 24.36
N VAL V 31 -46.42 -0.67 23.32
CA VAL V 31 -47.19 -1.91 23.22
C VAL V 31 -46.27 -3.12 23.12
N ALA V 32 -45.22 -3.03 22.31
CA ALA V 32 -44.24 -4.11 22.22
C ALA V 32 -43.59 -4.43 23.57
N HIS V 33 -43.19 -3.40 24.32
CA HIS V 33 -42.61 -3.64 25.65
C HIS V 33 -43.60 -4.25 26.63
N LEU V 34 -44.85 -3.79 26.64
CA LEU V 34 -45.86 -4.39 27.52
C LEU V 34 -46.04 -5.88 27.21
N ALA V 35 -46.20 -6.22 25.93
CA ALA V 35 -46.33 -7.62 25.53
C ALA V 35 -45.16 -8.47 26.01
N VAL V 36 -43.93 -7.99 25.78
CA VAL V 36 -42.75 -8.72 26.24
C VAL V 36 -42.68 -8.80 27.77
N TYR V 37 -43.06 -7.73 28.47
CA TYR V 37 -43.03 -7.81 29.93
C TYR V 37 -44.09 -8.77 30.45
N ILE V 38 -45.29 -8.76 29.86
CA ILE V 38 -46.32 -9.73 30.22
C ILE V 38 -45.82 -11.15 29.97
N TRP V 39 -45.23 -11.37 28.79
CA TRP V 39 -44.68 -12.67 28.43
C TRP V 39 -43.52 -13.09 29.32
N ARG V 40 -42.56 -12.19 29.57
CA ARG V 40 -41.30 -12.57 30.23
C ARG V 40 -40.69 -11.37 30.96
N PRO V 41 -41.18 -11.10 32.17
CA PRO V 41 -40.69 -9.94 32.96
C PRO V 41 -39.18 -9.89 33.13
N TRP V 42 -38.59 -8.73 32.82
CA TRP V 42 -37.15 -8.52 33.02
C TRP V 42 -36.83 -7.84 34.36
N PHE V 43 -37.85 -7.48 35.14
CA PHE V 43 -37.68 -7.24 36.58
C PHE V 43 -38.48 -8.28 37.36
N LEU W 1 -22.25 42.25 19.77
CA LEU W 1 -21.36 41.68 20.80
C LEU W 1 -21.38 40.15 20.73
N GLY W 2 -20.25 39.54 21.07
CA GLY W 2 -20.07 38.10 20.97
C GLY W 2 -19.69 37.63 19.58
N TYR W 3 -19.33 36.35 19.50
CA TYR W 3 -18.86 35.74 18.26
C TYR W 3 -19.96 35.18 17.36
N THR W 4 -21.08 34.73 17.91
CA THR W 4 -22.11 34.12 17.07
C THR W 4 -22.94 35.12 16.29
N GLY W 5 -23.03 36.36 16.76
CA GLY W 5 -23.93 37.35 16.21
C GLY W 5 -25.39 37.23 16.61
N LEU W 6 -25.75 36.28 17.46
CA LEU W 6 -27.08 36.26 18.03
C LEU W 6 -27.33 37.54 18.82
N THR W 7 -28.55 38.06 18.71
CA THR W 7 -28.95 39.15 19.60
C THR W 7 -29.13 38.63 21.02
N ASP W 8 -29.06 39.54 21.99
CA ASP W 8 -29.29 39.18 23.38
C ASP W 8 -30.69 38.61 23.59
N GLU W 9 -31.69 39.14 22.88
CA GLU W 9 -33.03 38.58 22.92
C GLU W 9 -33.08 37.16 22.37
N GLN W 10 -32.42 36.91 21.25
CA GLN W 10 -32.32 35.56 20.70
C GLN W 10 -31.65 34.60 21.68
N ALA W 11 -30.55 35.03 22.30
CA ALA W 11 -29.84 34.20 23.26
C ALA W 11 -30.70 33.88 24.49
N GLN W 12 -31.46 34.84 25.00
CA GLN W 12 -32.35 34.58 26.12
C GLN W 12 -33.44 33.56 25.76
N GLU W 13 -34.06 33.73 24.60
CA GLU W 13 -35.08 32.77 24.16
C GLU W 13 -34.49 31.38 24.00
N LEU W 14 -33.40 31.26 23.24
CA LEU W 14 -32.76 29.98 23.01
C LEU W 14 -32.37 29.28 24.31
N HIS W 15 -31.81 30.02 25.26
CA HIS W 15 -31.48 29.44 26.56
C HIS W 15 -32.71 28.95 27.31
N SER W 16 -33.82 29.69 27.24
CA SER W 16 -35.03 29.25 27.94
C SER W 16 -35.55 27.93 27.38
N VAL W 17 -35.48 27.75 26.05
CA VAL W 17 -35.84 26.47 25.44
C VAL W 17 -34.87 25.37 25.84
N TYR W 18 -33.57 25.63 25.70
CA TYR W 18 -32.55 24.66 26.09
C TYR W 18 -32.70 24.20 27.54
N MET W 19 -32.82 25.16 28.47
CA MET W 19 -32.98 24.81 29.88
C MET W 19 -34.28 24.05 30.14
N SER W 20 -35.33 24.30 29.36
CA SER W 20 -36.55 23.50 29.49
C SER W 20 -36.30 22.05 29.10
N GLY W 21 -35.45 21.81 28.11
CA GLY W 21 -35.03 20.46 27.79
C GLY W 21 -34.13 19.82 28.82
N LEU W 22 -33.13 20.57 29.31
CA LEU W 22 -32.25 20.06 30.36
C LEU W 22 -33.01 19.65 31.61
N TRP W 23 -33.93 20.49 32.08
CA TRP W 23 -34.73 20.12 33.25
C TRP W 23 -35.63 18.92 32.97
N LEU W 24 -36.19 18.83 31.76
CA LEU W 24 -36.99 17.67 31.38
C LEU W 24 -36.16 16.39 31.37
N PHE W 25 -35.01 16.42 30.69
CA PHE W 25 -34.13 15.26 30.64
C PHE W 25 -33.67 14.82 32.03
N SER W 26 -33.21 15.77 32.84
CA SER W 26 -32.74 15.45 34.19
C SER W 26 -33.86 14.97 35.12
N ALA W 27 -35.08 15.48 34.96
CA ALA W 27 -36.21 14.96 35.74
C ALA W 27 -36.48 13.49 35.45
N VAL W 28 -36.48 13.11 34.17
CA VAL W 28 -36.62 11.70 33.83
C VAL W 28 -35.48 10.87 34.43
N ALA W 29 -34.25 11.35 34.34
CA ALA W 29 -33.12 10.64 34.91
C ALA W 29 -33.22 10.49 36.42
N ILE W 30 -33.65 11.55 37.12
CA ILE W 30 -33.84 11.48 38.56
C ILE W 30 -34.89 10.43 38.93
N VAL W 31 -36.00 10.38 38.19
CA VAL W 31 -37.00 9.35 38.41
C VAL W 31 -36.41 7.96 38.16
N ALA W 32 -35.64 7.80 37.10
CA ALA W 32 -34.98 6.52 36.81
C ALA W 32 -34.03 6.09 37.93
N HIS W 33 -33.20 7.01 38.43
CA HIS W 33 -32.30 6.69 39.53
C HIS W 33 -33.06 6.32 40.81
N LEU W 34 -34.13 7.05 41.13
CA LEU W 34 -34.92 6.69 42.31
C LEU W 34 -35.51 5.29 42.18
N ALA W 35 -36.10 4.98 41.03
CA ALA W 35 -36.64 3.64 40.79
C ALA W 35 -35.58 2.55 40.90
N VAL W 36 -34.37 2.80 40.38
CA VAL W 36 -33.29 1.83 40.50
C VAL W 36 -32.75 1.71 41.92
N TYR W 37 -32.61 2.83 42.63
CA TYR W 37 -32.16 2.75 44.02
C TYR W 37 -33.18 2.04 44.91
N ILE W 38 -34.47 2.33 44.70
CA ILE W 38 -35.51 1.63 45.44
C ILE W 38 -35.50 0.14 45.11
N TRP W 39 -35.31 -0.19 43.83
CA TRP W 39 -35.18 -1.59 43.42
C TRP W 39 -33.94 -2.26 44.00
N ARG W 40 -32.78 -1.60 43.89
CA ARG W 40 -31.49 -2.26 44.15
C ARG W 40 -30.44 -1.24 44.59
N PRO W 41 -30.45 -0.86 45.87
CA PRO W 41 -29.53 0.16 46.38
C PRO W 41 -28.06 -0.10 46.07
N TRP W 42 -27.37 0.88 45.48
CA TRP W 42 -25.95 0.75 45.24
C TRP W 42 -25.08 1.33 46.36
N PHE W 43 -25.71 1.91 47.39
CA PHE W 43 -25.04 2.17 48.66
C PHE W 43 -25.79 1.41 49.76
N LEU X 1 -6.51 46.62 22.33
CA LEU X 1 -6.05 45.64 23.30
C LEU X 1 -6.55 44.23 22.99
N GLY X 2 -5.80 43.24 23.47
CA GLY X 2 -6.20 41.85 23.45
C GLY X 2 -5.92 41.12 22.15
N TYR X 3 -5.47 39.87 22.27
CA TYR X 3 -5.34 38.98 21.13
C TYR X 3 -6.70 38.45 20.65
N THR X 4 -7.67 38.34 21.56
CA THR X 4 -8.99 37.82 21.23
C THR X 4 -9.91 38.86 20.61
N GLY X 5 -9.57 40.14 20.69
CA GLY X 5 -10.44 41.20 20.24
C GLY X 5 -11.56 41.57 21.20
N LEU X 6 -11.58 40.99 22.39
CA LEU X 6 -12.54 41.37 23.43
C LEU X 6 -12.11 42.67 24.10
N THR X 7 -13.08 43.53 24.40
CA THR X 7 -12.84 44.67 25.27
C THR X 7 -12.71 44.22 26.73
N ASP X 8 -12.18 45.13 27.54
CA ASP X 8 -12.06 44.90 28.98
C ASP X 8 -13.41 44.61 29.63
N GLU X 9 -14.46 45.37 29.28
CA GLU X 9 -15.79 45.09 29.79
C GLU X 9 -16.33 43.74 29.35
N GLN X 10 -16.08 43.36 28.09
CA GLN X 10 -16.50 42.04 27.62
C GLN X 10 -15.77 40.92 28.36
N ALA X 11 -14.46 41.05 28.53
CA ALA X 11 -13.70 40.05 29.28
C ALA X 11 -14.15 39.97 30.74
N GLN X 12 -14.42 41.13 31.35
CA GLN X 12 -14.90 41.17 32.73
C GLN X 12 -16.32 40.62 32.84
N GLU X 13 -17.18 40.93 31.88
CA GLU X 13 -18.51 40.33 31.80
C GLU X 13 -18.42 38.80 31.71
N LEU X 14 -17.67 38.29 30.74
CA LEU X 14 -17.51 36.85 30.54
C LEU X 14 -16.96 36.16 31.79
N HIS X 15 -15.89 36.72 32.37
CA HIS X 15 -15.27 36.12 33.55
C HIS X 15 -16.23 36.00 34.73
N SER X 16 -17.11 36.98 34.92
CA SER X 16 -18.08 36.88 36.01
C SER X 16 -18.96 35.66 35.87
N VAL X 17 -19.36 35.32 34.64
CA VAL X 17 -20.21 34.16 34.41
C VAL X 17 -19.42 32.86 34.47
N TYR X 18 -18.20 32.85 33.91
CA TYR X 18 -17.31 31.70 34.06
C TYR X 18 -17.05 31.36 35.52
N MET X 19 -16.65 32.37 36.32
CA MET X 19 -16.37 32.13 37.73
C MET X 19 -17.59 31.60 38.48
N SER X 20 -18.80 32.08 38.14
CA SER X 20 -19.99 31.55 38.77
C SER X 20 -20.22 30.07 38.43
N GLY X 21 -19.86 29.67 37.21
CA GLY X 21 -19.87 28.25 36.87
C GLY X 21 -18.84 27.44 37.62
N LEU X 22 -17.60 27.94 37.65
CA LEU X 22 -16.53 27.30 38.42
C LEU X 22 -16.89 27.12 39.89
N TRP X 23 -17.42 28.16 40.55
CA TRP X 23 -17.82 28.01 41.95
C TRP X 23 -18.97 27.03 42.14
N LEU X 24 -19.96 27.05 41.23
CA LEU X 24 -21.06 26.09 41.31
C LEU X 24 -20.58 24.66 41.14
N PHE X 25 -19.75 24.41 40.13
CA PHE X 25 -19.14 23.09 39.94
C PHE X 25 -18.29 22.68 41.13
N SER X 26 -17.51 23.61 41.68
CA SER X 26 -16.73 23.34 42.89
C SER X 26 -17.60 23.01 44.09
N ALA X 27 -18.72 23.73 44.26
CA ALA X 27 -19.61 23.47 45.39
C ALA X 27 -20.21 22.07 45.32
N VAL X 28 -20.69 21.67 44.14
CA VAL X 28 -21.18 20.30 43.94
C VAL X 28 -20.08 19.28 44.26
N ALA X 29 -18.87 19.52 43.75
CA ALA X 29 -17.74 18.63 44.02
C ALA X 29 -17.41 18.55 45.51
N ILE X 30 -17.40 19.68 46.21
CA ILE X 30 -17.14 19.68 47.65
C ILE X 30 -18.16 18.83 48.39
N VAL X 31 -19.45 18.99 48.06
CA VAL X 31 -20.49 18.17 48.67
C VAL X 31 -20.29 16.69 48.35
N ALA X 32 -19.96 16.38 47.09
CA ALA X 32 -19.68 15.00 46.70
C ALA X 32 -18.52 14.40 47.50
N HIS X 33 -17.40 15.12 47.61
CA HIS X 33 -16.27 14.64 48.41
C HIS X 33 -16.66 14.45 49.87
N LEU X 34 -17.37 15.42 50.45
CA LEU X 34 -17.82 15.29 51.83
C LEU X 34 -18.68 14.05 52.04
N ALA X 35 -19.64 13.81 51.14
CA ALA X 35 -20.48 12.62 51.24
C ALA X 35 -19.65 11.34 51.16
N VAL X 36 -18.72 11.26 50.20
CA VAL X 36 -17.87 10.08 50.04
C VAL X 36 -16.93 9.91 51.23
N TYR X 37 -16.44 11.01 51.80
CA TYR X 37 -15.58 10.92 52.97
C TYR X 37 -16.33 10.43 54.20
N ILE X 38 -17.51 10.99 54.47
CA ILE X 38 -18.32 10.51 55.59
C ILE X 38 -18.73 9.06 55.38
N TRP X 39 -19.01 8.67 54.13
CA TRP X 39 -19.32 7.28 53.81
C TRP X 39 -18.10 6.37 53.96
N ARG X 40 -16.92 6.81 53.51
CA ARG X 40 -15.76 5.91 53.43
C ARG X 40 -14.47 6.73 53.40
N PRO X 41 -13.93 7.10 54.56
CA PRO X 41 -12.76 7.98 54.62
C PRO X 41 -11.53 7.39 53.92
N TRP X 42 -10.83 8.23 53.15
CA TRP X 42 -9.62 7.81 52.47
C TRP X 42 -8.33 8.22 53.18
N PHE X 43 -8.42 8.87 54.34
CA PHE X 43 -7.25 9.10 55.19
C PHE X 43 -7.36 8.33 56.50
N LEU Y 1 9.00 48.23 20.47
CA LEU Y 1 10.00 47.81 21.43
C LEU Y 1 10.20 46.29 21.41
N GLY Y 2 9.31 45.55 22.09
CA GLY Y 2 9.49 44.12 22.24
C GLY Y 2 9.06 43.29 21.03
N TYR Y 3 9.65 42.08 20.95
CA TYR Y 3 9.31 41.14 19.90
C TYR Y 3 7.82 40.79 19.87
N THR Y 4 7.17 40.77 21.02
CA THR Y 4 5.75 40.44 21.12
C THR Y 4 4.84 41.60 20.79
N GLY Y 5 5.36 42.82 20.73
CA GLY Y 5 4.55 44.01 20.64
C GLY Y 5 3.98 44.53 21.95
N LEU Y 6 4.19 43.83 23.06
CA LEU Y 6 3.76 44.35 24.35
C LEU Y 6 4.64 45.53 24.77
N THR Y 7 4.01 46.66 25.07
CA THR Y 7 4.71 47.79 25.67
C THR Y 7 5.14 47.47 27.10
N ASP Y 8 6.04 48.32 27.61
CA ASP Y 8 6.50 48.19 28.99
C ASP Y 8 5.34 48.18 29.98
N GLU Y 9 4.37 49.09 29.79
CA GLU Y 9 3.18 49.11 30.64
C GLU Y 9 2.35 47.84 30.51
N GLN Y 10 2.15 47.36 29.28
CA GLN Y 10 1.41 46.12 29.08
C GLN Y 10 2.11 44.93 29.71
N ALA Y 11 3.43 44.85 29.59
CA ALA Y 11 4.20 43.80 30.24
C ALA Y 11 4.15 43.90 31.76
N GLN Y 12 4.29 45.10 32.32
CA GLN Y 12 4.14 45.29 33.76
C GLN Y 12 2.76 44.87 34.25
N GLU Y 13 1.71 45.29 33.54
CA GLU Y 13 0.34 44.89 33.89
C GLU Y 13 0.21 43.37 33.89
N LEU Y 14 0.55 42.72 32.77
CA LEU Y 14 0.41 41.28 32.63
C LEU Y 14 1.18 40.53 33.71
N HIS Y 15 2.45 40.89 33.93
CA HIS Y 15 3.27 40.24 34.95
C HIS Y 15 2.68 40.35 36.35
N SER Y 16 2.12 41.52 36.68
CA SER Y 16 1.52 41.68 38.02
C SER Y 16 0.38 40.69 38.25
N VAL Y 17 -0.44 40.45 37.23
CA VAL Y 17 -1.52 39.47 37.36
C VAL Y 17 -0.98 38.04 37.32
N TYR Y 18 -0.07 37.75 36.39
CA TYR Y 18 0.53 36.41 36.32
C TYR Y 18 1.20 36.04 37.64
N MET Y 19 1.98 36.95 38.21
CA MET Y 19 2.69 36.67 39.46
C MET Y 19 1.74 36.40 40.61
N SER Y 20 0.59 37.09 40.65
CA SER Y 20 -0.40 36.82 41.68
C SER Y 20 -1.03 35.44 41.53
N GLY Y 21 -1.22 34.97 40.29
CA GLY Y 21 -1.65 33.58 40.10
C GLY Y 21 -0.60 32.57 40.52
N LEU Y 22 0.66 32.81 40.14
CA LEU Y 22 1.78 32.00 40.59
C LEU Y 22 1.85 31.87 42.12
N TRP Y 23 1.75 32.99 42.83
CA TRP Y 23 1.77 32.92 44.30
C TRP Y 23 0.52 32.27 44.88
N LEU Y 24 -0.65 32.48 44.27
CA LEU Y 24 -1.85 31.77 44.70
C LEU Y 24 -1.67 30.26 44.55
N PHE Y 25 -1.21 29.82 43.39
CA PHE Y 25 -0.97 28.40 43.14
C PHE Y 25 0.07 27.83 44.11
N SER Y 26 1.15 28.58 44.34
CA SER Y 26 2.18 28.19 45.31
C SER Y 26 1.63 28.04 46.72
N ALA Y 27 0.80 28.99 47.16
CA ALA Y 27 0.22 28.91 48.50
C ALA Y 27 -0.65 27.66 48.69
N VAL Y 28 -1.50 27.34 47.71
CA VAL Y 28 -2.29 26.12 47.78
C VAL Y 28 -1.38 24.89 47.84
N ALA Y 29 -0.35 24.85 47.01
CA ALA Y 29 0.60 23.74 47.02
C ALA Y 29 1.33 23.62 48.36
N ILE Y 30 1.67 24.75 48.99
CA ILE Y 30 2.33 24.71 50.29
C ILE Y 30 1.41 24.16 51.37
N VAL Y 31 0.14 24.57 51.38
CA VAL Y 31 -0.83 23.97 52.29
C VAL Y 31 -1.01 22.49 52.00
N ALA Y 32 -1.09 22.12 50.72
CA ALA Y 32 -1.19 20.71 50.34
C ALA Y 32 -0.01 19.90 50.85
N HIS Y 33 1.22 20.37 50.63
CA HIS Y 33 2.40 19.68 51.16
C HIS Y 33 2.39 19.61 52.68
N LEU Y 34 2.09 20.71 53.35
CA LEU Y 34 2.07 20.73 54.82
C LEU Y 34 1.09 19.70 55.38
N ALA Y 35 -0.11 19.62 54.81
CA ALA Y 35 -1.08 18.61 55.25
C ALA Y 35 -0.55 17.19 55.04
N VAL Y 36 0.05 16.92 53.88
CA VAL Y 36 0.60 15.60 53.60
C VAL Y 36 1.76 15.28 54.53
N TYR Y 37 2.60 16.26 54.84
CA TYR Y 37 3.72 16.03 55.76
C TYR Y 37 3.24 15.68 57.15
N ILE Y 38 2.22 16.38 57.65
CA ILE Y 38 1.66 16.07 58.96
C ILE Y 38 0.98 14.70 58.95
N TRP Y 39 0.30 14.38 57.85
CA TRP Y 39 -0.32 13.06 57.69
C TRP Y 39 0.72 11.95 57.64
N ARG Y 40 1.80 12.14 56.86
CA ARG Y 40 2.75 11.06 56.58
C ARG Y 40 4.10 11.64 56.15
N PRO Y 41 4.98 11.96 57.10
CA PRO Y 41 6.25 12.62 56.77
C PRO Y 41 7.12 11.80 55.82
N TRP Y 42 7.64 12.46 54.78
CA TRP Y 42 8.60 11.76 53.93
C TRP Y 42 10.04 11.84 54.47
N PHE Y 43 10.45 12.99 55.02
CA PHE Y 43 11.71 13.03 55.76
C PHE Y 43 11.56 12.45 57.17
N LEU Z 1 23.61 45.67 12.80
CA LEU Z 1 24.87 45.23 13.40
C LEU Z 1 24.74 43.86 14.07
N GLY Z 2 24.03 43.81 15.20
CA GLY Z 2 23.83 42.55 15.88
C GLY Z 2 22.88 41.62 15.15
N TYR Z 3 23.17 40.31 15.25
CA TYR Z 3 22.34 39.30 14.62
C TYR Z 3 20.91 39.30 15.14
N THR Z 4 20.70 39.78 16.36
CA THR Z 4 19.38 39.87 16.98
C THR Z 4 18.66 41.18 16.70
N GLY Z 5 19.37 42.18 16.19
CA GLY Z 5 18.88 43.54 16.11
C GLY Z 5 18.90 44.31 17.42
N LEU Z 6 19.32 43.69 18.52
CA LEU Z 6 19.53 44.43 19.77
C LEU Z 6 20.66 45.44 19.59
N THR Z 7 20.48 46.61 20.19
CA THR Z 7 21.60 47.51 20.42
C THR Z 7 22.47 47.02 21.58
N ASP Z 8 23.65 47.64 21.71
CA ASP Z 8 24.54 47.37 22.84
C ASP Z 8 23.84 47.56 24.18
N GLU Z 9 23.16 48.70 24.36
CA GLU Z 9 22.49 48.98 25.62
C GLU Z 9 21.30 48.05 25.87
N GLN Z 10 20.59 47.66 24.81
CA GLN Z 10 19.54 46.65 24.97
C GLN Z 10 20.11 45.33 25.46
N ALA Z 11 21.27 44.93 24.93
CA ALA Z 11 21.93 43.72 25.42
C ALA Z 11 22.41 43.86 26.87
N GLN Z 12 22.88 45.05 27.25
CA GLN Z 12 23.23 45.28 28.65
C GLN Z 12 22.02 45.21 29.56
N GLU Z 13 20.91 45.83 29.15
CA GLU Z 13 19.67 45.75 29.92
C GLU Z 13 19.24 44.31 30.12
N LEU Z 14 19.08 43.57 29.03
CA LEU Z 14 18.63 42.19 29.08
C LEU Z 14 19.57 41.30 29.90
N HIS Z 15 20.89 41.46 29.73
CA HIS Z 15 21.83 40.66 30.52
C HIS Z 15 21.75 40.94 32.01
N SER Z 16 21.61 42.21 32.39
CA SER Z 16 21.65 42.58 33.80
C SER Z 16 20.52 41.92 34.59
N VAL Z 17 19.33 41.84 34.00
CA VAL Z 17 18.22 41.12 34.64
C VAL Z 17 18.31 39.61 34.42
N TYR Z 18 18.85 39.13 33.30
CA TYR Z 18 19.10 37.70 33.14
C TYR Z 18 19.99 37.15 34.23
N MET Z 19 21.10 37.82 34.52
CA MET Z 19 21.99 37.38 35.60
C MET Z 19 21.29 37.34 36.95
N SER Z 20 20.40 38.29 37.21
CA SER Z 20 19.63 38.26 38.45
C SER Z 20 18.72 37.03 38.52
N GLY Z 21 18.22 36.57 37.38
CA GLY Z 21 17.52 35.30 37.35
C GLY Z 21 18.39 34.12 37.72
N LEU Z 22 19.58 34.03 37.12
CA LEU Z 22 20.52 32.97 37.47
C LEU Z 22 20.93 33.03 38.94
N TRP Z 23 21.23 34.20 39.46
CA TRP Z 23 21.60 34.32 40.88
C TRP Z 23 20.47 33.93 41.81
N LEU Z 24 19.24 34.32 41.48
CA LEU Z 24 18.08 33.84 42.24
C LEU Z 24 17.94 32.32 42.16
N PHE Z 25 17.98 31.77 40.95
CA PHE Z 25 17.83 30.34 40.73
C PHE Z 25 18.90 29.53 41.48
N SER Z 26 20.17 29.93 41.36
CA SER Z 26 21.26 29.28 42.07
C SER Z 26 21.19 29.47 43.58
N ALA Z 27 20.76 30.65 44.05
CA ALA Z 27 20.57 30.85 45.49
C ALA Z 27 19.56 29.89 46.09
N VAL Z 28 18.42 29.69 45.43
CA VAL Z 28 17.45 28.68 45.86
C VAL Z 28 18.07 27.29 45.87
N ALA Z 29 18.83 26.94 44.81
CA ALA Z 29 19.52 25.66 44.76
C ALA Z 29 20.51 25.48 45.90
N ILE Z 30 21.27 26.53 46.23
CA ILE Z 30 22.24 26.45 47.33
C ILE Z 30 21.55 26.14 48.65
N VAL Z 31 20.41 26.78 48.92
CA VAL Z 31 19.62 26.42 50.10
C VAL Z 31 19.14 24.97 50.03
N ALA Z 32 18.68 24.54 48.85
CA ALA Z 32 18.25 23.15 48.68
C ALA Z 32 19.38 22.16 48.96
N HIS Z 33 20.57 22.40 48.40
CA HIS Z 33 21.72 21.55 48.70
C HIS Z 33 22.13 21.60 50.18
N LEU Z 34 22.09 22.80 50.77
CA LEU Z 34 22.39 22.92 52.20
C LEU Z 34 21.46 22.05 53.05
N ALA Z 35 20.16 22.18 52.84
CA ALA Z 35 19.20 21.37 53.60
C ALA Z 35 19.41 19.87 53.38
N VAL Z 36 19.56 19.46 52.12
CA VAL Z 36 19.77 18.05 51.81
C VAL Z 36 21.09 17.54 52.39
N TYR Z 37 22.16 18.33 52.30
CA TYR Z 37 23.44 17.93 52.87
C TYR Z 37 23.35 17.78 54.39
N ILE Z 38 22.67 18.71 55.06
CA ILE Z 38 22.45 18.60 56.49
C ILE Z 38 21.62 17.35 56.82
N TRP Z 39 20.67 17.01 55.96
CA TRP Z 39 19.87 15.79 56.14
C TRP Z 39 20.68 14.52 55.87
N ARG Z 40 21.48 14.49 54.80
CA ARG Z 40 22.18 13.27 54.41
C ARG Z 40 23.44 13.61 53.61
N PRO Z 41 24.56 13.86 54.30
CA PRO Z 41 25.81 14.26 53.63
C PRO Z 41 26.31 13.23 52.63
N TRP Z 42 26.70 13.70 51.45
CA TRP Z 42 27.26 12.84 50.41
C TRP Z 42 28.79 12.80 50.40
N PHE Z 43 29.45 13.40 51.39
CA PHE Z 43 30.90 13.34 51.54
C PHE Z 43 31.30 12.92 52.95
N LEU AA 1 36.18 39.66 4.15
CA LEU AA 1 37.14 38.68 3.66
C LEU AA 1 36.59 37.25 3.79
N GLY AA 2 36.76 36.63 4.96
CA GLY AA 2 36.23 35.30 5.18
C GLY AA 2 34.72 35.23 5.21
N TYR AA 3 34.21 34.00 5.16
CA TYR AA 3 32.82 33.75 4.82
C TYR AA 3 31.80 34.27 5.84
N THR AA 4 32.20 34.48 7.10
CA THR AA 4 31.23 34.62 8.17
C THR AA 4 31.12 36.05 8.73
N GLY AA 5 31.53 37.04 7.95
CA GLY AA 5 31.01 38.39 8.08
C GLY AA 5 31.55 39.30 9.17
N LEU AA 6 31.99 38.73 10.30
CA LEU AA 6 32.62 39.56 11.33
C LEU AA 6 33.92 40.18 10.81
N THR AA 7 34.11 41.46 11.11
CA THR AA 7 35.33 42.17 10.75
C THR AA 7 36.51 41.68 11.60
N ASP AA 8 37.71 42.07 11.16
CA ASP AA 8 38.93 41.78 11.93
C ASP AA 8 38.86 42.41 13.32
N GLU AA 9 38.37 43.64 13.41
CA GLU AA 9 38.14 44.29 14.70
C GLU AA 9 37.16 43.52 15.58
N GLN AA 10 36.03 43.11 14.99
CA GLN AA 10 35.05 42.31 15.73
C GLN AA 10 35.58 40.95 16.11
N ALA AA 11 36.39 40.33 15.24
CA ALA AA 11 37.03 39.07 15.58
C ALA AA 11 37.98 39.22 16.77
N GLN AA 12 38.78 40.29 16.80
CA GLN AA 12 39.63 40.56 17.97
C GLN AA 12 38.82 40.78 19.23
N GLU AA 13 37.79 41.62 19.14
CA GLU AA 13 36.90 41.87 20.26
C GLU AA 13 36.26 40.59 20.78
N LEU AA 14 35.59 39.84 19.90
CA LEU AA 14 34.92 38.61 20.30
C LEU AA 14 35.90 37.60 20.89
N HIS AA 15 37.07 37.45 20.29
CA HIS AA 15 38.07 36.51 20.82
C HIS AA 15 38.56 36.91 22.21
N SER AA 16 38.73 38.21 22.46
CA SER AA 16 39.14 38.64 23.80
C SER AA 16 38.08 38.32 24.84
N VAL AA 17 36.81 38.59 24.54
CA VAL AA 17 35.74 38.23 25.47
C VAL AA 17 35.61 36.71 25.59
N TYR AA 18 35.69 36.01 24.46
CA TYR AA 18 35.64 34.54 24.47
C TYR AA 18 36.70 33.93 25.37
N MET AA 19 37.95 34.35 25.20
CA MET AA 19 39.04 33.84 26.03
C MET AA 19 38.83 34.11 27.52
N SER AA 20 38.27 35.27 27.87
CA SER AA 20 37.93 35.53 29.27
C SER AA 20 36.87 34.57 29.79
N GLY AA 21 35.95 34.14 28.94
CA GLY AA 21 35.03 33.08 29.31
C GLY AA 21 35.71 31.75 29.57
N LEU AA 22 36.58 31.33 28.64
CA LEU AA 22 37.36 30.11 28.82
C LEU AA 22 38.20 30.13 30.10
N TRP AA 23 38.87 31.24 30.39
CA TRP AA 23 39.68 31.29 31.61
C TRP AA 23 38.83 31.21 32.88
N LEU AA 24 37.68 31.89 32.91
CA LEU AA 24 36.78 31.74 34.05
C LEU AA 24 36.30 30.30 34.20
N PHE AA 25 35.86 29.70 33.10
CA PHE AA 25 35.39 28.31 33.12
C PHE AA 25 36.48 27.35 33.60
N SER AA 26 37.67 27.47 33.02
CA SER AA 26 38.79 26.61 33.40
C SER AA 26 39.30 26.89 34.81
N ALA AA 27 39.21 28.13 35.29
CA ALA AA 27 39.53 28.41 36.69
C ALA AA 27 38.62 27.67 37.66
N VAL AA 28 37.30 27.75 37.43
CA VAL AA 28 36.36 26.98 38.25
C VAL AA 28 36.67 25.48 38.20
N ALA AA 29 36.99 24.97 37.00
CA ALA AA 29 37.36 23.56 36.88
C ALA AA 29 38.61 23.22 37.69
N ILE AA 30 39.64 24.05 37.61
CA ILE AA 30 40.87 23.81 38.37
C ILE AA 30 40.60 23.71 39.87
N VAL AA 31 39.74 24.58 40.41
CA VAL AA 31 39.37 24.47 41.82
C VAL AA 31 38.63 23.16 42.11
N ALA AA 32 37.69 22.79 41.23
CA ALA AA 32 36.98 21.53 41.42
C ALA AA 32 37.92 20.32 41.36
N HIS AA 33 38.89 20.34 40.46
CA HIS AA 33 39.90 19.28 40.43
C HIS AA 33 40.76 19.26 41.70
N LEU AA 34 41.19 20.42 42.17
CA LEU AA 34 41.95 20.49 43.42
C LEU AA 34 41.15 19.95 44.60
N ALA AA 35 39.87 20.32 44.71
CA ALA AA 35 39.01 19.81 45.77
C ALA AA 35 38.90 18.29 45.73
N VAL AA 36 38.63 17.73 44.56
CA VAL AA 36 38.52 16.27 44.41
C VAL AA 36 39.87 15.57 44.64
N TYR AA 37 40.97 16.18 44.18
CA TYR AA 37 42.27 15.57 44.43
C TYR AA 37 42.59 15.53 45.93
N ILE AA 38 42.34 16.64 46.63
CA ILE AA 38 42.55 16.66 48.08
C ILE AA 38 41.67 15.64 48.78
N TRP AA 39 40.43 15.50 48.35
CA TRP AA 39 39.52 14.51 48.93
C TRP AA 39 39.93 13.09 48.59
N ARG AA 40 40.24 12.79 47.34
CA ARG AA 40 40.47 11.41 46.90
C ARG AA 40 41.41 11.37 45.69
N PRO AA 41 42.72 11.39 45.93
CA PRO AA 41 43.72 11.48 44.85
C PRO AA 41 43.60 10.35 43.83
N TRP AA 42 43.59 10.72 42.54
CA TRP AA 42 43.53 9.74 41.45
C TRP AA 42 44.92 9.28 40.99
N PHE AA 43 45.99 9.72 41.64
CA PHE AA 43 47.33 9.20 41.42
C PHE AA 43 47.97 8.84 42.75
N LEU BA 6 39.71 31.92 -1.13
CA LEU BA 6 40.89 32.44 -0.46
C LEU BA 6 42.04 32.62 -1.43
N THR BA 7 42.78 33.72 -1.28
CA THR BA 7 43.99 33.93 -2.07
C THR BA 7 45.13 33.03 -1.60
N ASP BA 8 46.16 32.94 -2.44
CA ASP BA 8 47.40 32.26 -2.08
C ASP BA 8 48.05 32.88 -0.85
N GLU BA 9 48.05 34.21 -0.75
CA GLU BA 9 48.49 34.90 0.47
C GLU BA 9 47.69 34.48 1.68
N GLN BA 10 46.36 34.45 1.57
CA GLN BA 10 45.53 34.00 2.69
C GLN BA 10 45.81 32.55 3.07
N ALA BA 11 46.09 31.70 2.08
CA ALA BA 11 46.49 30.32 2.37
C ALA BA 11 47.81 30.26 3.14
N GLN BA 12 48.81 31.04 2.74
CA GLN BA 12 50.07 31.09 3.47
C GLN BA 12 49.91 31.69 4.86
N GLU BA 13 49.14 32.76 4.97
CA GLU BA 13 48.83 33.37 6.26
C GLU BA 13 48.14 32.37 7.19
N LEU BA 14 47.02 31.81 6.75
CA LEU BA 14 46.26 30.86 7.56
C LEU BA 14 47.08 29.62 7.93
N HIS BA 15 47.89 29.11 7.00
CA HIS BA 15 48.76 27.98 7.33
C HIS BA 15 49.80 28.34 8.39
N SER BA 16 50.37 29.55 8.30
CA SER BA 16 51.33 29.96 9.32
C SER BA 16 50.69 30.12 10.70
N VAL BA 17 49.43 30.57 10.75
CA VAL BA 17 48.66 30.52 12.00
C VAL BA 17 48.41 29.08 12.44
N TYR BA 18 47.87 28.26 11.54
CA TYR BA 18 47.52 26.86 11.86
C TYR BA 18 48.70 26.08 12.45
N MET BA 19 49.86 26.14 11.81
CA MET BA 19 51.03 25.40 12.29
C MET BA 19 51.46 25.84 13.69
N SER BA 20 51.31 27.12 14.04
CA SER BA 20 51.60 27.54 15.40
C SER BA 20 50.63 26.94 16.42
N GLY BA 21 49.37 26.73 16.03
CA GLY BA 21 48.46 25.99 16.88
C GLY BA 21 48.86 24.54 17.06
N LEU BA 22 49.26 23.88 15.95
CA LEU BA 22 49.72 22.50 16.02
C LEU BA 22 51.00 22.36 16.85
N TRP BA 23 51.91 23.34 16.76
CA TRP BA 23 53.09 23.33 17.63
C TRP BA 23 52.71 23.36 19.11
N LEU BA 24 51.76 24.22 19.49
CA LEU BA 24 51.30 24.26 20.88
C LEU BA 24 50.64 22.95 21.31
N PHE BA 25 49.69 22.46 20.52
CA PHE BA 25 49.00 21.21 20.86
C PHE BA 25 49.97 20.04 21.01
N SER BA 26 50.86 19.86 20.03
CA SER BA 26 51.84 18.79 20.09
C SER BA 26 52.84 18.96 21.24
N ALA BA 27 53.22 20.19 21.58
CA ALA BA 27 54.08 20.39 22.74
C ALA BA 27 53.41 19.95 24.04
N VAL BA 28 52.14 20.34 24.24
CA VAL BA 28 51.38 19.85 25.38
C VAL BA 28 51.29 18.33 25.39
N ALA BA 29 51.06 17.73 24.21
CA ALA BA 29 51.02 16.28 24.11
C ALA BA 29 52.35 15.63 24.48
N ILE BA 30 53.46 16.18 23.99
CA ILE BA 30 54.79 15.67 24.34
C ILE BA 30 55.03 15.74 25.85
N VAL BA 31 54.64 16.84 26.48
CA VAL BA 31 54.73 16.94 27.94
C VAL BA 31 53.84 15.91 28.62
N ALA BA 32 52.63 15.69 28.11
CA ALA BA 32 51.75 14.67 28.66
C ALA BA 32 52.31 13.25 28.54
N HIS BA 33 52.92 12.92 27.39
CA HIS BA 33 53.59 11.63 27.26
C HIS BA 33 54.79 11.50 28.20
N LEU BA 34 55.57 12.58 28.36
CA LEU BA 34 56.64 12.58 29.37
C LEU BA 34 56.07 12.37 30.78
N ALA BA 35 54.98 13.04 31.12
CA ALA BA 35 54.36 12.87 32.43
C ALA BA 35 53.91 11.42 32.66
N VAL BA 36 53.31 10.80 31.65
CA VAL BA 36 52.94 9.39 31.75
C VAL BA 36 54.18 8.50 31.82
N TYR BA 37 55.22 8.83 31.06
CA TYR BA 37 56.47 8.07 31.12
C TYR BA 37 57.08 8.14 32.52
N ILE BA 38 57.19 9.34 33.08
CA ILE BA 38 57.69 9.51 34.45
C ILE BA 38 56.84 8.72 35.43
N TRP BA 39 55.51 8.74 35.25
CA TRP BA 39 54.61 7.96 36.10
C TRP BA 39 54.77 6.45 35.88
N ARG BA 40 54.69 6.00 34.62
CA ARG BA 40 54.48 4.58 34.32
C ARG BA 40 54.79 4.29 32.85
N PRO BA 41 56.03 3.93 32.52
CA PRO BA 41 56.39 3.65 31.12
C PRO BA 41 55.68 2.44 30.52
N TRP BA 42 55.49 2.49 29.19
CA TRP BA 42 54.85 1.43 28.43
C TRP BA 42 55.83 0.52 27.69
N PHE BA 43 57.09 0.89 27.57
CA PHE BA 43 58.08 0.09 26.87
C PHE BA 43 58.49 -1.16 27.65
N MET CA 1 -20.99 -25.40 9.00
CA MET CA 1 -20.80 -25.43 7.55
C MET CA 1 -19.47 -26.04 7.09
N VAL CA 2 -18.58 -26.38 8.02
CA VAL CA 2 -17.32 -27.00 7.61
C VAL CA 2 -17.60 -28.36 6.99
N GLY CA 3 -16.99 -28.61 5.83
CA GLY CA 3 -17.14 -29.84 5.08
C GLY CA 3 -18.39 -29.95 4.23
N VAL CA 4 -19.26 -28.95 4.24
CA VAL CA 4 -20.51 -28.99 3.48
C VAL CA 4 -20.24 -28.64 2.02
N THR CA 5 -20.40 -29.61 1.12
CA THR CA 5 -20.20 -29.41 -0.30
C THR CA 5 -21.50 -29.63 -1.06
N ALA CA 6 -21.69 -28.83 -2.12
CA ALA CA 6 -22.85 -29.05 -3.00
C ALA CA 6 -22.64 -30.27 -3.88
N PHE CA 7 -21.42 -30.45 -4.39
CA PHE CA 7 -21.04 -31.60 -5.21
C PHE CA 7 -19.54 -31.76 -5.08
N GLY CA 8 -19.07 -33.00 -5.21
CA GLY CA 8 -17.64 -33.29 -5.15
C GLY CA 8 -16.95 -32.62 -3.98
N ASN CA 9 -15.84 -31.93 -4.28
CA ASN CA 9 -15.14 -31.05 -3.34
C ASN CA 9 -15.63 -29.61 -3.35
N PHE CA 10 -16.74 -29.31 -4.03
CA PHE CA 10 -17.17 -27.92 -4.25
C PHE CA 10 -17.78 -27.34 -2.97
N ASP CA 11 -16.91 -26.72 -2.20
CA ASP CA 11 -17.16 -26.11 -0.91
C ASP CA 11 -17.74 -24.71 -1.10
N LEU CA 12 -18.21 -24.11 -0.01
CA LEU CA 12 -18.58 -22.69 -0.06
C LEU CA 12 -17.37 -21.81 -0.28
N ALA CA 13 -16.19 -22.25 0.15
CA ALA CA 13 -14.93 -21.62 -0.24
C ALA CA 13 -14.63 -21.80 -1.73
N SER CA 14 -15.01 -22.94 -2.31
CA SER CA 14 -14.87 -23.14 -3.75
C SER CA 14 -15.76 -22.19 -4.54
N LEU CA 15 -17.03 -22.07 -4.15
CA LEU CA 15 -17.92 -21.09 -4.77
C LEU CA 15 -17.33 -19.69 -4.73
N ALA CA 16 -16.78 -19.29 -3.57
CA ALA CA 16 -16.18 -17.97 -3.45
C ALA CA 16 -15.01 -17.76 -4.41
N ILE CA 17 -14.06 -18.71 -4.48
CA ILE CA 17 -12.88 -18.50 -5.33
C ILE CA 17 -13.22 -18.54 -6.82
N TYR CA 18 -14.16 -19.39 -7.24
CA TYR CA 18 -14.62 -19.35 -8.63
C TYR CA 18 -15.38 -18.07 -8.95
N SER CA 19 -16.20 -17.58 -8.01
CA SER CA 19 -16.86 -16.30 -8.19
C SER CA 19 -15.86 -15.15 -8.33
N PHE CA 20 -14.77 -15.19 -7.55
CA PHE CA 20 -13.75 -14.14 -7.67
C PHE CA 20 -13.06 -14.14 -9.04
N TRP CA 21 -12.72 -15.31 -9.58
CA TRP CA 21 -12.10 -15.35 -10.91
C TRP CA 21 -13.01 -14.73 -11.97
N ILE CA 22 -14.31 -15.04 -11.93
CA ILE CA 22 -15.24 -14.43 -12.88
C ILE CA 22 -15.30 -12.91 -12.68
N PHE CA 23 -15.38 -12.46 -11.43
CA PHE CA 23 -15.31 -11.03 -11.14
C PHE CA 23 -14.03 -10.39 -11.65
N LEU CA 24 -12.88 -11.02 -11.38
CA LEU CA 24 -11.60 -10.44 -11.79
C LEU CA 24 -11.46 -10.34 -13.30
N ALA CA 25 -11.92 -11.36 -14.04
CA ALA CA 25 -11.91 -11.28 -15.49
C ALA CA 25 -12.75 -10.11 -15.99
N GLY CA 26 -13.96 -9.95 -15.46
CA GLY CA 26 -14.77 -8.79 -15.79
C GLY CA 26 -14.14 -7.47 -15.41
N LEU CA 27 -13.54 -7.39 -14.22
CA LEU CA 27 -12.85 -6.17 -13.79
C LEU CA 27 -11.67 -5.83 -14.70
N ILE CA 28 -10.84 -6.82 -15.03
CA ILE CA 28 -9.71 -6.56 -15.94
C ILE CA 28 -10.20 -6.10 -17.31
N TYR CA 29 -11.26 -6.71 -17.83
CA TYR CA 29 -11.86 -6.22 -19.07
C TYR CA 29 -12.29 -4.76 -18.96
N TYR CA 30 -12.99 -4.43 -17.87
CA TYR CA 30 -13.36 -3.03 -17.59
C TYR CA 30 -12.14 -2.12 -17.51
N LEU CA 31 -11.12 -2.51 -16.74
CA LEU CA 31 -9.93 -1.67 -16.59
C LEU CA 31 -9.20 -1.43 -17.91
N GLN CA 32 -9.00 -2.48 -18.71
CA GLN CA 32 -8.33 -2.29 -20.00
C GLN CA 32 -9.14 -1.43 -20.97
N THR CA 33 -10.45 -1.65 -21.07
CA THR CA 33 -11.27 -0.83 -21.97
C THR CA 33 -11.34 0.63 -21.53
N GLU CA 34 -11.39 0.89 -20.22
CA GLU CA 34 -11.26 2.27 -19.74
C GLU CA 34 -9.93 2.91 -20.10
N ASN CA 35 -8.87 2.13 -20.16
CA ASN CA 35 -7.55 2.63 -20.54
C ASN CA 35 -7.34 2.75 -22.05
N MET CA 36 -8.38 2.52 -22.85
CA MET CA 36 -8.30 2.70 -24.30
C MET CA 36 -8.92 4.01 -24.78
N ARG CA 37 -9.19 4.96 -23.87
CA ARG CA 37 -9.80 6.24 -24.21
C ARG CA 37 -8.83 7.22 -24.86
N GLU CA 38 -7.53 6.91 -24.90
CA GLU CA 38 -6.53 7.73 -25.58
C GLU CA 38 -5.71 6.85 -26.52
N GLY CA 39 -5.32 7.41 -27.66
CA GLY CA 39 -4.37 6.75 -28.55
C GLY CA 39 -4.95 5.75 -29.53
N TYR CA 40 -6.20 5.35 -29.39
CA TYR CA 40 -6.87 4.38 -30.26
C TYR CA 40 -7.90 5.06 -31.15
N PRO CA 41 -8.23 4.48 -32.32
CA PRO CA 41 -7.76 3.25 -32.95
C PRO CA 41 -6.27 3.22 -33.32
N LEU CA 42 -5.72 2.00 -33.38
CA LEU CA 42 -4.34 1.79 -33.81
C LEU CA 42 -4.16 2.11 -35.30
N GLU CA 43 -2.97 2.63 -35.64
CA GLU CA 43 -2.66 3.10 -36.97
C GLU CA 43 -1.50 2.31 -37.57
N ASN CA 44 -1.52 2.15 -38.89
CA ASN CA 44 -0.32 1.84 -39.63
C ASN CA 44 0.67 3.01 -39.54
N GLU CA 45 1.94 2.72 -39.85
CA GLU CA 45 2.95 3.77 -39.78
C GLU CA 45 2.79 4.84 -40.86
N ASP CA 46 1.99 4.58 -41.90
CA ASP CA 46 1.58 5.62 -42.84
C ASP CA 46 0.43 6.48 -42.32
N GLY CA 47 -0.09 6.18 -41.14
CA GLY CA 47 -1.19 6.90 -40.54
C GLY CA 47 -2.59 6.38 -40.84
N THR CA 48 -2.73 5.41 -41.72
CA THR CA 48 -4.03 4.79 -41.99
C THR CA 48 -4.41 3.84 -40.86
N PRO CA 49 -5.70 3.54 -40.69
CA PRO CA 49 -6.11 2.58 -39.65
C PRO CA 49 -5.51 1.20 -39.87
N ALA CA 50 -4.97 0.63 -38.80
CA ALA CA 50 -4.40 -0.72 -38.85
C ALA CA 50 -5.47 -1.79 -38.97
N ALA CA 51 -5.14 -2.86 -39.70
CA ALA CA 51 -6.06 -3.98 -39.87
C ALA CA 51 -6.34 -4.71 -38.56
N ASN CA 52 -5.37 -4.73 -37.65
CA ASN CA 52 -5.54 -5.33 -36.33
C ASN CA 52 -5.78 -4.24 -35.28
N GLN CA 53 -6.84 -4.41 -34.49
CA GLN CA 53 -7.18 -3.47 -33.43
C GLN CA 53 -7.17 -4.08 -32.03
N GLY CA 54 -6.91 -5.38 -31.91
CA GLY CA 54 -6.85 -6.06 -30.63
C GLY CA 54 -8.19 -6.54 -30.09
N PRO CA 55 -8.12 -7.42 -29.07
CA PRO CA 55 -9.33 -8.15 -28.65
C PRO CA 55 -10.37 -7.31 -27.92
N PHE CA 56 -9.95 -6.26 -27.21
CA PHE CA 56 -10.89 -5.39 -26.48
C PHE CA 56 -11.52 -4.35 -27.40
N PRO CA 57 -12.84 -4.27 -27.49
CA PRO CA 57 -13.46 -3.16 -28.22
C PRO CA 57 -13.41 -1.86 -27.43
N LEU CA 58 -13.42 -0.75 -28.16
CA LEU CA 58 -13.43 0.58 -27.56
C LEU CA 58 -14.61 0.79 -26.61
N PRO CA 59 -14.41 1.51 -25.52
CA PRO CA 59 -15.54 1.89 -24.65
C PRO CA 59 -16.44 2.94 -25.29
N LYS CA 60 -17.66 3.02 -24.80
CA LYS CA 60 -18.56 4.12 -25.11
C LYS CA 60 -17.87 5.47 -24.79
N PRO CA 61 -18.11 6.51 -25.58
CA PRO CA 61 -17.60 7.84 -25.24
C PRO CA 61 -18.09 8.36 -23.89
N LYS CA 62 -17.20 9.03 -23.17
CA LYS CA 62 -17.53 9.81 -21.98
C LYS CA 62 -17.18 11.26 -22.23
N THR CA 63 -17.89 12.17 -21.56
CA THR CA 63 -17.61 13.61 -21.67
C THR CA 63 -17.19 14.18 -20.32
N PHE CA 64 -16.01 14.82 -20.29
CA PHE CA 64 -15.62 15.70 -19.20
C PHE CA 64 -16.11 17.12 -19.48
N ILE CA 65 -16.82 17.72 -18.53
CA ILE CA 65 -17.08 19.16 -18.58
C ILE CA 65 -15.88 19.89 -17.99
N LEU CA 66 -15.19 20.67 -18.82
CA LEU CA 66 -13.98 21.34 -18.36
C LEU CA 66 -14.32 22.59 -17.52
N PRO CA 67 -13.46 22.94 -16.56
CA PRO CA 67 -13.69 24.13 -15.75
C PRO CA 67 -13.64 25.42 -16.56
N HIS CA 68 -14.12 26.50 -15.93
CA HIS CA 68 -13.90 27.88 -16.35
C HIS CA 68 -14.34 28.16 -17.79
N GLY CA 69 -15.32 27.41 -18.29
CA GLY CA 69 -15.77 27.56 -19.65
C GLY CA 69 -14.80 27.13 -20.72
N ARG CA 70 -13.81 26.32 -20.38
CA ARG CA 70 -12.91 25.73 -21.36
C ARG CA 70 -13.58 24.66 -22.22
N GLY CA 71 -14.86 24.38 -22.01
CA GLY CA 71 -15.66 23.54 -22.89
C GLY CA 71 -15.82 22.09 -22.45
N THR CA 72 -15.77 21.15 -23.39
CA THR CA 72 -15.92 19.72 -23.09
C THR CA 72 -14.87 18.91 -23.83
N LEU CA 73 -14.39 17.85 -23.18
CA LEU CA 73 -13.61 16.80 -23.81
C LEU CA 73 -14.42 15.51 -23.84
N THR CA 74 -14.60 14.95 -25.04
CA THR CA 74 -15.23 13.64 -25.22
C THR CA 74 -14.21 12.63 -25.71
N VAL CA 75 -14.09 11.51 -24.98
CA VAL CA 75 -13.10 10.47 -25.27
C VAL CA 75 -13.71 9.09 -25.12
N PRO CA 76 -13.41 8.12 -26.00
CA PRO CA 76 -12.62 8.30 -27.22
C PRO CA 76 -13.30 9.18 -28.27
N GLY CA 77 -12.47 9.80 -29.11
CA GLY CA 77 -12.91 10.68 -30.16
C GLY CA 77 -11.78 10.91 -31.13
N PRO CA 78 -12.04 11.64 -32.23
CA PRO CA 78 -11.08 11.68 -33.34
C PRO CA 78 -9.71 12.23 -32.95
N GLU CA 79 -8.74 11.33 -32.87
CA GLU CA 79 -7.34 11.70 -32.65
C GLU CA 79 -6.71 12.31 -33.89
N SER CA 80 -5.91 13.36 -33.68
CA SER CA 80 -5.06 13.92 -34.71
C SER CA 80 -3.87 14.62 -34.06
N GLU CA 81 -2.73 14.62 -34.76
CA GLU CA 81 -1.55 15.32 -34.26
C GLU CA 81 -1.63 16.83 -34.44
N ASP CA 82 -2.23 17.28 -35.54
CA ASP CA 82 -2.41 18.71 -35.84
C ASP CA 82 -1.10 19.49 -35.82
N ARG CA 83 0.00 18.86 -36.24
CA ARG CA 83 1.26 19.54 -36.47
C ARG CA 83 2.08 18.71 -37.46
N PRO CA 84 3.02 19.32 -38.17
CA PRO CA 84 3.97 18.54 -38.99
C PRO CA 84 4.89 17.67 -38.14
N ILE CA 85 5.16 16.47 -38.63
CA ILE CA 85 6.14 15.55 -38.04
C ILE CA 85 7.25 15.31 -39.06
N ALA CA 86 8.44 15.85 -38.79
CA ALA CA 86 9.58 15.79 -39.71
C ALA CA 86 10.35 14.46 -39.66
N LEU CA 87 9.68 13.32 -39.57
CA LEU CA 87 10.31 12.01 -39.59
C LEU CA 87 10.04 11.28 -40.91
N ALA CA 88 11.07 10.63 -41.45
CA ALA CA 88 10.92 9.75 -42.61
C ALA CA 88 11.28 8.30 -42.26
N ARG CA 89 10.61 7.37 -42.93
CA ARG CA 89 10.89 5.94 -42.80
C ARG CA 89 12.35 5.61 -43.09
N THR CA 90 12.94 4.77 -42.23
CA THR CA 90 14.20 4.12 -42.58
C THR CA 90 14.03 2.82 -43.33
N ALA CA 91 12.83 2.22 -43.32
CA ALA CA 91 12.60 0.95 -43.98
C ALA CA 91 11.16 0.87 -44.49
N VAL CA 92 10.99 0.11 -45.58
CA VAL CA 92 9.66 -0.10 -46.16
C VAL CA 92 8.78 -0.95 -45.24
N SER CA 93 9.38 -1.93 -44.57
CA SER CA 93 8.65 -2.74 -43.59
C SER CA 93 8.39 -1.96 -42.30
N GLU CA 94 7.33 -2.36 -41.60
CA GLU CA 94 6.99 -1.80 -40.30
C GLU CA 94 8.02 -2.20 -39.23
N GLY CA 95 7.94 -1.51 -38.09
CA GLY CA 95 8.70 -1.84 -36.91
C GLY CA 95 10.10 -1.26 -36.81
N PHE CA 96 10.57 -0.54 -37.81
CA PHE CA 96 11.88 0.11 -37.75
C PHE CA 96 11.76 1.58 -37.36
N PRO CA 97 12.86 2.19 -36.90
CA PRO CA 97 12.84 3.63 -36.57
C PRO CA 97 12.54 4.52 -37.76
N HIS CA 98 11.97 5.69 -37.47
CA HIS CA 98 11.83 6.78 -38.42
C HIS CA 98 12.86 7.86 -38.12
N ALA CA 99 13.71 8.18 -39.10
CA ALA CA 99 14.82 9.11 -38.91
C ALA CA 99 14.37 10.57 -39.05
N PRO CA 100 14.91 11.47 -38.23
CA PRO CA 100 14.70 12.91 -38.44
C PRO CA 100 15.18 13.39 -39.80
N THR CA 101 14.35 14.18 -40.46
CA THR CA 101 14.67 14.75 -41.77
C THR CA 101 15.39 16.10 -41.67
N GLY CA 102 15.31 16.77 -40.52
CA GLY CA 102 16.02 18.01 -40.28
C GLY CA 102 16.76 17.97 -38.96
N ASP CA 103 16.74 19.11 -38.25
CA ASP CA 103 17.22 19.17 -36.87
C ASP CA 103 16.10 18.72 -35.93
N PRO CA 104 16.28 17.58 -35.25
CA PRO CA 104 15.19 17.07 -34.39
C PRO CA 104 14.84 18.00 -33.23
N MET CA 105 15.77 18.82 -32.77
CA MET CA 105 15.46 19.80 -31.73
C MET CA 105 14.49 20.86 -32.24
N LYS CA 106 14.81 21.44 -33.40
CA LYS CA 106 13.94 22.44 -34.02
C LYS CA 106 12.62 21.83 -34.46
N ASP CA 107 12.66 20.64 -35.06
CA ASP CA 107 11.47 19.97 -35.55
C ASP CA 107 10.57 19.43 -34.44
N GLY CA 108 11.10 19.28 -33.23
CA GLY CA 108 10.32 18.75 -32.13
C GLY CA 108 9.85 17.33 -32.35
N VAL CA 109 10.81 16.42 -32.56
CA VAL CA 109 10.55 15.01 -32.80
C VAL CA 109 11.48 14.20 -31.89
N GLY CA 110 11.18 12.91 -31.77
CA GLY CA 110 11.89 12.05 -30.86
C GLY CA 110 11.73 12.49 -29.43
N PRO CA 111 12.80 12.40 -28.63
CA PRO CA 111 12.74 12.95 -27.26
C PRO CA 111 12.60 14.47 -27.20
N ALA CA 112 12.76 15.18 -28.31
CA ALA CA 112 12.43 16.60 -28.42
C ALA CA 112 10.95 16.88 -28.71
N SER CA 113 10.11 15.84 -28.79
CA SER CA 113 8.71 15.99 -29.17
C SER CA 113 7.92 16.86 -28.20
N TRP CA 114 6.92 17.54 -28.76
CA TRP CA 114 5.91 18.30 -28.01
C TRP CA 114 4.54 18.05 -28.63
N VAL CA 115 3.50 18.20 -27.81
CA VAL CA 115 2.11 17.99 -28.21
C VAL CA 115 1.41 19.33 -28.37
N ALA CA 116 0.57 19.45 -29.41
CA ALA CA 116 -0.28 20.62 -29.64
C ALA CA 116 -1.38 20.77 -28.60
N ARG CA 117 -0.99 21.09 -27.36
CA ARG CA 117 -1.91 21.41 -26.27
C ARG CA 117 -2.61 22.76 -26.51
N ARG CA 118 -3.58 23.07 -25.64
CA ARG CA 118 -4.23 24.38 -25.68
C ARG CA 118 -3.21 25.50 -25.56
N ASP CA 119 -3.31 26.49 -26.45
CA ASP CA 119 -2.50 27.69 -26.34
C ASP CA 119 -3.11 28.70 -25.38
N LEU CA 120 -3.46 28.25 -24.18
CA LEU CA 120 -3.90 29.07 -23.06
C LEU CA 120 -3.20 28.62 -21.79
N PRO CA 121 -3.10 29.48 -20.78
CA PRO CA 121 -2.52 29.05 -19.50
C PRO CA 121 -3.38 28.04 -18.78
N GLU CA 122 -2.74 27.26 -17.90
CA GLU CA 122 -3.47 26.49 -16.90
C GLU CA 122 -4.00 27.42 -15.82
N LEU CA 123 -5.25 27.22 -15.43
CA LEU CA 123 -5.90 28.04 -14.42
C LEU CA 123 -6.03 27.30 -13.09
N ASP CA 124 -5.91 28.04 -11.99
CA ASP CA 124 -6.19 27.52 -10.66
C ASP CA 124 -7.71 27.37 -10.45
N GLY CA 125 -8.08 26.92 -9.24
CA GLY CA 125 -9.49 26.72 -8.91
C GLY CA 125 -10.34 27.97 -8.95
N HIS CA 126 -9.74 29.15 -8.81
CA HIS CA 126 -10.46 30.41 -8.87
C HIS CA 126 -10.43 31.06 -10.25
N GLY CA 127 -9.68 30.49 -11.19
CA GLY CA 127 -9.58 30.98 -12.54
C GLY CA 127 -8.46 31.95 -12.82
N HIS CA 128 -7.50 32.09 -11.90
CA HIS CA 128 -6.29 32.85 -12.14
C HIS CA 128 -5.23 31.94 -12.77
N ASN CA 129 -4.25 32.56 -13.42
CA ASN CA 129 -3.13 31.79 -13.96
C ASN CA 129 -2.43 31.02 -12.84
N LYS CA 130 -2.28 29.70 -13.07
CA LYS CA 130 -1.66 28.83 -12.07
C LYS CA 130 -0.18 29.13 -11.88
N ILE CA 131 0.54 29.46 -12.96
CA ILE CA 131 1.99 29.67 -12.92
C ILE CA 131 2.29 31.13 -13.24
N LYS CA 132 3.01 31.80 -12.33
CA LYS CA 132 3.35 33.21 -12.45
C LYS CA 132 4.82 33.43 -12.12
N PRO CA 133 5.46 34.40 -12.77
CA PRO CA 133 6.76 34.89 -12.27
C PRO CA 133 6.62 35.41 -10.84
N MET CA 134 7.57 35.01 -9.98
CA MET CA 134 7.46 35.34 -8.56
C MET CA 134 7.52 36.84 -8.28
N LYS CA 135 8.19 37.62 -9.14
CA LYS CA 135 8.09 39.07 -9.06
C LYS CA 135 6.67 39.58 -9.24
N ALA CA 136 5.79 38.83 -9.91
CA ALA CA 136 4.39 39.19 -10.06
C ALA CA 136 3.47 38.53 -9.03
N ALA CA 137 3.96 37.54 -8.29
CA ALA CA 137 3.17 36.84 -7.29
C ALA CA 137 3.26 37.58 -5.95
N ALA CA 138 2.11 38.09 -5.49
CA ALA CA 138 2.09 39.19 -4.52
C ALA CA 138 2.93 38.93 -3.27
N GLY CA 139 2.67 37.82 -2.58
CA GLY CA 139 3.37 37.54 -1.34
C GLY CA 139 4.50 36.53 -1.39
N PHE CA 140 4.85 36.02 -2.56
CA PHE CA 140 5.77 34.89 -2.66
C PHE CA 140 7.23 35.27 -2.47
N HIS CA 141 7.97 34.42 -1.76
CA HIS CA 141 9.40 34.57 -1.54
C HIS CA 141 10.01 33.19 -1.36
N VAL CA 142 11.31 33.11 -1.66
CA VAL CA 142 12.09 31.90 -1.34
C VAL CA 142 12.15 31.73 0.18
N SER CA 143 11.68 30.58 0.66
CA SER CA 143 11.61 30.30 2.08
C SER CA 143 12.70 29.33 2.58
N ALA CA 144 13.26 28.49 1.71
CA ALA CA 144 14.35 27.63 2.12
C ALA CA 144 15.15 27.19 0.90
N GLY CA 145 16.38 26.73 1.17
CA GLY CA 145 17.34 26.40 0.14
C GLY CA 145 18.05 27.61 -0.44
N LYS CA 146 19.06 27.32 -1.26
CA LYS CA 146 19.80 28.36 -1.97
C LYS CA 146 18.87 29.11 -2.91
N ASN CA 147 18.75 30.41 -2.73
CA ASN CA 147 18.02 31.24 -3.70
C ASN CA 147 18.78 31.26 -5.02
N PRO CA 148 18.20 30.77 -6.12
CA PRO CA 148 18.93 30.72 -7.39
C PRO CA 148 19.06 32.06 -8.11
N ILE CA 149 18.23 33.05 -7.76
CA ILE CA 149 18.22 34.31 -8.49
C ILE CA 149 19.57 35.00 -8.41
N GLY CA 150 20.11 35.38 -9.58
CA GLY CA 150 21.41 35.98 -9.71
C GLY CA 150 22.57 35.02 -9.92
N LEU CA 151 22.35 33.71 -9.80
CA LEU CA 151 23.39 32.75 -10.14
C LEU CA 151 23.64 32.69 -11.64
N PRO CA 152 24.89 32.47 -12.06
CA PRO CA 152 25.15 32.12 -13.46
C PRO CA 152 24.63 30.74 -13.81
N VAL CA 153 24.23 30.59 -15.07
CA VAL CA 153 23.73 29.32 -15.60
C VAL CA 153 24.77 28.70 -16.52
N ARG CA 154 25.26 27.52 -16.15
CA ARG CA 154 26.33 26.84 -16.88
C ARG CA 154 25.74 25.69 -17.71
N GLY CA 155 26.02 25.71 -19.01
CA GLY CA 155 25.68 24.59 -19.87
C GLY CA 155 26.59 23.40 -19.65
N CYS CA 156 26.19 22.27 -20.23
CA CYS CA 156 26.94 21.03 -20.03
C CYS CA 156 28.28 21.02 -20.75
N ASP CA 157 28.50 21.97 -21.67
CA ASP CA 157 29.84 22.27 -22.18
C ASP CA 157 30.72 22.96 -21.14
N LEU CA 158 30.19 23.21 -19.94
CA LEU CA 158 30.84 23.93 -18.84
C LEU CA 158 31.09 25.40 -19.14
N GLU CA 159 30.31 25.98 -20.05
CA GLU CA 159 30.38 27.41 -20.38
C GLU CA 159 29.08 28.08 -19.96
N ILE CA 160 29.18 29.35 -19.58
CA ILE CA 160 28.04 30.10 -19.04
C ILE CA 160 27.09 30.52 -20.15
N ALA CA 161 25.81 30.17 -20.00
CA ALA CA 161 24.77 30.54 -20.95
C ALA CA 161 24.08 31.85 -20.58
N GLY CA 162 24.05 32.22 -19.31
CA GLY CA 162 23.25 33.35 -18.86
C GLY CA 162 23.20 33.41 -17.34
N LYS CA 163 22.22 34.15 -16.82
CA LYS CA 163 22.00 34.23 -15.37
C LYS CA 163 20.52 34.16 -15.03
N VAL CA 164 20.23 33.61 -13.85
CA VAL CA 164 18.85 33.53 -13.36
C VAL CA 164 18.35 34.92 -12.98
N VAL CA 165 17.18 35.29 -13.49
CA VAL CA 165 16.59 36.58 -13.18
C VAL CA 165 15.25 36.49 -12.47
N ASP CA 166 14.54 35.37 -12.52
CA ASP CA 166 13.38 35.16 -11.66
C ASP CA 166 13.10 33.68 -11.53
N ILE CA 167 12.27 33.35 -10.53
CA ILE CA 167 11.61 32.06 -10.41
C ILE CA 167 10.15 32.22 -10.85
N TRP CA 168 9.63 31.25 -11.59
CA TRP CA 168 8.19 31.15 -11.83
C TRP CA 168 7.61 30.08 -10.92
N VAL CA 169 6.49 30.39 -10.27
CA VAL CA 169 5.96 29.60 -9.17
C VAL CA 169 4.55 29.13 -9.46
N ASP CA 170 4.24 27.91 -9.01
CA ASP CA 170 2.89 27.38 -8.97
C ASP CA 170 2.17 27.97 -7.77
N ILE CA 171 1.20 28.85 -8.02
CA ILE CA 171 0.54 29.60 -6.95
C ILE CA 171 -0.26 28.70 -6.01
N PRO CA 172 -1.22 27.87 -6.49
CA PRO CA 172 -1.95 27.03 -5.53
C PRO CA 172 -1.12 25.94 -4.89
N GLU CA 173 -0.12 25.38 -5.59
CA GLU CA 173 0.69 24.33 -5.01
C GLU CA 173 1.97 24.84 -4.34
N GLN CA 174 2.24 26.15 -4.46
CA GLN CA 174 3.39 26.82 -3.84
C GLN CA 174 4.72 26.09 -4.06
N MET CA 175 5.09 25.94 -5.34
CA MET CA 175 6.37 25.31 -5.69
C MET CA 175 6.95 26.01 -6.91
N ALA CA 176 8.28 25.96 -7.02
CA ALA CA 176 8.99 26.52 -8.16
C ALA CA 176 8.85 25.63 -9.40
N ARG CA 177 8.31 26.21 -10.48
CA ARG CA 177 8.07 25.50 -11.74
C ARG CA 177 9.18 25.71 -12.76
N PHE CA 178 9.67 26.93 -12.92
CA PHE CA 178 10.71 27.26 -13.88
C PHE CA 178 11.67 28.28 -13.28
N LEU CA 179 12.89 28.31 -13.80
CA LEU CA 179 13.79 29.45 -13.65
C LEU CA 179 13.79 30.25 -14.94
N GLU CA 180 13.56 31.56 -14.83
CA GLU CA 180 13.78 32.46 -15.96
C GLU CA 180 15.25 32.87 -16.04
N VAL CA 181 15.89 32.59 -17.17
CA VAL CA 181 17.30 32.85 -17.41
C VAL CA 181 17.42 33.95 -18.46
N GLU CA 182 18.15 35.02 -18.12
CA GLU CA 182 18.54 36.02 -19.11
C GLU CA 182 19.78 35.58 -19.86
N LEU CA 183 19.68 35.49 -21.19
CA LEU CA 183 20.79 35.10 -22.05
C LEU CA 183 21.72 36.27 -22.35
N LYS CA 184 22.85 35.92 -23.00
CA LYS CA 184 23.86 36.89 -23.42
C LYS CA 184 23.30 38.05 -24.22
N ASP CA 185 22.30 37.81 -25.06
CA ASP CA 185 21.71 38.86 -25.89
C ASP CA 185 20.66 39.71 -25.16
N GLY CA 186 20.38 39.42 -23.89
CA GLY CA 186 19.42 40.16 -23.10
C GLY CA 186 17.99 39.68 -23.20
N SER CA 187 17.68 38.72 -24.06
CA SER CA 187 16.40 38.04 -24.02
C SER CA 187 16.41 36.97 -22.92
N THR CA 188 15.22 36.58 -22.46
CA THR CA 188 15.10 35.56 -21.43
C THR CA 188 14.54 34.26 -21.98
N ARG CA 189 14.72 33.18 -21.20
CA ARG CA 189 14.16 31.86 -21.47
C ARG CA 189 13.70 31.23 -20.16
N LEU CA 190 12.76 30.30 -20.26
CA LEU CA 190 12.35 29.48 -19.11
C LEU CA 190 13.04 28.13 -19.16
N LEU CA 191 13.68 27.75 -18.05
CA LEU CA 191 14.23 26.41 -17.86
C LEU CA 191 13.43 25.65 -16.82
N PRO CA 192 12.94 24.44 -17.14
CA PRO CA 192 12.18 23.67 -16.15
C PRO CA 192 13.00 23.36 -14.90
N MET CA 193 12.36 23.54 -13.74
CA MET CA 193 13.05 23.35 -12.47
C MET CA 193 13.59 21.93 -12.30
N GLN CA 194 12.93 20.94 -12.91
CA GLN CA 194 13.36 19.55 -12.86
C GLN CA 194 14.58 19.25 -13.73
N MET CA 195 14.98 20.17 -14.62
CA MET CA 195 16.07 19.94 -15.55
C MET CA 195 17.31 20.77 -15.22
N VAL CA 196 17.32 21.43 -14.07
CA VAL CA 196 18.47 22.20 -13.61
C VAL CA 196 18.94 21.64 -12.27
N LYS CA 197 20.24 21.76 -12.01
CA LYS CA 197 20.83 21.45 -10.71
C LYS CA 197 21.38 22.75 -10.11
N VAL CA 198 20.76 23.20 -9.02
CA VAL CA 198 21.21 24.39 -8.30
C VAL CA 198 22.40 24.05 -7.43
N GLN CA 199 23.44 24.88 -7.52
CA GLN CA 199 24.68 24.70 -6.75
C GLN CA 199 25.05 26.04 -6.11
N SER CA 200 25.98 25.98 -5.15
CA SER CA 200 26.26 27.14 -4.30
C SER CA 200 26.67 28.37 -5.10
N ASN CA 201 27.33 28.17 -6.24
CA ASN CA 201 27.83 29.28 -7.04
C ASN CA 201 27.34 29.29 -8.48
N ARG CA 202 26.49 28.33 -8.87
CA ARG CA 202 26.00 28.25 -10.24
C ARG CA 202 24.72 27.44 -10.28
N VAL CA 203 23.98 27.59 -11.38
CA VAL CA 203 22.97 26.63 -11.80
C VAL CA 203 23.53 25.86 -12.99
N HIS CA 204 23.59 24.54 -12.86
CA HIS CA 204 24.13 23.67 -13.90
C HIS CA 204 23.00 22.98 -14.67
N VAL CA 205 23.13 22.97 -16.00
CA VAL CA 205 22.16 22.31 -16.89
C VAL CA 205 22.88 21.17 -17.61
N ASN CA 206 22.53 19.93 -17.25
CA ASN CA 206 23.13 18.77 -17.92
C ASN CA 206 22.58 18.56 -19.33
N ALA CA 207 21.35 19.01 -19.60
CA ALA CA 207 20.69 18.72 -20.86
C ALA CA 207 21.10 19.61 -22.03
N LEU CA 208 21.64 20.80 -21.79
CA LEU CA 208 21.94 21.74 -22.88
C LEU CA 208 23.35 22.27 -22.76
N SER CA 209 24.06 22.29 -23.89
CA SER CA 209 25.25 23.12 -24.03
C SER CA 209 24.85 24.58 -24.23
N SER CA 210 25.78 25.47 -23.87
CA SER CA 210 25.50 26.91 -23.86
C SER CA 210 25.02 27.45 -25.20
N ASP CA 211 25.44 26.84 -26.31
CA ASP CA 211 24.99 27.28 -27.63
C ASP CA 211 23.53 26.95 -27.92
N LEU CA 212 22.93 26.00 -27.21
CA LEU CA 212 21.55 25.60 -27.44
C LEU CA 212 20.52 26.48 -26.72
N PHE CA 213 20.92 27.31 -25.77
CA PHE CA 213 19.96 28.07 -24.96
C PHE CA 213 19.18 29.08 -25.79
N ALA CA 214 19.82 29.71 -26.77
CA ALA CA 214 19.11 30.61 -27.68
C ALA CA 214 17.96 29.93 -28.40
N GLY CA 215 18.09 28.63 -28.71
CA GLY CA 215 17.03 27.89 -29.37
C GLY CA 215 15.87 27.45 -28.49
N ILE CA 216 15.95 27.63 -27.18
CA ILE CA 216 14.78 27.34 -26.33
C ILE CA 216 13.59 28.18 -26.78
N PRO CA 217 12.42 27.58 -27.02
CA PRO CA 217 11.25 28.36 -27.47
C PRO CA 217 10.88 29.47 -26.50
N THR CA 218 10.54 30.63 -27.05
CA THR CA 218 10.15 31.80 -26.27
C THR CA 218 8.65 31.78 -25.93
N ILE CA 219 8.31 32.39 -24.80
CA ILE CA 219 6.91 32.66 -24.46
C ILE CA 219 6.45 33.95 -25.14
N LYS CA 220 5.19 33.98 -25.57
CA LYS CA 220 4.68 35.12 -26.34
C LYS CA 220 4.27 36.31 -25.48
N SER CA 221 4.02 36.11 -24.19
CA SER CA 221 3.79 37.20 -23.25
C SER CA 221 4.66 37.00 -22.02
N PRO CA 222 5.25 38.06 -21.46
CA PRO CA 222 6.26 37.88 -20.41
C PRO CA 222 5.69 37.52 -19.05
N THR CA 223 4.36 37.53 -18.88
CA THR CA 223 3.75 37.33 -17.56
C THR CA 223 3.04 35.99 -17.41
N GLU CA 224 2.90 35.22 -18.49
CA GLU CA 224 2.19 33.95 -18.43
C GLU CA 224 2.80 32.98 -19.44
N VAL CA 225 2.56 31.69 -19.22
CA VAL CA 225 2.99 30.65 -20.15
C VAL CA 225 1.82 29.70 -20.42
N THR CA 226 1.57 29.41 -21.70
CA THR CA 226 0.50 28.51 -22.09
C THR CA 226 0.93 27.05 -21.98
N LEU CA 227 -0.07 26.16 -21.89
CA LEU CA 227 0.21 24.73 -21.88
C LEU CA 227 0.93 24.29 -23.14
N LEU CA 228 0.63 24.91 -24.28
CA LEU CA 228 1.37 24.66 -25.51
C LEU CA 228 2.83 25.06 -25.37
N GLU CA 229 3.09 26.27 -24.87
CA GLU CA 229 4.45 26.74 -24.67
C GLU CA 229 5.21 25.90 -23.66
N GLU CA 230 4.55 25.45 -22.59
CA GLU CA 230 5.19 24.53 -21.65
C GLU CA 230 5.65 23.24 -22.33
N ASP CA 231 4.78 22.63 -23.13
CA ASP CA 231 5.15 21.40 -23.83
C ASP CA 231 6.31 21.63 -24.80
N LYS CA 232 6.31 22.75 -25.52
CA LYS CA 232 7.40 23.08 -26.43
C LYS CA 232 8.72 23.28 -25.69
N ILE CA 233 8.70 24.02 -24.58
CA ILE CA 233 9.93 24.27 -23.82
C ILE CA 233 10.46 22.98 -23.18
N CYS CA 234 9.59 22.26 -22.48
CA CYS CA 234 10.02 21.04 -21.79
C CYS CA 234 10.48 19.97 -22.77
N GLY CA 235 9.76 19.81 -23.88
CA GLY CA 235 10.20 18.92 -24.94
C GLY CA 235 11.58 19.24 -25.48
N TYR CA 236 11.82 20.51 -25.82
CA TYR CA 236 13.13 20.92 -26.35
C TYR CA 236 14.27 20.67 -25.36
N VAL CA 237 14.09 21.05 -24.09
CA VAL CA 237 15.16 20.87 -23.11
C VAL CA 237 15.52 19.41 -22.94
N ALA CA 238 14.53 18.54 -22.76
CA ALA CA 238 14.78 17.11 -22.67
C ALA CA 238 15.40 16.53 -23.95
N GLY CA 239 15.01 17.05 -25.12
CA GLY CA 239 15.63 16.62 -26.36
C GLY CA 239 17.14 16.75 -26.39
N GLY CA 240 17.68 17.75 -25.69
CA GLY CA 240 19.12 17.93 -25.59
C GLY CA 240 19.88 16.76 -24.98
N LEU CA 241 19.22 15.93 -24.17
CA LEU CA 241 19.89 14.74 -23.65
C LEU CA 241 20.33 13.79 -24.76
N MET CA 242 19.54 13.66 -25.82
CA MET CA 242 19.95 12.86 -26.96
C MET CA 242 20.76 13.64 -27.99
N TYR CA 243 20.36 14.87 -28.31
CA TYR CA 243 20.82 15.56 -29.51
C TYR CA 243 21.86 16.65 -29.29
N ALA CA 244 22.17 17.03 -28.05
CA ALA CA 244 23.26 17.96 -27.83
C ALA CA 244 24.60 17.35 -28.23
N ALA CA 245 25.41 18.15 -28.93
CA ALA CA 245 26.68 17.68 -29.48
C ALA CA 245 27.68 17.35 -28.38
N PRO CA 246 28.55 16.34 -28.59
CA PRO CA 246 29.60 15.96 -27.64
C PRO CA 246 30.69 17.01 -27.51
N ALA DA 1 1.40 -2.06 -34.93
CA ALA DA 1 0.52 -0.91 -35.15
C ALA DA 1 0.72 0.14 -34.05
N LEU DA 2 0.73 1.40 -34.47
CA LEU DA 2 1.05 2.53 -33.61
C LEU DA 2 -0.19 3.02 -32.87
N LEU DA 3 0.01 3.53 -31.66
CA LEU DA 3 -0.92 4.53 -31.13
C LEU DA 3 -0.93 5.76 -32.04
N SER DA 4 -2.06 6.46 -32.06
CA SER DA 4 -2.23 7.59 -32.96
C SER DA 4 -1.19 8.70 -32.77
N PHE DA 5 -0.60 8.81 -31.57
CA PHE DA 5 0.46 9.77 -31.30
C PHE DA 5 1.88 9.20 -31.31
N GLU DA 6 2.03 7.89 -31.56
CA GLU DA 6 3.30 7.20 -31.29
C GLU DA 6 4.41 7.52 -32.30
N ARG DA 7 4.07 7.78 -33.57
CA ARG DA 7 5.09 7.78 -34.63
C ARG DA 7 6.23 8.77 -34.38
N LYS DA 8 5.90 10.00 -33.94
CA LYS DA 8 6.92 11.02 -33.67
C LYS DA 8 7.97 10.60 -32.65
N TYR DA 9 7.70 9.61 -31.80
CA TYR DA 9 8.69 9.15 -30.82
C TYR DA 9 9.58 8.00 -31.30
N ARG DA 10 9.18 7.22 -32.31
CA ARG DA 10 9.94 6.05 -32.75
C ARG DA 10 11.16 6.42 -33.60
N VAL DA 11 12.12 7.11 -32.98
CA VAL DA 11 13.35 7.54 -33.64
C VAL DA 11 14.51 6.57 -33.38
N PRO DA 12 15.59 6.65 -34.17
CA PRO DA 12 16.81 5.88 -33.87
C PRO DA 12 17.45 6.27 -32.54
N GLY DA 13 18.25 5.33 -32.00
CA GLY DA 13 19.22 5.64 -30.98
C GLY DA 13 18.70 5.59 -29.56
N GLY DA 14 19.59 5.95 -28.63
CA GLY DA 14 19.39 5.70 -27.21
C GLY DA 14 19.85 4.35 -26.72
N THR DA 15 20.26 3.45 -27.60
CA THR DA 15 20.70 2.12 -27.20
C THR DA 15 22.01 2.16 -26.42
N LEU DA 16 22.13 1.25 -25.43
CA LEU DA 16 23.39 1.09 -24.71
C LEU DA 16 24.36 0.20 -25.49
N VAL DA 17 23.86 -0.88 -26.09
CA VAL DA 17 24.67 -1.88 -26.76
C VAL DA 17 24.03 -2.18 -28.12
N GLY DA 18 24.87 -2.47 -29.11
CA GLY DA 18 24.43 -3.00 -30.39
C GLY DA 18 24.09 -1.99 -31.46
N GLY DA 19 24.09 -0.70 -31.15
CA GLY DA 19 23.76 0.31 -32.14
C GLY DA 19 22.40 0.11 -32.78
N ASN DA 20 22.37 0.13 -34.11
CA ASN DA 20 21.14 -0.14 -34.87
C ASN DA 20 20.83 -1.61 -35.06
N LEU DA 21 21.73 -2.51 -34.66
CA LEU DA 21 21.59 -3.93 -34.98
C LEU DA 21 20.29 -4.53 -34.46
N PHE DA 22 19.86 -4.11 -33.27
CA PHE DA 22 18.61 -4.60 -32.68
C PHE DA 22 17.59 -3.49 -32.43
N ASP DA 23 17.84 -2.30 -32.95
CA ASP DA 23 17.02 -1.10 -32.68
C ASP DA 23 15.71 -1.13 -33.49
N PHE DA 24 14.81 -2.01 -33.09
CA PHE DA 24 13.55 -2.19 -33.80
C PHE DA 24 12.48 -2.74 -32.86
N TRP DA 25 11.23 -2.70 -33.32
CA TRP DA 25 10.07 -3.16 -32.56
C TRP DA 25 9.49 -4.43 -33.16
N VAL DA 26 8.95 -5.28 -32.30
CA VAL DA 26 8.15 -6.44 -32.67
C VAL DA 26 6.74 -6.18 -32.16
N GLY DA 27 5.87 -5.67 -33.03
CA GLY DA 27 4.60 -5.13 -32.62
C GLY DA 27 4.78 -3.93 -31.71
N PRO DA 28 4.18 -3.98 -30.52
CA PRO DA 28 4.40 -2.90 -29.54
C PRO DA 28 5.75 -2.98 -28.86
N PHE DA 29 6.28 -4.19 -28.70
CA PHE DA 29 7.48 -4.42 -27.88
C PHE DA 29 8.73 -3.88 -28.57
N TYR DA 30 9.43 -2.96 -27.92
CA TYR DA 30 10.78 -2.62 -28.35
C TYR DA 30 11.72 -3.78 -28.04
N VAL DA 31 12.64 -4.07 -28.97
CA VAL DA 31 13.57 -5.18 -28.80
C VAL DA 31 14.87 -4.72 -28.14
N GLY DA 32 15.80 -4.21 -28.95
CA GLY DA 32 17.15 -3.94 -28.48
C GLY DA 32 17.96 -5.16 -28.11
N PHE DA 33 19.27 -4.96 -27.93
CA PHE DA 33 20.18 -6.05 -27.53
C PHE DA 33 19.70 -6.78 -26.28
N PHE DA 34 19.19 -6.04 -25.29
CA PHE DA 34 18.69 -6.66 -24.07
C PHE DA 34 17.31 -7.28 -24.21
N GLY DA 35 16.52 -6.90 -25.21
CA GLY DA 35 15.30 -7.62 -25.51
C GLY DA 35 15.57 -9.02 -26.02
N VAL DA 36 16.55 -9.15 -26.93
CA VAL DA 36 17.03 -10.47 -27.36
C VAL DA 36 17.46 -11.30 -26.15
N ALA DA 37 18.33 -10.74 -25.31
CA ALA DA 37 18.77 -11.41 -24.09
C ALA DA 37 17.60 -11.78 -23.18
N THR DA 38 16.68 -10.84 -22.95
CA THR DA 38 15.58 -11.11 -22.03
C THR DA 38 14.71 -12.26 -22.52
N PHE DA 39 14.36 -12.25 -23.80
CA PHE DA 39 13.53 -13.30 -24.37
C PHE DA 39 14.21 -14.66 -24.28
N PHE DA 40 15.48 -14.74 -24.66
CA PHE DA 40 16.22 -16.01 -24.55
C PHE DA 40 16.20 -16.57 -23.13
N PHE DA 41 16.58 -15.76 -22.13
CA PHE DA 41 16.59 -16.24 -20.76
C PHE DA 41 15.18 -16.59 -20.26
N ALA DA 42 14.19 -15.79 -20.62
CA ALA DA 42 12.82 -16.08 -20.19
C ALA DA 42 12.31 -17.38 -20.80
N ALA DA 43 12.43 -17.53 -22.12
CA ALA DA 43 12.02 -18.76 -22.79
C ALA DA 43 12.77 -19.97 -22.25
N LEU DA 44 14.08 -19.88 -22.06
CA LEU DA 44 14.85 -21.01 -21.55
C LEU DA 44 14.43 -21.39 -20.13
N GLY DA 45 14.28 -20.39 -19.26
CA GLY DA 45 13.82 -20.69 -17.90
C GLY DA 45 12.43 -21.30 -17.85
N ILE DA 46 11.50 -20.78 -18.67
CA ILE DA 46 10.15 -21.32 -18.74
C ILE DA 46 10.16 -22.78 -19.21
N ILE DA 47 10.89 -23.06 -20.30
CA ILE DA 47 10.91 -24.43 -20.83
C ILE DA 47 11.62 -25.39 -19.87
N LEU DA 48 12.66 -24.92 -19.18
CA LEU DA 48 13.29 -25.76 -18.16
C LEU DA 48 12.39 -26.02 -16.95
N ILE DA 49 11.50 -25.09 -16.60
CA ILE DA 49 10.50 -25.38 -15.58
C ILE DA 49 9.55 -26.48 -16.06
N ALA DA 50 9.08 -26.38 -17.30
CA ALA DA 50 8.23 -27.42 -17.87
C ALA DA 50 8.94 -28.77 -17.93
N TRP DA 51 10.21 -28.77 -18.33
CA TRP DA 51 11.00 -30.01 -18.27
C TRP DA 51 11.17 -30.54 -16.86
N SER DA 52 11.39 -29.65 -15.89
CA SER DA 52 11.42 -30.09 -14.49
C SER DA 52 10.12 -30.74 -14.05
N ALA DA 53 8.98 -30.28 -14.58
CA ALA DA 53 7.71 -30.94 -14.35
C ALA DA 53 7.66 -32.35 -14.94
N VAL DA 54 8.26 -32.55 -16.11
CA VAL DA 54 8.39 -33.89 -16.68
C VAL DA 54 9.15 -34.81 -15.74
N LEU DA 55 10.31 -34.35 -15.25
CA LEU DA 55 11.07 -35.14 -14.28
C LEU DA 55 10.30 -35.36 -12.99
N GLN DA 56 9.64 -34.32 -12.48
CA GLN DA 56 8.86 -34.45 -11.25
C GLN DA 56 7.71 -35.44 -11.41
N GLY DA 57 7.16 -35.56 -12.61
CA GLY DA 57 6.02 -36.42 -12.85
C GLY DA 57 4.68 -35.81 -12.52
N THR DA 58 4.51 -34.51 -12.74
CA THR DA 58 3.22 -33.85 -12.56
C THR DA 58 3.02 -32.84 -13.67
N TRP DA 59 1.77 -32.69 -14.10
CA TRP DA 59 1.36 -31.61 -14.99
C TRP DA 59 0.44 -30.61 -14.33
N ASN DA 60 0.08 -30.80 -13.08
CA ASN DA 60 -0.71 -29.82 -12.34
C ASN DA 60 0.19 -28.62 -12.07
N PRO DA 61 -0.08 -27.45 -12.66
CA PRO DA 61 0.86 -26.32 -12.53
C PRO DA 61 0.98 -25.81 -11.10
N GLN DA 62 0.01 -26.10 -10.23
CA GLN DA 62 0.12 -25.77 -8.82
C GLN DA 62 1.03 -26.71 -8.04
N LEU DA 63 1.22 -27.95 -8.51
CA LEU DA 63 2.16 -28.87 -7.88
C LEU DA 63 3.58 -28.83 -8.44
N ILE DA 64 3.80 -28.24 -9.62
CA ILE DA 64 5.15 -28.11 -10.18
C ILE DA 64 6.06 -27.37 -9.20
N SER DA 65 7.21 -27.98 -8.89
CA SER DA 65 8.13 -27.42 -7.89
C SER DA 65 9.57 -27.80 -8.22
N VAL DA 66 10.38 -26.81 -8.59
CA VAL DA 66 11.82 -26.99 -8.82
C VAL DA 66 12.57 -26.65 -7.53
N TYR DA 67 13.03 -27.71 -6.81
CA TYR DA 67 13.77 -27.51 -5.56
C TYR DA 67 15.24 -27.19 -5.81
N PRO DA 68 15.84 -26.31 -5.00
CA PRO DA 68 17.30 -26.12 -5.01
C PRO DA 68 18.04 -27.36 -4.53
N PRO DA 69 19.35 -27.45 -4.80
CA PRO DA 69 20.17 -28.53 -4.25
C PRO DA 69 20.00 -28.74 -2.75
N ALA DA 70 20.07 -30.00 -2.32
CA ALA DA 70 20.16 -30.32 -0.90
C ALA DA 70 21.38 -29.65 -0.26
N LEU DA 71 21.30 -29.45 1.06
CA LEU DA 71 22.37 -28.81 1.81
C LEU DA 71 23.72 -29.52 1.67
N GLU DA 72 23.70 -30.83 1.47
CA GLU DA 72 24.93 -31.60 1.28
C GLU DA 72 25.76 -31.16 0.09
N TYR DA 73 25.17 -30.51 -0.90
CA TYR DA 73 25.91 -29.95 -2.02
C TYR DA 73 26.62 -28.63 -1.69
N GLY DA 74 26.28 -27.99 -0.58
CA GLY DA 74 26.82 -26.69 -0.26
C GLY DA 74 26.58 -25.67 -1.35
N LEU DA 75 27.63 -24.99 -1.79
CA LEU DA 75 27.57 -24.08 -2.93
C LEU DA 75 28.05 -24.69 -4.24
N GLY DA 76 28.27 -26.01 -4.29
CA GLY DA 76 28.61 -26.66 -5.54
C GLY DA 76 27.42 -26.88 -6.47
N GLY DA 77 27.73 -27.20 -7.72
CA GLY DA 77 26.69 -27.58 -8.68
C GLY DA 77 26.14 -28.97 -8.38
N ALA DA 78 24.81 -29.11 -8.51
CA ALA DA 78 24.16 -30.39 -8.26
C ALA DA 78 23.79 -31.10 -9.57
N PRO DA 79 23.52 -32.41 -9.50
CA PRO DA 79 22.81 -33.09 -10.60
C PRO DA 79 21.55 -32.35 -11.02
N LEU DA 80 21.31 -32.30 -12.34
CA LEU DA 80 20.23 -31.48 -12.88
C LEU DA 80 18.87 -31.87 -12.28
N ALA DA 81 18.58 -33.17 -12.22
CA ALA DA 81 17.34 -33.63 -11.59
C ALA DA 81 17.31 -33.44 -10.08
N LYS DA 82 18.44 -33.18 -9.45
CA LYS DA 82 18.54 -33.07 -8.00
C LYS DA 82 18.95 -31.66 -7.56
N GLY DA 83 18.54 -30.65 -8.32
CA GLY DA 83 18.77 -29.26 -7.98
C GLY DA 83 19.63 -28.49 -8.96
N GLY DA 84 20.27 -29.13 -9.91
CA GLY DA 84 20.99 -28.41 -10.95
C GLY DA 84 20.10 -27.65 -11.90
N LEU DA 85 18.86 -28.11 -12.12
CA LEU DA 85 17.90 -27.34 -12.89
C LEU DA 85 17.51 -26.05 -12.18
N TRP DA 86 17.33 -26.09 -10.86
CA TRP DA 86 17.12 -24.86 -10.10
C TRP DA 86 18.27 -23.87 -10.29
N GLN DA 87 19.50 -24.37 -10.29
CA GLN DA 87 20.67 -23.51 -10.52
C GLN DA 87 20.62 -22.84 -11.90
N ILE DA 88 20.33 -23.60 -12.95
CA ILE DA 88 20.24 -23.02 -14.29
C ILE DA 88 19.07 -22.05 -14.41
N ILE DA 89 17.91 -22.41 -13.85
CA ILE DA 89 16.75 -21.50 -13.90
C ILE DA 89 17.02 -20.22 -13.13
N THR DA 90 17.74 -20.31 -12.00
CA THR DA 90 18.10 -19.12 -11.25
C THR DA 90 19.03 -18.21 -12.04
N ILE DA 91 19.96 -18.78 -12.81
CA ILE DA 91 20.78 -17.99 -13.72
C ILE DA 91 19.93 -17.37 -14.83
N CYS DA 92 19.00 -18.14 -15.40
CA CYS DA 92 18.09 -17.58 -16.40
C CYS DA 92 17.23 -16.45 -15.82
N ALA DA 93 16.62 -16.67 -14.66
CA ALA DA 93 15.85 -15.62 -14.00
C ALA DA 93 16.65 -14.35 -13.80
N THR DA 94 17.85 -14.49 -13.22
CA THR DA 94 18.74 -13.34 -13.02
C THR DA 94 19.11 -12.68 -14.34
N GLY DA 95 19.44 -13.48 -15.35
CA GLY DA 95 19.68 -12.92 -16.68
C GLY DA 95 18.49 -12.18 -17.24
N ALA DA 96 17.30 -12.77 -17.13
CA ALA DA 96 16.09 -12.12 -17.63
C ALA DA 96 15.79 -10.82 -16.88
N PHE DA 97 15.85 -10.85 -15.55
CA PHE DA 97 15.55 -9.65 -14.75
C PHE DA 97 16.52 -8.52 -15.04
N VAL DA 98 17.83 -8.82 -15.08
CA VAL DA 98 18.82 -7.79 -15.38
C VAL DA 98 18.71 -7.28 -16.81
N SER DA 99 18.49 -8.17 -17.77
CA SER DA 99 18.27 -7.75 -19.15
C SER DA 99 17.02 -6.87 -19.28
N TRP DA 100 15.95 -7.23 -18.57
CA TRP DA 100 14.73 -6.42 -18.58
C TRP DA 100 14.98 -5.01 -18.04
N ALA DA 101 15.70 -4.90 -16.93
CA ALA DA 101 16.06 -3.58 -16.40
C ALA DA 101 16.92 -2.77 -17.37
N LEU DA 102 17.92 -3.40 -17.98
CA LEU DA 102 18.78 -2.70 -18.93
C LEU DA 102 18.03 -2.31 -20.21
N ARG DA 103 17.05 -3.11 -20.61
CA ARG DA 103 16.18 -2.75 -21.73
C ARG DA 103 15.31 -1.53 -21.40
N GLU DA 104 14.77 -1.47 -20.19
CA GLU DA 104 14.06 -0.28 -19.73
C GLU DA 104 14.93 0.98 -19.73
N VAL DA 105 16.22 0.85 -19.41
CA VAL DA 105 17.12 1.99 -19.49
C VAL DA 105 17.22 2.56 -20.90
N GLU DA 106 17.39 1.72 -21.91
CA GLU DA 106 17.47 2.26 -23.27
C GLU DA 106 16.11 2.72 -23.80
N ILE DA 107 15.00 2.18 -23.31
CA ILE DA 107 13.71 2.78 -23.59
C ILE DA 107 13.59 4.18 -22.96
N CYS DA 108 14.04 4.33 -21.71
CA CYS DA 108 14.09 5.66 -21.09
C CYS DA 108 14.91 6.64 -21.92
N ARG DA 109 16.09 6.22 -22.38
CA ARG DA 109 16.96 7.07 -23.18
C ARG DA 109 16.31 7.51 -24.49
N LYS DA 110 15.67 6.58 -25.20
CA LYS DA 110 14.98 6.94 -26.43
C LYS DA 110 13.84 7.93 -26.20
N LEU DA 111 13.09 7.76 -25.10
CA LEU DA 111 11.99 8.67 -24.79
C LEU DA 111 12.41 9.93 -24.03
N GLY DA 112 13.68 10.05 -23.64
CA GLY DA 112 14.17 11.21 -22.92
C GLY DA 112 13.66 11.40 -21.50
N ILE DA 113 13.07 10.37 -20.90
CA ILE DA 113 12.54 10.44 -19.54
C ILE DA 113 13.63 10.09 -18.52
N GLY DA 114 13.36 10.36 -17.24
CA GLY DA 114 14.24 9.93 -16.17
C GLY DA 114 14.31 8.42 -16.00
N TYR DA 115 15.34 7.99 -15.26
CA TYR DA 115 15.67 6.59 -15.03
C TYR DA 115 14.99 5.98 -13.80
N HIS DA 116 14.03 6.67 -13.19
CA HIS DA 116 13.41 6.21 -11.94
C HIS DA 116 12.86 4.79 -12.04
N ILE DA 117 12.28 4.42 -13.16
CA ILE DA 117 11.62 3.11 -13.30
C ILE DA 117 12.61 1.95 -13.24
N PRO DA 118 13.65 1.88 -14.09
CA PRO DA 118 14.63 0.80 -13.92
C PRO DA 118 15.36 0.82 -12.58
N PHE DA 119 15.62 2.01 -12.03
CA PHE DA 119 16.17 2.13 -10.68
C PHE DA 119 15.24 1.49 -9.64
N ALA DA 120 13.94 1.76 -9.73
CA ALA DA 120 12.98 1.17 -8.82
C ALA DA 120 12.88 -0.35 -8.96
N PHE DA 121 12.94 -0.86 -10.20
CA PHE DA 121 12.92 -2.30 -10.44
C PHE DA 121 14.15 -3.01 -9.89
N ALA DA 122 15.31 -2.35 -9.90
CA ALA DA 122 16.53 -2.92 -9.31
C ALA DA 122 16.37 -3.27 -7.82
N PHE DA 123 15.52 -2.55 -7.08
CA PHE DA 123 15.23 -2.97 -5.71
C PHE DA 123 14.54 -4.33 -5.64
N ALA DA 124 13.59 -4.60 -6.54
CA ALA DA 124 12.95 -5.90 -6.57
C ALA DA 124 13.94 -7.01 -6.93
N ILE DA 125 14.83 -6.74 -7.88
CA ILE DA 125 15.88 -7.69 -8.25
C ILE DA 125 16.79 -7.99 -7.06
N LEU DA 126 17.25 -6.95 -6.36
CA LEU DA 126 18.13 -7.14 -5.21
C LEU DA 126 17.46 -7.87 -4.07
N ALA DA 127 16.16 -7.66 -3.85
CA ALA DA 127 15.42 -8.50 -2.91
C ALA DA 127 15.42 -9.97 -3.34
N TYR DA 128 15.14 -10.23 -4.63
CA TYR DA 128 15.21 -11.59 -5.14
C TYR DA 128 16.60 -12.21 -4.95
N LEU DA 129 17.65 -11.49 -5.35
CA LEU DA 129 19.01 -11.97 -5.14
C LEU DA 129 19.38 -12.13 -3.66
N THR DA 130 18.78 -11.34 -2.78
CA THR DA 130 18.95 -11.59 -1.34
C THR DA 130 18.52 -13.00 -0.97
N LEU DA 131 17.34 -13.43 -1.43
CA LEU DA 131 16.80 -14.73 -1.03
C LEU DA 131 17.45 -15.91 -1.78
N VAL DA 132 17.86 -15.74 -3.03
CA VAL DA 132 18.43 -16.85 -3.78
C VAL DA 132 19.96 -16.86 -3.84
N LEU DA 133 20.61 -15.70 -3.65
CA LEU DA 133 22.06 -15.61 -3.85
C LEU DA 133 22.76 -15.16 -2.57
N PHE DA 134 22.60 -13.91 -2.13
CA PHE DA 134 23.43 -13.37 -1.06
C PHE DA 134 23.28 -14.14 0.26
N ARG DA 135 22.04 -14.34 0.71
CA ARG DA 135 21.82 -15.10 1.93
C ARG DA 135 22.25 -16.57 1.83
N PRO DA 136 21.90 -17.31 0.77
CA PRO DA 136 22.46 -18.67 0.63
C PRO DA 136 23.98 -18.77 0.62
N VAL DA 137 24.69 -17.85 -0.04
CA VAL DA 137 26.15 -17.94 -0.02
C VAL DA 137 26.75 -17.49 1.31
N MET DA 138 26.13 -16.55 2.02
CA MET DA 138 26.52 -16.31 3.41
C MET DA 138 26.33 -17.56 4.26
N MET DA 139 25.17 -18.20 4.14
CA MET DA 139 24.87 -19.40 4.93
C MET DA 139 25.57 -20.64 4.41
N GLY DA 140 26.20 -20.58 3.24
CA GLY DA 140 27.03 -21.67 2.75
C GLY DA 140 26.34 -22.82 2.04
N ALA DA 141 25.08 -22.65 1.61
CA ALA DA 141 24.43 -23.69 0.83
C ALA DA 141 23.33 -23.09 -0.02
N TRP DA 142 23.20 -23.57 -1.26
CA TRP DA 142 22.07 -23.22 -2.11
C TRP DA 142 20.73 -23.68 -1.53
N GLY DA 143 20.72 -24.76 -0.76
CA GLY DA 143 19.51 -25.30 -0.17
C GLY DA 143 18.77 -24.39 0.79
N TYR DA 144 19.35 -23.26 1.18
CA TYR DA 144 18.60 -22.25 1.92
C TYR DA 144 17.74 -21.34 1.04
N ALA DA 145 17.95 -21.33 -0.28
CA ALA DA 145 17.06 -20.61 -1.18
C ALA DA 145 15.68 -21.28 -1.26
N PHE DA 146 14.70 -20.53 -1.79
CA PHE DA 146 13.34 -21.02 -1.97
C PHE DA 146 13.14 -21.80 -3.28
N PRO DA 147 12.24 -22.78 -3.28
CA PRO DA 147 11.94 -23.52 -4.50
C PRO DA 147 10.98 -22.78 -5.41
N TYR DA 148 11.14 -23.00 -6.71
CA TYR DA 148 10.27 -22.41 -7.72
C TYR DA 148 9.04 -23.29 -7.91
N GLY DA 149 8.00 -22.99 -7.12
CA GLY DA 149 6.72 -23.65 -7.19
C GLY DA 149 5.65 -22.83 -6.46
N ILE DA 150 4.46 -22.77 -7.04
CA ILE DA 150 3.45 -21.78 -6.64
C ILE DA 150 3.12 -21.89 -5.15
N TRP DA 151 2.85 -23.09 -4.67
CA TRP DA 151 2.61 -23.25 -3.24
C TRP DA 151 3.85 -23.64 -2.44
N THR DA 152 4.79 -24.36 -3.06
CA THR DA 152 5.97 -24.83 -2.34
C THR DA 152 6.91 -23.69 -1.91
N HIS DA 153 6.94 -22.56 -2.63
CA HIS DA 153 7.73 -21.44 -2.11
C HIS DA 153 7.10 -20.86 -0.84
N LEU DA 154 5.79 -21.05 -0.65
CA LEU DA 154 5.16 -20.66 0.62
C LEU DA 154 5.53 -21.60 1.76
N ASP DA 155 5.72 -22.89 1.47
CA ASP DA 155 6.31 -23.80 2.46
C ASP DA 155 7.68 -23.34 2.90
N TRP DA 156 8.52 -22.88 1.97
CA TRP DA 156 9.81 -22.31 2.34
C TRP DA 156 9.64 -21.10 3.25
N VAL DA 157 8.71 -20.20 2.94
CA VAL DA 157 8.46 -19.04 3.79
C VAL DA 157 8.06 -19.47 5.19
N SER DA 158 7.11 -20.40 5.28
CA SER DA 158 6.64 -20.92 6.57
C SER DA 158 7.78 -21.57 7.35
N ASN DA 159 8.47 -22.53 6.73
CA ASN DA 159 9.55 -23.24 7.40
C ASN DA 159 10.70 -22.32 7.80
N THR DA 160 11.05 -21.36 6.95
CA THR DA 160 12.08 -20.39 7.30
C THR DA 160 11.65 -19.52 8.48
N GLY DA 161 10.43 -18.99 8.44
CA GLY DA 161 9.91 -18.18 9.52
C GLY DA 161 9.92 -18.85 10.87
N TYR DA 162 9.26 -20.00 10.99
CA TYR DA 162 9.17 -20.73 12.25
C TYR DA 162 10.49 -21.30 12.73
N THR DA 163 11.56 -21.26 11.92
CA THR DA 163 12.88 -21.55 12.46
C THR DA 163 13.27 -20.56 13.56
N TYR DA 164 12.73 -19.34 13.50
CA TYR DA 164 13.02 -18.27 14.45
C TYR DA 164 11.81 -17.91 15.31
N GLY DA 165 10.93 -18.88 15.55
CA GLY DA 165 9.67 -18.68 16.25
C GLY DA 165 8.67 -17.93 15.40
N ASN DA 166 7.84 -17.11 16.05
CA ASN DA 166 6.98 -16.18 15.32
C ASN DA 166 7.85 -15.10 14.69
N PHE DA 167 7.92 -15.08 13.36
CA PHE DA 167 8.75 -14.14 12.62
C PHE DA 167 8.25 -12.69 12.70
N HIS DA 168 7.04 -12.45 13.20
CA HIS DA 168 6.59 -11.08 13.46
C HIS DA 168 7.54 -10.28 14.34
N TYR DA 169 8.25 -10.94 15.24
CA TYR DA 169 9.16 -10.27 16.17
C TYR DA 169 10.47 -9.80 15.54
N ASN DA 170 10.73 -10.11 14.29
CA ASN DA 170 11.90 -9.54 13.62
C ASN DA 170 11.67 -8.03 13.48
N PRO DA 171 12.51 -7.18 14.07
CA PRO DA 171 12.22 -5.73 14.07
C PRO DA 171 12.25 -5.11 12.68
N ALA DA 172 13.20 -5.50 11.83
CA ALA DA 172 13.22 -5.03 10.46
C ALA DA 172 12.01 -5.51 9.66
N HIS DA 173 11.49 -6.70 9.98
CA HIS DA 173 10.28 -7.21 9.35
C HIS DA 173 9.06 -6.36 9.75
N MET DA 174 8.96 -5.98 11.03
CA MET DA 174 7.92 -5.05 11.46
C MET DA 174 7.93 -3.73 10.67
N ILE DA 175 9.11 -3.15 10.51
CA ILE DA 175 9.26 -1.91 9.73
C ILE DA 175 8.81 -2.13 8.29
N ALA DA 176 9.28 -3.21 7.67
CA ALA DA 176 8.89 -3.52 6.30
C ALA DA 176 7.39 -3.68 6.12
N ILE DA 177 6.73 -4.40 7.04
CA ILE DA 177 5.27 -4.52 7.02
C ILE DA 177 4.60 -3.14 7.10
N SER DA 178 5.09 -2.29 7.99
CA SER DA 178 4.50 -0.96 8.14
C SER DA 178 4.58 -0.14 6.85
N PHE DA 179 5.71 -0.20 6.15
CA PHE DA 179 5.79 0.42 4.83
C PHE DA 179 4.86 -0.23 3.80
N PHE DA 180 4.76 -1.57 3.79
CA PHE DA 180 3.81 -2.23 2.88
C PHE DA 180 2.37 -1.82 3.14
N PHE DA 181 1.93 -1.85 4.40
CA PHE DA 181 0.56 -1.42 4.72
C PHE DA 181 0.35 0.05 4.41
N THR DA 182 1.32 0.90 4.73
CA THR DA 182 1.22 2.32 4.44
C THR DA 182 1.17 2.60 2.94
N ASN DA 183 1.94 1.86 2.15
CA ASN DA 183 1.92 2.02 0.70
C ASN DA 183 0.56 1.69 0.10
N ALA DA 184 -0.05 0.59 0.53
CA ALA DA 184 -1.38 0.23 0.02
C ALA DA 184 -2.43 1.26 0.42
N LEU DA 185 -2.35 1.80 1.64
CA LEU DA 185 -3.19 2.92 2.03
C LEU DA 185 -3.01 4.11 1.09
N ALA DA 186 -1.77 4.56 0.91
CA ALA DA 186 -1.48 5.70 0.05
C ALA DA 186 -1.93 5.48 -1.40
N LEU DA 187 -1.76 4.26 -1.92
CA LEU DA 187 -2.24 3.96 -3.27
C LEU DA 187 -3.76 4.08 -3.38
N ALA DA 188 -4.49 3.54 -2.40
CA ALA DA 188 -5.95 3.65 -2.41
C ALA DA 188 -6.39 5.11 -2.38
N LEU DA 189 -5.84 5.89 -1.44
CA LEU DA 189 -6.18 7.31 -1.35
C LEU DA 189 -5.83 8.07 -2.63
N HIS DA 190 -4.66 7.80 -3.22
CA HIS DA 190 -4.25 8.51 -4.42
C HIS DA 190 -5.12 8.18 -5.61
N GLY DA 191 -5.40 6.89 -5.83
CA GLY DA 191 -6.33 6.50 -6.88
C GLY DA 191 -7.70 7.12 -6.71
N ALA DA 192 -8.27 7.00 -5.52
CA ALA DA 192 -9.58 7.59 -5.23
C ALA DA 192 -9.61 9.10 -5.41
N LEU DA 193 -8.58 9.81 -4.96
CA LEU DA 193 -8.61 11.27 -5.03
C LEU DA 193 -8.58 11.77 -6.47
N VAL DA 194 -7.66 11.26 -7.29
CA VAL DA 194 -7.62 11.67 -8.70
C VAL DA 194 -8.92 11.33 -9.42
N LEU DA 195 -9.47 10.13 -9.18
CA LEU DA 195 -10.72 9.75 -9.81
C LEU DA 195 -11.89 10.61 -9.33
N SER DA 196 -11.95 10.91 -8.03
CA SER DA 196 -13.02 11.75 -7.50
C SER DA 196 -12.98 13.17 -8.06
N ALA DA 197 -11.79 13.67 -8.41
CA ALA DA 197 -11.66 14.97 -9.06
C ALA DA 197 -12.01 14.91 -10.54
N ALA DA 198 -11.49 13.93 -11.26
CA ALA DA 198 -11.80 13.79 -12.69
C ALA DA 198 -13.24 13.37 -12.93
N ASN DA 199 -13.84 12.62 -12.01
CA ASN DA 199 -15.22 12.12 -12.16
C ASN DA 199 -16.06 12.65 -11.00
N PRO DA 200 -16.44 13.94 -11.05
CA PRO DA 200 -17.25 14.53 -9.98
C PRO DA 200 -18.66 13.98 -9.90
N GLU DA 201 -19.49 14.60 -9.05
CA GLU DA 201 -20.93 14.38 -9.10
C GLU DA 201 -21.50 14.70 -10.49
N LYS DA 202 -22.63 14.07 -10.79
CA LYS DA 202 -23.24 14.11 -12.12
C LYS DA 202 -23.48 15.53 -12.61
N GLY DA 203 -22.93 15.83 -13.79
CA GLY DA 203 -23.09 17.12 -14.45
C GLY DA 203 -22.23 18.24 -13.93
N LYS DA 204 -21.43 18.02 -12.90
CA LYS DA 204 -20.47 19.03 -12.46
C LYS DA 204 -19.23 19.06 -13.35
N GLU DA 205 -18.58 20.23 -13.36
CA GLU DA 205 -17.27 20.38 -13.96
C GLU DA 205 -16.21 19.56 -13.24
N MET DA 206 -15.19 19.13 -13.99
CA MET DA 206 -13.99 18.52 -13.40
C MET DA 206 -13.48 19.36 -12.24
N ARG DA 207 -13.14 18.69 -11.13
CA ARG DA 207 -12.50 19.39 -10.02
C ARG DA 207 -11.05 19.67 -10.36
N THR DA 208 -10.53 20.76 -9.79
CA THR DA 208 -9.13 21.14 -9.97
C THR DA 208 -8.24 20.47 -8.93
N PRO DA 209 -6.92 20.51 -9.10
CA PRO DA 209 -6.02 20.10 -8.01
C PRO DA 209 -6.22 20.89 -6.73
N ASP DA 210 -6.71 22.13 -6.81
CA ASP DA 210 -7.05 22.88 -5.61
C ASP DA 210 -8.15 22.20 -4.80
N HIS DA 211 -9.12 21.59 -5.48
CA HIS DA 211 -10.11 20.77 -4.78
C HIS DA 211 -9.49 19.53 -4.16
N GLU DA 212 -8.50 18.92 -4.82
CA GLU DA 212 -7.79 17.78 -4.24
C GLU DA 212 -7.08 18.16 -2.94
N ASP DA 213 -6.34 19.28 -2.95
CA ASP DA 213 -5.75 19.78 -1.71
C ASP DA 213 -6.82 20.02 -0.64
N THR DA 214 -7.90 20.70 -1.03
CA THR DA 214 -8.95 21.08 -0.09
C THR DA 214 -9.61 19.88 0.58
N PHE DA 215 -9.95 18.84 -0.20
CA PHE DA 215 -10.53 17.64 0.38
C PHE DA 215 -9.64 17.00 1.46
N PHE DA 216 -8.34 16.88 1.19
CA PHE DA 216 -7.46 16.25 2.18
C PHE DA 216 -7.17 17.16 3.38
N ARG DA 217 -7.00 18.46 3.15
CA ARG DA 217 -6.91 19.38 4.27
C ARG DA 217 -8.18 19.35 5.13
N ASP DA 218 -9.35 19.39 4.51
CA ASP DA 218 -10.59 19.26 5.27
C ASP DA 218 -10.65 17.93 6.01
N LEU DA 219 -10.19 16.84 5.40
CA LEU DA 219 -10.30 15.53 6.02
C LEU DA 219 -9.29 15.32 7.15
N VAL DA 220 -8.00 15.58 6.90
CA VAL DA 220 -6.97 15.25 7.88
C VAL DA 220 -6.12 16.45 8.27
N GLY DA 221 -6.41 17.64 7.77
CA GLY DA 221 -5.60 18.80 8.07
C GLY DA 221 -4.28 18.91 7.35
N TYR DA 222 -4.01 18.02 6.39
CA TYR DA 222 -2.79 18.10 5.61
C TYR DA 222 -3.02 17.55 4.21
N SER DA 223 -2.29 18.10 3.25
CA SER DA 223 -2.21 17.58 1.90
C SER DA 223 -0.75 17.57 1.48
N ILE DA 224 -0.24 16.41 1.08
CA ILE DA 224 1.16 16.32 0.64
C ILE DA 224 1.38 16.91 -0.75
N GLY DA 225 0.33 17.05 -1.55
CA GLY DA 225 0.42 17.64 -2.87
C GLY DA 225 0.67 16.63 -3.99
N THR DA 226 0.50 17.10 -5.22
CA THR DA 226 0.54 16.21 -6.38
C THR DA 226 1.94 15.64 -6.64
N LEU DA 227 2.98 16.46 -6.47
CA LEU DA 227 4.34 15.93 -6.56
C LEU DA 227 4.68 15.05 -5.37
N GLY DA 228 4.32 15.50 -4.17
CA GLY DA 228 4.67 14.78 -2.96
C GLY DA 228 4.10 13.38 -2.86
N ILE DA 229 2.87 13.18 -3.35
CA ILE DA 229 2.26 11.85 -3.28
C ILE DA 229 2.96 10.84 -4.19
N HIS DA 230 3.49 11.27 -5.34
CA HIS DA 230 4.23 10.34 -6.19
C HIS DA 230 5.62 10.04 -5.64
N ARG DA 231 6.28 11.04 -5.07
CA ARG DA 231 7.48 10.80 -4.26
C ARG DA 231 7.20 9.83 -3.12
N LEU DA 232 6.10 10.04 -2.39
CA LEU DA 232 5.74 9.17 -1.28
C LEU DA 232 5.50 7.73 -1.71
N GLY DA 233 4.66 7.53 -2.73
CA GLY DA 233 4.36 6.18 -3.19
C GLY DA 233 5.59 5.40 -3.64
N LEU DA 234 6.52 6.07 -4.31
CA LEU DA 234 7.79 5.44 -4.66
C LEU DA 234 8.60 5.06 -3.42
N LEU DA 235 8.85 6.03 -2.53
CA LEU DA 235 9.71 5.76 -1.38
C LEU DA 235 9.10 4.77 -0.39
N LEU DA 236 7.78 4.80 -0.19
CA LEU DA 236 7.14 3.76 0.63
C LEU DA 236 7.38 2.37 0.07
N SER DA 237 7.13 2.19 -1.23
CA SER DA 237 7.36 0.90 -1.89
C SER DA 237 8.82 0.45 -1.78
N LEU DA 238 9.76 1.32 -2.14
CA LEU DA 238 11.17 0.97 -2.07
C LEU DA 238 11.66 0.71 -0.65
N SER DA 239 11.20 1.51 0.33
CA SER DA 239 11.56 1.26 1.72
C SER DA 239 11.04 -0.07 2.22
N ALA DA 240 9.81 -0.43 1.87
CA ALA DA 240 9.27 -1.75 2.20
C ALA DA 240 10.17 -2.87 1.70
N VAL DA 241 10.64 -2.77 0.46
CA VAL DA 241 11.49 -3.80 -0.11
C VAL DA 241 12.90 -3.78 0.49
N PHE DA 242 13.46 -2.59 0.70
CA PHE DA 242 14.76 -2.48 1.37
C PHE DA 242 14.76 -3.11 2.75
N PHE DA 243 13.78 -2.76 3.59
CA PHE DA 243 13.70 -3.37 4.91
C PHE DA 243 13.31 -4.86 4.85
N SER DA 244 12.63 -5.29 3.79
CA SER DA 244 12.42 -6.73 3.60
C SER DA 244 13.75 -7.46 3.42
N ALA DA 245 14.58 -6.99 2.48
CA ALA DA 245 15.89 -7.58 2.25
C ALA DA 245 16.76 -7.55 3.49
N LEU DA 246 16.78 -6.42 4.20
CA LEU DA 246 17.52 -6.31 5.46
C LEU DA 246 17.04 -7.32 6.51
N CYS DA 247 15.73 -7.44 6.70
CA CYS DA 247 15.22 -8.38 7.69
C CYS DA 247 15.62 -9.83 7.41
N MET DA 248 15.83 -10.20 6.14
CA MET DA 248 16.23 -11.55 5.81
C MET DA 248 17.75 -11.76 5.84
N ILE DA 249 18.53 -10.80 5.33
CA ILE DA 249 19.97 -10.97 5.29
C ILE DA 249 20.61 -11.03 6.68
N ILE DA 250 19.95 -10.47 7.70
CA ILE DA 250 20.40 -10.63 9.08
C ILE DA 250 19.94 -11.93 9.70
N THR DA 251 18.92 -12.57 9.16
CA THR DA 251 18.29 -13.73 9.77
C THR DA 251 19.05 -14.99 9.38
N GLY DA 252 19.58 -15.70 10.38
CA GLY DA 252 20.42 -16.86 10.18
C GLY DA 252 21.88 -16.54 9.91
N THR DA 253 22.29 -15.28 10.04
CA THR DA 253 23.64 -14.86 9.69
C THR DA 253 24.27 -14.11 10.87
N ILE DA 254 23.52 -13.18 11.45
CA ILE DA 254 23.90 -12.55 12.71
C ILE DA 254 22.91 -12.85 13.83
N TRP DA 255 21.67 -13.18 13.51
CA TRP DA 255 20.67 -13.61 14.47
C TRP DA 255 20.29 -15.07 14.23
N PHE DA 256 20.21 -15.83 15.31
CA PHE DA 256 20.00 -17.27 15.22
C PHE DA 256 18.88 -17.79 16.12
N ASP DA 257 18.49 -17.05 17.16
CA ASP DA 257 17.54 -17.50 18.17
C ASP DA 257 16.11 -17.11 17.79
N GLN DA 258 15.17 -17.43 18.68
CA GLN DA 258 13.80 -16.98 18.55
C GLN DA 258 13.73 -15.45 18.61
N TRP DA 259 13.20 -14.85 17.55
CA TRP DA 259 13.17 -13.38 17.43
C TRP DA 259 12.43 -12.69 18.57
N VAL DA 260 11.46 -13.36 19.18
CA VAL DA 260 10.76 -12.80 20.35
C VAL DA 260 11.73 -12.49 21.50
N ASP DA 261 12.80 -13.28 21.65
CA ASP DA 261 13.76 -13.04 22.71
C ASP DA 261 14.59 -11.77 22.52
N TRP DA 262 14.70 -11.25 21.30
CA TRP DA 262 15.48 -10.04 21.06
C TRP DA 262 14.95 -8.85 21.86
N TRP DA 263 13.63 -8.69 21.93
CA TRP DA 263 12.99 -7.57 22.60
C TRP DA 263 13.25 -7.50 24.10
N GLN DA 264 13.78 -8.56 24.71
CA GLN DA 264 14.18 -8.51 26.11
C GLN DA 264 15.27 -7.49 26.42
N TRP DA 265 16.06 -7.04 25.44
CA TRP DA 265 17.04 -5.99 25.70
C TRP DA 265 16.39 -4.73 26.27
N TRP DA 266 15.22 -4.38 25.75
CA TRP DA 266 14.49 -3.22 26.27
C TRP DA 266 13.96 -3.49 27.68
N VAL DA 267 13.31 -4.63 27.87
CA VAL DA 267 12.74 -4.99 29.17
C VAL DA 267 13.82 -5.07 30.24
N LYS DA 268 15.00 -5.57 29.90
CA LYS DA 268 16.10 -5.72 30.85
C LYS DA 268 17.10 -4.57 30.80
N LEU DA 269 16.71 -3.39 30.34
CA LEU DA 269 17.50 -2.20 30.60
C LEU DA 269 17.62 -1.99 32.11
N PRO DA 270 18.83 -1.68 32.61
CA PRO DA 270 19.07 -1.82 34.06
C PRO DA 270 18.29 -0.85 34.93
N TRP DA 271 17.93 0.32 34.43
CA TRP DA 271 17.14 1.29 35.20
C TRP DA 271 15.68 0.89 35.41
N TRP DA 272 15.20 -0.21 34.84
CA TRP DA 272 13.86 -0.68 35.19
C TRP DA 272 13.69 -2.20 35.16
N ALA DA 273 14.72 -2.97 34.82
CA ALA DA 273 14.65 -4.42 34.77
C ALA DA 273 14.09 -5.07 36.04
N ASN DA 274 14.35 -4.48 37.21
CA ASN DA 274 14.00 -5.12 38.48
C ASN DA 274 12.75 -4.57 39.15
N ILE DA 275 12.09 -3.56 38.58
CA ILE DA 275 10.90 -2.96 39.19
C ILE DA 275 9.74 -3.96 39.14
N PRO DA 276 9.15 -4.32 40.28
CA PRO DA 276 8.08 -5.31 40.29
C PRO DA 276 6.78 -4.84 39.64
N GLY DA 277 5.99 -5.82 39.23
CA GLY DA 277 4.71 -5.59 38.56
C GLY DA 277 4.81 -5.41 37.07
N GLY DA 278 3.66 -5.08 36.48
CA GLY DA 278 3.55 -5.08 35.03
C GLY DA 278 3.38 -6.47 34.43
N ILE DA 279 3.89 -6.62 33.20
CA ILE DA 279 3.85 -7.91 32.52
C ILE DA 279 5.14 -8.68 32.73
N ASN DA 280 6.28 -7.99 32.72
CA ASN DA 280 7.59 -8.60 32.82
C ASN DA 280 8.17 -8.51 34.22
N GLY DA 281 7.35 -8.37 35.24
CA GLY DA 281 7.82 -8.28 36.61
C GLY DA 281 6.77 -8.70 37.62
N ALA EA 1 25.39 12.86 -10.35
CA ALA EA 1 24.23 12.58 -11.18
C ALA EA 1 23.43 13.85 -11.44
N GLU EA 2 22.55 13.80 -12.45
CA GLU EA 2 21.55 14.84 -12.67
C GLU EA 2 20.50 14.82 -11.55
N TYR EA 3 19.70 15.89 -11.52
CA TYR EA 3 18.67 16.06 -10.49
C TYR EA 3 17.56 15.02 -10.61
N GLN EA 4 17.24 14.37 -9.50
CA GLN EA 4 16.30 13.24 -9.46
C GLN EA 4 14.89 13.61 -9.01
N ASN EA 5 14.65 14.86 -8.62
CA ASN EA 5 13.33 15.35 -8.19
C ASN EA 5 12.73 14.55 -7.02
N ILE EA 6 13.57 13.99 -6.15
CA ILE EA 6 13.04 13.31 -4.96
C ILE EA 6 12.88 14.28 -3.78
N PHE EA 7 13.73 15.30 -3.67
CA PHE EA 7 13.55 16.40 -2.73
C PHE EA 7 13.73 17.72 -3.45
N SER EA 8 12.90 18.70 -3.09
CA SER EA 8 12.92 20.00 -3.74
C SER EA 8 14.23 20.75 -3.48
N GLN EA 9 14.72 21.44 -4.51
CA GLN EA 9 15.96 22.21 -4.39
C GLN EA 9 15.71 23.56 -3.72
N VAL EA 10 14.58 24.20 -4.03
CA VAL EA 10 14.22 25.52 -3.55
C VAL EA 10 12.77 25.47 -3.06
N GLN EA 11 12.53 25.92 -1.85
CA GLN EA 11 11.16 26.13 -1.37
C GLN EA 11 10.77 27.58 -1.56
N VAL EA 12 9.50 27.80 -1.92
CA VAL EA 12 8.88 29.11 -1.98
C VAL EA 12 7.63 29.09 -1.09
N ARG EA 13 7.32 30.24 -0.50
CA ARG EA 13 6.15 30.36 0.34
C ARG EA 13 5.39 31.65 0.03
N GLY EA 14 4.06 31.56 -0.01
CA GLY EA 14 3.21 32.69 -0.24
C GLY EA 14 2.12 32.82 0.80
N PRO EA 15 1.09 33.63 0.50
CA PRO EA 15 -0.10 33.65 1.36
C PRO EA 15 -0.72 32.28 1.50
N ALA EA 16 -1.16 31.96 2.72
CA ALA EA 16 -1.75 30.65 2.99
C ALA EA 16 -2.99 30.41 2.14
N ASP EA 17 -3.16 29.16 1.71
CA ASP EA 17 -4.31 28.73 0.92
C ASP EA 17 -5.42 28.24 1.84
N LEU EA 18 -6.54 28.98 1.87
CA LEU EA 18 -7.70 28.61 2.68
C LEU EA 18 -8.57 27.52 2.03
N GLY EA 19 -8.31 27.19 0.76
CA GLY EA 19 -9.01 26.14 0.05
C GLY EA 19 -10.23 26.60 -0.73
N MET EA 20 -10.77 25.67 -1.52
CA MET EA 20 -12.00 25.88 -2.29
C MET EA 20 -13.23 25.89 -1.38
N THR EA 21 -14.21 26.72 -1.75
CA THR EA 21 -15.41 26.88 -0.94
C THR EA 21 -16.51 25.88 -1.31
N GLU EA 22 -16.95 25.86 -2.57
CA GLU EA 22 -18.02 24.98 -3.07
C GLU EA 22 -19.23 25.06 -2.13
N ASP EA 23 -19.75 23.93 -1.64
CA ASP EA 23 -20.83 23.90 -0.66
C ASP EA 23 -20.33 23.68 0.77
N VAL EA 24 -19.04 23.86 1.03
CA VAL EA 24 -18.50 23.71 2.38
C VAL EA 24 -18.97 24.86 3.27
N ASN EA 25 -19.49 24.52 4.45
CA ASN EA 25 -19.77 25.45 5.54
C ASN EA 25 -18.45 25.97 6.11
N LEU EA 26 -18.05 27.17 5.68
CA LEU EA 26 -16.73 27.71 6.01
C LEU EA 26 -16.54 27.98 7.51
N ALA EA 27 -17.62 28.15 8.27
CA ALA EA 27 -17.49 28.33 9.72
C ALA EA 27 -16.89 27.12 10.41
N ASN EA 28 -17.06 25.93 9.86
CA ASN EA 28 -16.51 24.71 10.45
C ASN EA 28 -15.04 24.46 10.10
N ARG EA 29 -14.42 25.23 9.20
CA ARG EA 29 -12.98 25.18 9.05
C ARG EA 29 -12.25 25.92 10.16
N SER EA 30 -11.18 25.30 10.66
CA SER EA 30 -10.19 26.00 11.48
C SER EA 30 -9.49 27.09 10.68
N GLY EA 31 -8.63 27.85 11.36
CA GLY EA 31 -7.60 28.60 10.66
C GLY EA 31 -6.52 27.71 10.08
N VAL EA 32 -5.63 28.32 9.31
CA VAL EA 32 -4.43 27.63 8.82
C VAL EA 32 -3.45 27.40 9.96
N GLY EA 33 -2.78 26.25 9.91
CA GLY EA 33 -1.70 25.93 10.83
C GLY EA 33 -0.38 26.59 10.48
N PRO EA 34 0.69 26.18 11.16
CA PRO EA 34 2.04 26.58 10.75
C PRO EA 34 2.45 25.95 9.43
N PHE EA 35 3.52 26.50 8.84
CA PHE EA 35 4.20 25.87 7.71
C PHE EA 35 5.43 25.12 8.22
N SER EA 36 5.49 23.81 7.94
CA SER EA 36 6.67 23.00 8.22
C SER EA 36 7.65 23.07 7.05
N THR EA 37 8.79 23.73 7.27
CA THR EA 37 9.87 23.71 6.27
C THR EA 37 10.48 22.32 6.11
N LEU EA 38 10.44 21.50 7.16
CA LEU EA 38 10.90 20.11 7.06
C LEU EA 38 10.03 19.29 6.09
N LEU EA 39 8.71 19.38 6.21
CA LEU EA 39 7.84 18.72 5.24
C LEU EA 39 7.93 19.34 3.85
N GLY EA 40 8.14 20.65 3.77
CA GLY EA 40 8.28 21.33 2.49
C GLY EA 40 9.42 20.85 1.60
N TRP EA 41 10.38 20.09 2.14
CA TRP EA 41 11.38 19.46 1.28
C TRP EA 41 10.80 18.32 0.45
N PHE EA 42 9.78 17.64 0.95
CA PHE EA 42 9.25 16.45 0.32
C PHE EA 42 7.87 16.66 -0.29
N GLY EA 43 6.98 17.36 0.42
CA GLY EA 43 5.66 17.73 -0.06
C GLY EA 43 5.35 19.18 0.23
N ASN EA 44 4.07 19.47 0.45
CA ASN EA 44 3.64 20.79 0.87
C ASN EA 44 4.13 21.12 2.28
N ALA EA 45 4.46 22.39 2.50
CA ALA EA 45 4.80 22.88 3.83
C ALA EA 45 3.57 23.21 4.69
N GLN EA 46 2.49 23.71 4.08
CA GLN EA 46 1.33 24.18 4.82
C GLN EA 46 0.65 23.07 5.61
N LEU EA 47 0.43 23.31 6.90
CA LEU EA 47 -0.50 22.53 7.71
C LEU EA 47 -1.84 23.25 7.84
N GLY EA 48 -2.91 22.46 7.87
CA GLY EA 48 -4.26 22.98 7.95
C GLY EA 48 -4.71 23.76 6.72
N PRO EA 49 -5.89 24.38 6.80
CA PRO EA 49 -6.91 24.18 7.83
C PRO EA 49 -7.48 22.77 7.88
N ILE EA 50 -8.22 22.45 8.92
CA ILE EA 50 -8.97 21.21 9.03
C ILE EA 50 -10.46 21.53 9.22
N TYR EA 51 -11.31 20.67 8.68
CA TYR EA 51 -12.76 20.81 8.83
C TYR EA 51 -13.20 19.94 10.00
N LEU EA 52 -14.05 20.50 10.87
CA LEU EA 52 -14.51 19.81 12.09
C LEU EA 52 -16.01 20.04 12.30
N GLY EA 53 -16.82 19.41 11.46
CA GLY EA 53 -18.26 19.36 11.63
C GLY EA 53 -18.74 18.28 12.57
N SER EA 54 -20.03 17.96 12.45
CA SER EA 54 -20.72 17.14 13.44
C SER EA 54 -20.19 15.70 13.50
N LEU EA 55 -20.02 15.05 12.34
CA LEU EA 55 -19.46 13.70 12.34
C LEU EA 55 -18.00 13.68 12.79
N GLY EA 56 -17.25 14.75 12.55
CA GLY EA 56 -15.88 14.83 13.04
C GLY EA 56 -15.79 14.92 14.54
N VAL EA 57 -16.67 15.71 15.16
CA VAL EA 57 -16.76 15.74 16.63
C VAL EA 57 -17.11 14.35 17.17
N LEU EA 58 -18.12 13.70 16.58
CA LEU EA 58 -18.48 12.35 16.98
C LEU EA 58 -17.32 11.38 16.84
N SER EA 59 -16.65 11.40 15.69
CA SER EA 59 -15.56 10.45 15.42
C SER EA 59 -14.36 10.68 16.35
N LEU EA 60 -13.90 11.92 16.45
CA LEU EA 60 -12.73 12.21 17.28
C LEU EA 60 -12.99 11.95 18.76
N PHE EA 61 -14.15 12.37 19.27
CA PHE EA 61 -14.42 12.12 20.69
C PHE EA 61 -14.62 10.63 20.98
N SER EA 62 -15.28 9.90 20.08
CA SER EA 62 -15.38 8.45 20.23
C SER EA 62 -14.02 7.77 20.10
N GLY EA 63 -13.21 8.24 19.15
CA GLY EA 63 -11.88 7.67 18.98
C GLY EA 63 -10.96 7.93 20.15
N LEU EA 64 -11.00 9.16 20.67
CA LEU EA 64 -10.33 9.52 21.92
C LEU EA 64 -10.74 8.60 23.07
N MET EA 65 -12.04 8.40 23.27
CA MET EA 65 -12.49 7.48 24.32
C MET EA 65 -12.02 6.05 24.11
N TRP EA 66 -11.96 5.57 22.87
CA TRP EA 66 -11.35 4.26 22.59
C TRP EA 66 -9.89 4.23 23.02
N PHE EA 67 -9.10 5.18 22.54
CA PHE EA 67 -7.67 5.24 22.86
C PHE EA 67 -7.43 5.42 24.36
N PHE EA 68 -8.21 6.31 24.99
CA PHE EA 68 -8.12 6.53 26.44
C PHE EA 68 -8.50 5.28 27.25
N THR EA 69 -9.53 4.56 26.83
CA THR EA 69 -9.93 3.34 27.54
C THR EA 69 -8.83 2.28 27.53
N ILE EA 70 -8.18 2.08 26.39
CA ILE EA 70 -7.03 1.18 26.33
C ILE EA 70 -5.89 1.72 27.19
N GLY EA 71 -5.60 3.01 27.07
CA GLY EA 71 -4.53 3.62 27.85
C GLY EA 71 -4.68 3.45 29.36
N ILE EA 72 -5.87 3.69 29.89
CA ILE EA 72 -6.08 3.52 31.33
C ILE EA 72 -6.01 2.05 31.75
N TRP EA 73 -6.43 1.12 30.88
CA TRP EA 73 -6.17 -0.29 31.13
C TRP EA 73 -4.68 -0.61 31.19
N PHE EA 74 -3.88 -0.01 30.30
CA PHE EA 74 -2.43 -0.23 30.36
C PHE EA 74 -1.81 0.36 31.61
N TRP EA 75 -2.20 1.56 32.01
CA TRP EA 75 -1.77 2.12 33.30
C TRP EA 75 -2.15 1.25 34.49
N TYR EA 76 -3.34 0.65 34.46
CA TYR EA 76 -3.70 -0.32 35.49
C TYR EA 76 -2.82 -1.58 35.45
N GLN EA 77 -2.61 -2.16 34.27
CA GLN EA 77 -1.69 -3.28 34.15
C GLN EA 77 -0.26 -2.93 34.59
N ALA EA 78 0.17 -1.68 34.36
CA ALA EA 78 1.45 -1.19 34.86
C ALA EA 78 1.47 -0.96 36.37
N GLY EA 79 0.38 -1.23 37.08
CA GLY EA 79 0.29 -0.89 38.48
C GLY EA 79 0.45 0.59 38.77
N TRP EA 80 0.02 1.44 37.84
CA TRP EA 80 0.14 2.90 37.88
C TRP EA 80 1.59 3.39 37.85
N ASN EA 81 2.56 2.54 37.54
CA ASN EA 81 3.98 2.88 37.65
C ASN EA 81 4.50 3.39 36.32
N PRO EA 82 4.95 4.65 36.22
CA PRO EA 82 5.43 5.18 34.94
C PRO EA 82 6.63 4.45 34.34
N ALA EA 83 7.53 3.93 35.18
CA ALA EA 83 8.66 3.15 34.65
C ALA EA 83 8.21 1.82 34.08
N VAL EA 84 7.30 1.13 34.77
CA VAL EA 84 6.75 -0.13 34.28
C VAL EA 84 5.91 0.10 33.02
N PHE EA 85 5.14 1.19 33.00
CA PHE EA 85 4.33 1.52 31.82
C PHE EA 85 5.18 1.59 30.56
N LEU EA 86 6.31 2.30 30.62
CA LEU EA 86 7.17 2.41 29.44
C LEU EA 86 7.97 1.13 29.17
N ARG EA 87 8.37 0.41 30.21
CA ARG EA 87 9.05 -0.87 30.02
C ARG EA 87 8.19 -1.88 29.28
N ASP EA 88 6.95 -2.06 29.74
CA ASP EA 88 6.06 -3.14 29.27
C ASP EA 88 5.05 -2.68 28.22
N LEU EA 89 5.22 -1.48 27.67
CA LEU EA 89 4.21 -0.85 26.81
C LEU EA 89 3.69 -1.78 25.71
N PHE EA 90 4.61 -2.38 24.94
CA PHE EA 90 4.19 -3.27 23.85
C PHE EA 90 3.62 -4.60 24.34
N PHE EA 91 3.80 -4.94 25.61
CA PHE EA 91 3.31 -6.19 26.17
C PHE EA 91 1.92 -6.09 26.78
N PHE EA 92 1.46 -4.90 27.12
CA PHE EA 92 0.09 -4.73 27.63
C PHE EA 92 -0.95 -5.08 26.56
N SER EA 93 -2.10 -5.57 27.04
CA SER EA 93 -3.17 -6.00 26.14
C SER EA 93 -4.53 -5.91 26.83
N LEU EA 94 -5.47 -5.24 26.17
CA LEU EA 94 -6.90 -5.33 26.50
C LEU EA 94 -7.50 -6.46 25.67
N GLU EA 95 -7.87 -7.56 26.34
CA GLU EA 95 -8.27 -8.83 25.73
C GLU EA 95 -9.78 -8.98 25.68
N PRO EA 96 -10.32 -9.57 24.61
CA PRO EA 96 -11.75 -9.88 24.55
C PRO EA 96 -12.21 -10.85 25.63
N PRO EA 97 -13.51 -10.94 25.86
CA PRO EA 97 -14.06 -11.98 26.75
C PRO EA 97 -13.57 -13.39 26.44
N ALA EA 98 -13.38 -14.19 27.49
CA ALA EA 98 -13.04 -15.60 27.35
C ALA EA 98 -14.18 -16.39 26.68
N PRO EA 99 -13.86 -17.54 26.07
CA PRO EA 99 -14.85 -18.30 25.28
C PRO EA 99 -16.16 -18.63 25.99
N GLU EA 100 -16.10 -18.95 27.30
CA GLU EA 100 -17.30 -19.32 28.03
C GLU EA 100 -18.33 -18.20 28.15
N TYR EA 101 -17.98 -16.96 27.85
CA TYR EA 101 -18.97 -15.88 27.81
C TYR EA 101 -19.68 -15.75 26.46
N GLY EA 102 -19.26 -16.50 25.45
CA GLY EA 102 -19.91 -16.47 24.15
C GLY EA 102 -19.95 -15.08 23.54
N LEU EA 103 -21.12 -14.70 23.03
CA LEU EA 103 -21.40 -13.33 22.60
C LEU EA 103 -22.06 -12.48 23.68
N SER EA 104 -22.21 -12.99 24.90
CA SER EA 104 -22.93 -12.25 25.93
C SER EA 104 -22.17 -11.01 26.36
N PHE EA 105 -22.88 -10.13 27.05
CA PHE EA 105 -22.32 -8.89 27.59
C PHE EA 105 -22.11 -8.96 29.11
N ALA EA 106 -22.20 -10.16 29.68
CA ALA EA 106 -22.10 -10.39 31.12
C ALA EA 106 -20.66 -10.50 31.63
N ALA EA 107 -19.67 -10.65 30.75
CA ALA EA 107 -18.28 -10.77 31.18
C ALA EA 107 -17.84 -9.58 32.05
N PRO EA 108 -17.15 -9.83 33.18
CA PRO EA 108 -16.58 -8.75 33.99
C PRO EA 108 -15.66 -7.79 33.26
N LEU EA 109 -15.53 -6.57 33.79
CA LEU EA 109 -14.71 -5.53 33.19
C LEU EA 109 -13.29 -5.98 32.92
N LYS EA 110 -12.63 -6.54 33.93
CA LYS EA 110 -11.28 -7.10 33.76
C LYS EA 110 -11.25 -8.28 32.81
N GLU EA 111 -12.36 -8.99 32.68
CA GLU EA 111 -12.45 -10.21 31.88
C GLU EA 111 -13.08 -9.98 30.52
N GLY EA 112 -12.97 -8.77 29.98
CA GLY EA 112 -13.41 -8.47 28.63
C GLY EA 112 -14.57 -7.48 28.53
N GLY EA 113 -15.18 -7.10 29.65
CA GLY EA 113 -16.15 -6.01 29.62
C GLY EA 113 -15.57 -4.69 29.17
N LEU EA 114 -14.34 -4.39 29.59
CA LEU EA 114 -13.66 -3.20 29.09
C LEU EA 114 -13.30 -3.30 27.61
N TRP EA 115 -12.97 -4.50 27.13
CA TRP EA 115 -12.75 -4.68 25.70
C TRP EA 115 -14.01 -4.38 24.89
N LEU EA 116 -15.18 -4.79 25.39
CA LEU EA 116 -16.44 -4.44 24.73
C LEU EA 116 -16.69 -2.94 24.70
N ILE EA 117 -16.45 -2.26 25.82
CA ILE EA 117 -16.62 -0.81 25.88
C ILE EA 117 -15.69 -0.10 24.89
N ALA EA 118 -14.41 -0.46 24.91
CA ALA EA 118 -13.46 0.10 23.94
C ALA EA 118 -13.87 -0.19 22.50
N SER EA 119 -14.32 -1.42 22.22
CA SER EA 119 -14.75 -1.79 20.88
C SER EA 119 -15.99 -1.00 20.42
N PHE EA 120 -16.91 -0.73 21.34
CA PHE EA 120 -18.03 0.17 21.00
C PHE EA 120 -17.55 1.56 20.61
N PHE EA 121 -16.62 2.15 21.39
CA PHE EA 121 -16.06 3.44 21.01
C PHE EA 121 -15.34 3.39 19.67
N MET EA 122 -14.61 2.29 19.40
CA MET EA 122 -13.97 2.11 18.10
C MET EA 122 -14.99 2.04 16.96
N PHE EA 123 -16.03 1.24 17.14
CA PHE EA 123 -17.07 1.09 16.12
C PHE EA 123 -17.66 2.43 15.71
N VAL EA 124 -18.10 3.22 16.69
CA VAL EA 124 -18.65 4.55 16.42
C VAL EA 124 -17.62 5.46 15.76
N ALA EA 125 -16.37 5.45 16.26
CA ALA EA 125 -15.32 6.30 15.69
C ALA EA 125 -15.08 6.01 14.21
N VAL EA 126 -14.88 4.74 13.86
CA VAL EA 126 -14.56 4.38 12.46
C VAL EA 126 -15.73 4.68 11.53
N TRP EA 127 -16.94 4.22 11.86
CA TRP EA 127 -18.09 4.46 11.00
C TRP EA 127 -18.43 5.94 10.84
N SER EA 128 -18.34 6.73 11.90
CA SER EA 128 -18.53 8.16 11.75
C SER EA 128 -17.42 8.83 10.94
N TRP EA 129 -16.19 8.30 10.99
CA TRP EA 129 -15.16 8.76 10.07
C TRP EA 129 -15.45 8.36 8.62
N TRP EA 130 -16.10 7.23 8.38
CA TRP EA 130 -16.50 6.90 7.02
C TRP EA 130 -17.48 7.93 6.46
N GLY EA 131 -18.52 8.26 7.22
CA GLY EA 131 -19.45 9.30 6.82
C GLY EA 131 -18.78 10.65 6.62
N ARG EA 132 -17.76 10.95 7.41
CA ARG EA 132 -16.94 12.13 7.21
C ARG EA 132 -16.24 12.14 5.85
N THR EA 133 -15.62 11.01 5.45
CA THR EA 133 -15.03 10.95 4.12
C THR EA 133 -16.05 11.14 3.02
N TYR EA 134 -17.25 10.58 3.18
CA TYR EA 134 -18.31 10.75 2.19
C TYR EA 134 -18.78 12.20 2.09
N LEU EA 135 -19.08 12.83 3.23
CA LEU EA 135 -19.61 14.19 3.24
C LEU EA 135 -18.59 15.26 2.87
N ARG EA 136 -17.32 15.08 3.22
CA ARG EA 136 -16.30 16.02 2.72
C ARG EA 136 -16.21 16.01 1.20
N ALA EA 137 -16.37 14.84 0.58
CA ALA EA 137 -16.42 14.77 -0.88
C ALA EA 137 -17.68 15.42 -1.44
N GLN EA 138 -18.82 15.14 -0.81
CA GLN EA 138 -20.10 15.73 -1.23
C GLN EA 138 -20.06 17.26 -1.23
N ALA EA 139 -19.60 17.86 -0.14
CA ALA EA 139 -19.56 19.32 -0.03
C ALA EA 139 -18.64 19.98 -1.05
N LEU EA 140 -17.64 19.28 -1.57
CA LEU EA 140 -16.81 19.79 -2.65
C LEU EA 140 -17.31 19.37 -4.03
N GLY EA 141 -18.41 18.63 -4.11
CA GLY EA 141 -18.92 18.12 -5.38
C GLY EA 141 -18.09 17.03 -6.02
N MET EA 142 -17.24 16.36 -5.25
CA MET EA 142 -16.36 15.33 -5.76
C MET EA 142 -17.07 13.98 -5.80
N GLY EA 143 -16.54 13.08 -6.63
CA GLY EA 143 -16.94 11.68 -6.57
C GLY EA 143 -16.63 11.05 -5.24
N LYS EA 144 -17.41 10.03 -4.88
CA LYS EA 144 -17.31 9.34 -3.59
C LYS EA 144 -16.26 8.21 -3.58
N HIS EA 145 -15.34 8.20 -4.55
CA HIS EA 145 -14.34 7.13 -4.65
C HIS EA 145 -13.58 6.87 -3.34
N THR EA 146 -13.26 7.92 -2.58
CA THR EA 146 -12.52 7.74 -1.34
C THR EA 146 -13.33 6.98 -0.28
N ALA EA 147 -14.58 7.37 -0.08
CA ALA EA 147 -15.45 6.67 0.87
C ALA EA 147 -15.66 5.21 0.49
N TRP EA 148 -15.88 4.93 -0.80
CA TRP EA 148 -16.07 3.54 -1.23
C TRP EA 148 -14.80 2.71 -1.11
N ALA EA 149 -13.64 3.27 -1.44
CA ALA EA 149 -12.37 2.60 -1.16
C ALA EA 149 -12.20 2.31 0.34
N PHE EA 150 -12.50 3.29 1.18
CA PHE EA 150 -12.38 3.12 2.63
C PHE EA 150 -13.32 2.03 3.16
N LEU EA 151 -14.48 1.86 2.54
CA LEU EA 151 -15.38 0.76 2.90
C LEU EA 151 -14.76 -0.62 2.73
N SER EA 152 -13.82 -0.78 1.80
CA SER EA 152 -13.11 -2.07 1.70
C SER EA 152 -12.20 -2.33 2.90
N ALA EA 153 -11.52 -1.30 3.41
CA ALA EA 153 -10.75 -1.45 4.63
C ALA EA 153 -11.64 -1.75 5.83
N ILE EA 154 -12.76 -1.03 5.93
CA ILE EA 154 -13.75 -1.27 6.97
C ILE EA 154 -14.32 -2.68 6.90
N TRP EA 155 -14.47 -3.22 5.68
CA TRP EA 155 -14.93 -4.60 5.52
C TRP EA 155 -14.01 -5.61 6.19
N LEU EA 156 -12.70 -5.49 6.00
CA LEU EA 156 -11.77 -6.39 6.70
C LEU EA 156 -11.83 -6.15 8.21
N TRP EA 157 -11.78 -4.89 8.64
CA TRP EA 157 -11.87 -4.54 10.05
C TRP EA 157 -13.16 -5.04 10.70
N MET EA 158 -14.30 -4.88 10.02
CA MET EA 158 -15.57 -5.44 10.52
C MET EA 158 -15.54 -6.96 10.62
N VAL EA 159 -14.99 -7.64 9.61
CA VAL EA 159 -14.85 -9.09 9.67
C VAL EA 159 -14.03 -9.53 10.89
N LEU EA 160 -12.87 -8.90 11.07
CA LEU EA 160 -11.98 -9.23 12.19
C LEU EA 160 -12.67 -9.04 13.54
N GLY EA 161 -13.27 -7.88 13.75
CA GLY EA 161 -13.79 -7.52 15.06
C GLY EA 161 -15.25 -7.87 15.36
N PHE EA 162 -16.06 -8.05 14.31
CA PHE EA 162 -17.51 -8.11 14.52
C PHE EA 162 -18.17 -9.29 13.82
N ILE EA 163 -18.05 -9.38 12.50
CA ILE EA 163 -18.84 -10.35 11.74
C ILE EA 163 -18.38 -11.77 12.02
N ARG EA 164 -17.08 -12.04 11.88
CA ARG EA 164 -16.59 -13.39 12.17
C ARG EA 164 -16.81 -13.81 13.62
N PRO EA 165 -16.52 -12.98 14.64
CA PRO EA 165 -16.93 -13.34 16.01
C PRO EA 165 -18.40 -13.71 16.16
N ILE EA 166 -19.31 -12.98 15.53
CA ILE EA 166 -20.73 -13.32 15.60
C ILE EA 166 -21.02 -14.65 14.92
N LEU EA 167 -20.47 -14.86 13.72
CA LEU EA 167 -20.68 -16.14 13.05
C LEU EA 167 -20.06 -17.30 13.82
N MET EA 168 -18.89 -17.08 14.41
CA MET EA 168 -18.27 -18.10 15.26
C MET EA 168 -18.96 -18.23 16.61
N GLY EA 169 -19.72 -17.23 17.03
CA GLY EA 169 -20.48 -17.30 18.27
C GLY EA 169 -19.74 -16.99 19.56
N SER EA 170 -18.60 -16.29 19.49
CA SER EA 170 -18.00 -15.76 20.72
C SER EA 170 -17.14 -14.55 20.39
N TRP EA 171 -17.08 -13.62 21.36
CA TRP EA 171 -16.18 -12.47 21.25
C TRP EA 171 -14.70 -12.84 21.37
N SER EA 172 -14.40 -13.98 22.01
CA SER EA 172 -13.03 -14.46 22.16
C SER EA 172 -12.29 -14.60 20.84
N GLU EA 173 -13.02 -14.75 19.73
CA GLU EA 173 -12.42 -14.79 18.41
C GLU EA 173 -11.82 -13.45 17.96
N ALA EA 174 -12.28 -12.33 18.51
CA ALA EA 174 -11.85 -11.01 18.07
C ALA EA 174 -10.40 -10.70 18.48
N VAL EA 175 -9.86 -9.66 17.86
CA VAL EA 175 -8.47 -9.24 18.05
C VAL EA 175 -8.31 -8.48 19.36
N PRO EA 176 -7.31 -8.82 20.18
CA PRO EA 176 -7.00 -8.00 21.37
C PRO EA 176 -6.33 -6.68 21.00
N TYR EA 177 -6.64 -5.62 21.75
CA TYR EA 177 -5.95 -4.34 21.59
C TYR EA 177 -4.63 -4.37 22.35
N GLY EA 178 -3.52 -4.43 21.60
CA GLY EA 178 -2.18 -4.53 22.16
C GLY EA 178 -1.17 -4.80 21.06
N ILE EA 179 0.03 -4.21 21.18
CA ILE EA 179 1.01 -4.24 20.08
C ILE EA 179 1.46 -5.67 19.80
N PHE EA 180 2.09 -6.32 20.78
CA PHE EA 180 2.53 -7.70 20.57
C PHE EA 180 1.38 -8.69 20.60
N SER EA 181 0.35 -8.43 21.38
CA SER EA 181 -0.78 -9.37 21.45
C SER EA 181 -1.54 -9.48 20.13
N HIS EA 182 -1.70 -8.39 19.36
CA HIS EA 182 -2.39 -8.55 18.09
C HIS EA 182 -1.52 -9.26 17.06
N LEU EA 183 -0.19 -9.13 17.16
CA LEU EA 183 0.71 -10.00 16.40
C LEU EA 183 0.56 -11.46 16.82
N ASP EA 184 0.53 -11.73 18.13
CA ASP EA 184 0.34 -13.09 18.62
C ASP EA 184 -1.00 -13.68 18.20
N TRP EA 185 -2.06 -12.88 18.23
CA TRP EA 185 -3.35 -13.29 17.68
C TRP EA 185 -3.24 -13.65 16.20
N THR EA 186 -2.50 -12.85 15.43
CA THR EA 186 -2.32 -13.12 14.01
C THR EA 186 -1.63 -14.45 13.76
N ASN EA 187 -0.56 -14.73 14.50
CA ASN EA 187 0.11 -16.03 14.42
C ASN EA 187 -0.79 -17.18 14.88
N ASN EA 188 -1.45 -17.02 16.03
CA ASN EA 188 -2.33 -18.07 16.54
C ASN EA 188 -3.45 -18.42 15.57
N PHE EA 189 -4.06 -17.41 14.94
CA PHE EA 189 -5.14 -17.63 13.98
C PHE EA 189 -4.72 -18.58 12.86
N SER EA 190 -3.54 -18.35 12.29
CA SER EA 190 -3.03 -19.23 11.24
C SER EA 190 -2.76 -20.66 11.73
N LEU EA 191 -2.15 -20.80 12.90
CA LEU EA 191 -1.91 -22.13 13.46
C LEU EA 191 -3.21 -22.88 13.76
N VAL EA 192 -4.24 -22.19 14.24
CA VAL EA 192 -5.52 -22.84 14.53
C VAL EA 192 -6.21 -23.30 13.25
N HIS EA 193 -6.13 -22.51 12.17
CA HIS EA 193 -6.79 -22.84 10.93
C HIS EA 193 -5.92 -23.63 9.94
N GLY EA 194 -4.86 -24.27 10.43
CA GLY EA 194 -4.05 -25.16 9.63
C GLY EA 194 -3.28 -24.53 8.47
N ASN EA 195 -2.50 -23.49 8.79
CA ASN EA 195 -1.64 -22.75 7.87
C ASN EA 195 -2.43 -21.91 6.86
N LEU EA 196 -2.57 -20.62 7.17
CA LEU EA 196 -3.31 -19.66 6.36
C LEU EA 196 -2.69 -19.38 4.98
N PHE EA 197 -1.45 -19.78 4.73
CA PHE EA 197 -0.92 -19.70 3.36
C PHE EA 197 -1.74 -20.49 2.35
N TYR EA 198 -2.41 -21.56 2.78
CA TYR EA 198 -3.22 -22.35 1.86
C TYR EA 198 -4.66 -21.87 1.75
N ASN EA 199 -5.01 -20.78 2.41
CA ASN EA 199 -6.25 -20.06 2.15
C ASN EA 199 -6.07 -19.28 0.85
N PRO EA 200 -6.80 -19.63 -0.21
CA PRO EA 200 -6.56 -18.97 -1.51
C PRO EA 200 -6.86 -17.48 -1.52
N PHE EA 201 -7.82 -17.03 -0.70
CA PHE EA 201 -8.10 -15.61 -0.58
C PHE EA 201 -7.02 -14.84 0.19
N HIS EA 202 -6.34 -15.49 1.13
CA HIS EA 202 -5.13 -14.88 1.72
C HIS EA 202 -4.03 -14.78 0.66
N GLY EA 203 -3.88 -15.80 -0.17
CA GLY EA 203 -2.95 -15.74 -1.29
C GLY EA 203 -3.25 -14.61 -2.27
N LEU EA 204 -4.52 -14.48 -2.67
CA LEU EA 204 -4.95 -13.33 -3.47
C LEU EA 204 -4.69 -12.00 -2.78
N SER EA 205 -5.06 -11.89 -1.50
CA SER EA 205 -4.84 -10.66 -0.76
C SER EA 205 -3.36 -10.27 -0.74
N ILE EA 206 -2.47 -11.25 -0.59
CA ILE EA 206 -1.03 -11.00 -0.71
C ILE EA 206 -0.66 -10.54 -2.12
N ALA EA 207 -1.18 -11.22 -3.14
CA ALA EA 207 -0.95 -10.79 -4.53
C ALA EA 207 -1.31 -9.33 -4.74
N PHE EA 208 -2.47 -8.90 -4.25
CA PHE EA 208 -2.87 -7.50 -4.36
C PHE EA 208 -2.00 -6.59 -3.49
N LEU EA 209 -1.58 -7.05 -2.31
CA LEU EA 209 -0.68 -6.24 -1.49
C LEU EA 209 0.66 -6.03 -2.19
N TYR EA 210 1.26 -7.11 -2.69
CA TYR EA 210 2.48 -6.97 -3.49
C TYR EA 210 2.22 -6.15 -4.74
N GLY EA 211 1.10 -6.40 -5.41
CA GLY EA 211 0.70 -5.60 -6.57
C GLY EA 211 0.58 -4.12 -6.28
N SER EA 212 0.10 -3.77 -5.09
CA SER EA 212 0.05 -2.36 -4.69
C SER EA 212 1.43 -1.75 -4.58
N ALA EA 213 2.39 -2.47 -3.99
CA ALA EA 213 3.76 -1.97 -3.95
C ALA EA 213 4.40 -1.93 -5.33
N LEU EA 214 4.19 -2.96 -6.14
CA LEU EA 214 4.58 -2.95 -7.54
C LEU EA 214 4.00 -1.76 -8.30
N LEU EA 215 2.67 -1.60 -8.24
CA LEU EA 215 2.00 -0.57 -9.03
C LEU EA 215 2.35 0.84 -8.57
N PHE EA 216 2.48 1.07 -7.26
CA PHE EA 216 2.87 2.41 -6.81
C PHE EA 216 4.35 2.68 -7.08
N ALA EA 217 5.20 1.65 -7.01
CA ALA EA 217 6.58 1.82 -7.47
C ALA EA 217 6.63 2.21 -8.93
N MET EA 218 5.88 1.49 -9.79
CA MET EA 218 5.80 1.84 -11.21
C MET EA 218 5.24 3.24 -11.41
N HIS EA 219 4.06 3.52 -10.83
CA HIS EA 219 3.39 4.79 -11.06
C HIS EA 219 4.17 5.97 -10.50
N GLY EA 220 4.65 5.85 -9.26
CA GLY EA 220 5.48 6.90 -8.69
C GLY EA 220 6.73 7.18 -9.48
N ALA EA 221 7.47 6.13 -9.84
CA ALA EA 221 8.65 6.29 -10.69
C ALA EA 221 8.31 6.87 -12.05
N THR EA 222 7.21 6.42 -12.66
CA THR EA 222 6.80 6.97 -13.95
C THR EA 222 6.53 8.47 -13.90
N ILE EA 223 5.73 8.91 -12.94
CA ILE EA 223 5.39 10.33 -12.83
C ILE EA 223 6.61 11.19 -12.52
N LEU EA 224 7.52 10.72 -11.66
CA LEU EA 224 8.78 11.43 -11.48
C LEU EA 224 9.63 11.46 -12.75
N ALA EA 225 9.70 10.35 -13.47
CA ALA EA 225 10.44 10.33 -14.74
C ALA EA 225 9.87 11.28 -15.80
N VAL EA 226 8.55 11.51 -15.82
CA VAL EA 226 7.97 12.51 -16.72
C VAL EA 226 7.70 13.85 -16.04
N SER EA 227 8.11 14.03 -14.79
CA SER EA 227 7.84 15.29 -14.10
C SER EA 227 8.52 16.48 -14.77
N ARG EA 228 9.66 16.24 -15.44
CA ARG EA 228 10.30 17.22 -16.32
C ARG EA 228 9.38 17.73 -17.44
N PHE EA 229 8.23 17.09 -17.67
CA PHE EA 229 7.26 17.56 -18.65
C PHE EA 229 5.94 18.01 -18.00
N GLY EA 230 5.92 18.17 -16.68
CA GLY EA 230 4.70 18.47 -15.95
C GLY EA 230 3.77 17.29 -15.70
N GLY EA 231 4.30 16.06 -15.72
CA GLY EA 231 3.48 14.88 -15.62
C GLY EA 231 2.65 14.76 -14.35
N GLU EA 232 3.13 15.31 -13.23
CA GLU EA 232 2.37 15.20 -11.98
C GLU EA 232 1.13 16.09 -11.92
N ARG EA 233 0.97 17.03 -12.86
CA ARG EA 233 -0.31 17.73 -13.07
C ARG EA 233 -1.29 16.84 -13.82
N GLU EA 234 -1.63 15.72 -13.18
CA GLU EA 234 -2.34 14.62 -13.83
C GLU EA 234 -3.73 15.01 -14.32
N LEU EA 235 -4.46 15.82 -13.55
CA LEU EA 235 -5.79 16.26 -13.99
C LEU EA 235 -5.73 17.09 -15.26
N GLU EA 236 -4.73 17.97 -15.39
CA GLU EA 236 -4.58 18.72 -16.63
C GLU EA 236 -4.11 17.83 -17.78
N GLN EA 237 -3.29 16.82 -17.50
CA GLN EA 237 -2.96 15.83 -18.52
C GLN EA 237 -4.18 15.01 -18.93
N ILE EA 238 -5.11 14.77 -18.01
CA ILE EA 238 -6.37 14.12 -18.36
C ILE EA 238 -7.22 15.02 -19.25
N ALA EA 239 -7.31 16.30 -18.89
CA ALA EA 239 -8.10 17.26 -19.68
C ALA EA 239 -7.41 17.65 -20.99
N ASP EA 240 -6.08 17.59 -21.04
CA ASP EA 240 -5.34 18.04 -22.20
C ASP EA 240 -4.00 17.31 -22.27
N ARG EA 241 -4.01 16.11 -22.85
CA ARG EA 241 -2.85 15.23 -22.94
C ARG EA 241 -1.62 15.95 -23.51
N GLY EA 242 -0.57 16.04 -22.70
CA GLY EA 242 0.70 16.55 -23.13
C GLY EA 242 1.69 15.44 -23.44
N THR EA 243 2.90 15.85 -23.84
CA THR EA 243 3.96 14.88 -24.09
C THR EA 243 4.31 14.05 -22.86
N ALA EA 244 4.08 14.58 -21.66
CA ALA EA 244 4.29 13.81 -20.44
C ALA EA 244 3.47 12.52 -20.42
N ALA EA 245 2.17 12.63 -20.67
CA ALA EA 245 1.32 11.46 -20.68
C ALA EA 245 1.62 10.52 -21.84
N GLU EA 246 2.00 11.07 -23.01
CA GLU EA 246 2.35 10.24 -24.15
C GLU EA 246 3.64 9.45 -23.92
N ARG EA 247 4.67 10.09 -23.38
CA ARG EA 247 5.91 9.38 -23.07
C ARG EA 247 5.72 8.32 -22.00
N ALA EA 248 4.91 8.61 -20.98
CA ALA EA 248 4.58 7.61 -19.96
C ALA EA 248 3.88 6.40 -20.56
N ALA EA 249 2.88 6.63 -21.41
CA ALA EA 249 2.17 5.53 -22.07
C ALA EA 249 3.11 4.71 -22.96
N LEU EA 250 3.95 5.36 -23.74
CA LEU EA 250 4.84 4.65 -24.66
C LEU EA 250 5.96 3.89 -23.95
N PHE EA 251 6.48 4.40 -22.84
CA PHE EA 251 7.45 3.62 -22.08
C PHE EA 251 6.90 2.25 -21.73
N TRP EA 252 5.70 2.21 -21.16
CA TRP EA 252 5.11 0.93 -20.78
C TRP EA 252 4.67 0.11 -21.99
N ARG EA 253 4.13 0.76 -23.03
CA ARG EA 253 3.82 0.05 -24.26
C ARG EA 253 5.06 -0.63 -24.85
N TRP EA 254 6.15 0.11 -24.99
CA TRP EA 254 7.37 -0.49 -25.55
C TRP EA 254 7.99 -1.52 -24.61
N THR EA 255 7.81 -1.35 -23.30
CA THR EA 255 8.33 -2.30 -22.33
C THR EA 255 7.53 -3.60 -22.34
N MET EA 256 6.22 -3.51 -22.11
CA MET EA 256 5.40 -4.68 -21.82
C MET EA 256 4.20 -4.84 -22.75
N GLY EA 257 4.13 -4.07 -23.84
CA GLY EA 257 3.16 -4.29 -24.89
C GLY EA 257 1.78 -3.70 -24.65
N PHE EA 258 1.56 -3.03 -23.54
CA PHE EA 258 0.29 -2.35 -23.28
C PHE EA 258 0.53 -1.26 -22.25
N ASN EA 259 -0.43 -0.35 -22.13
CA ASN EA 259 -0.26 0.82 -21.28
C ASN EA 259 -1.60 1.24 -20.68
N ALA EA 260 -1.52 2.20 -19.75
CA ALA EA 260 -2.65 2.91 -19.20
C ALA EA 260 -2.85 4.27 -19.88
N THR EA 261 -3.90 4.98 -19.46
CA THR EA 261 -4.01 6.43 -19.62
C THR EA 261 -3.78 7.13 -18.28
N MET EA 262 -3.70 8.46 -18.34
CA MET EA 262 -3.54 9.25 -17.12
C MET EA 262 -4.72 9.17 -16.17
N GLU EA 263 -5.96 9.06 -16.67
CA GLU EA 263 -7.05 8.71 -15.76
C GLU EA 263 -6.98 7.25 -15.35
N GLY EA 264 -6.87 6.35 -16.32
CA GLY EA 264 -7.11 4.93 -16.10
C GLY EA 264 -6.08 4.23 -15.24
N ILE EA 265 -4.85 4.75 -15.17
CA ILE EA 265 -3.89 4.23 -14.20
C ILE EA 265 -4.39 4.37 -12.77
N HIS EA 266 -5.12 5.42 -12.46
CA HIS EA 266 -5.73 5.56 -11.13
C HIS EA 266 -6.89 4.61 -10.90
N ARG EA 267 -7.51 4.10 -11.97
CA ARG EA 267 -8.46 3.01 -11.82
C ARG EA 267 -7.78 1.68 -11.51
N TRP EA 268 -6.62 1.42 -12.12
CA TRP EA 268 -5.79 0.31 -11.68
C TRP EA 268 -5.35 0.50 -10.23
N ALA EA 269 -4.90 1.71 -9.88
CA ALA EA 269 -4.47 2.00 -8.52
C ALA EA 269 -5.53 1.70 -7.47
N ILE EA 270 -6.73 2.29 -7.63
CA ILE EA 270 -7.77 2.12 -6.61
C ILE EA 270 -8.17 0.65 -6.48
N TRP EA 271 -8.33 -0.07 -7.59
CA TRP EA 271 -8.78 -1.45 -7.52
C TRP EA 271 -7.70 -2.38 -6.96
N MET EA 272 -6.45 -2.18 -7.37
CA MET EA 272 -5.35 -2.98 -6.80
C MET EA 272 -5.34 -2.90 -5.28
N ALA EA 273 -5.46 -1.69 -4.73
CA ALA EA 273 -5.45 -1.51 -3.27
C ALA EA 273 -6.73 -2.01 -2.62
N VAL EA 274 -7.90 -1.71 -3.22
CA VAL EA 274 -9.18 -2.17 -2.68
C VAL EA 274 -9.21 -3.69 -2.55
N LEU EA 275 -8.70 -4.40 -3.55
CA LEU EA 275 -8.78 -5.85 -3.59
C LEU EA 275 -8.00 -6.54 -2.48
N VAL EA 276 -6.97 -5.88 -1.92
CA VAL EA 276 -6.27 -6.39 -0.75
C VAL EA 276 -7.25 -6.77 0.36
N THR EA 277 -8.05 -5.80 0.81
CA THR EA 277 -8.91 -6.02 1.96
C THR EA 277 -10.25 -6.64 1.59
N LEU EA 278 -10.71 -6.45 0.36
CA LEU EA 278 -11.90 -7.16 -0.11
C LEU EA 278 -11.68 -8.67 -0.10
N THR EA 279 -10.63 -9.14 -0.77
CA THR EA 279 -10.29 -10.56 -0.71
C THR EA 279 -9.88 -10.98 0.70
N GLY EA 280 -9.14 -10.11 1.40
CA GLY EA 280 -8.78 -10.37 2.78
C GLY EA 280 -9.97 -10.72 3.66
N GLY EA 281 -10.99 -9.87 3.67
CA GLY EA 281 -12.16 -10.11 4.51
C GLY EA 281 -12.89 -11.39 4.18
N ILE EA 282 -12.98 -11.74 2.89
CA ILE EA 282 -13.57 -13.02 2.50
C ILE EA 282 -12.76 -14.19 3.06
N GLY EA 283 -11.43 -14.15 2.88
CA GLY EA 283 -10.58 -15.23 3.38
C GLY EA 283 -10.67 -15.45 4.88
N ILE EA 284 -10.69 -14.37 5.66
CA ILE EA 284 -10.87 -14.50 7.11
C ILE EA 284 -12.27 -14.99 7.46
N LEU EA 285 -13.30 -14.45 6.81
CA LEU EA 285 -14.66 -14.85 7.13
C LEU EA 285 -14.92 -16.33 6.85
N LEU EA 286 -14.29 -16.87 5.80
CA LEU EA 286 -14.34 -18.31 5.53
C LEU EA 286 -13.58 -19.15 6.55
N SER EA 287 -12.59 -18.58 7.23
CA SER EA 287 -11.72 -19.34 8.14
C SER EA 287 -12.42 -19.68 9.44
N GLY EA 288 -12.58 -20.99 9.70
CA GLY EA 288 -13.31 -21.50 10.84
C GLY EA 288 -14.80 -21.66 10.63
N THR EA 289 -15.41 -20.79 9.83
CA THR EA 289 -16.82 -20.96 9.49
C THR EA 289 -17.00 -22.04 8.42
N VAL EA 290 -16.16 -22.02 7.38
CA VAL EA 290 -16.26 -22.95 6.27
C VAL EA 290 -15.07 -23.91 6.21
N VAL EA 291 -13.85 -23.40 6.37
CA VAL EA 291 -12.65 -24.24 6.37
C VAL EA 291 -11.91 -24.05 7.68
N ASP EA 292 -11.76 -25.15 8.44
CA ASP EA 292 -10.98 -25.14 9.67
C ASP EA 292 -9.54 -25.63 9.49
N ASN EA 293 -9.19 -26.20 8.34
CA ASN EA 293 -7.82 -26.67 8.09
C ASN EA 293 -7.50 -26.42 6.61
N TRP EA 294 -6.88 -25.26 6.35
CA TRP EA 294 -6.62 -24.84 4.96
C TRP EA 294 -5.59 -25.71 4.25
N TYR EA 295 -4.61 -26.27 4.96
CA TYR EA 295 -3.68 -27.18 4.31
C TYR EA 295 -4.37 -28.45 3.81
N VAL EA 296 -5.22 -29.05 4.63
CA VAL EA 296 -5.99 -30.23 4.20
C VAL EA 296 -6.95 -29.86 3.07
N TRP EA 297 -7.61 -28.70 3.18
CA TRP EA 297 -8.40 -28.19 2.06
C TRP EA 297 -7.57 -28.04 0.80
N GLY EA 298 -6.35 -27.51 0.92
CA GLY EA 298 -5.45 -27.43 -0.21
C GLY EA 298 -5.06 -28.77 -0.81
N GLN EA 299 -4.84 -29.78 0.03
CA GLN EA 299 -4.62 -31.14 -0.46
C GLN EA 299 -5.82 -31.66 -1.27
N ASN EA 300 -7.03 -31.38 -0.81
CA ASN EA 300 -8.23 -31.82 -1.52
C ASN EA 300 -8.59 -30.93 -2.72
N HIS EA 301 -7.90 -29.82 -2.95
CA HIS EA 301 -8.14 -28.94 -4.09
C HIS EA 301 -6.91 -28.80 -4.99
N GLY EA 302 -6.03 -29.80 -4.98
CA GLY EA 302 -4.94 -29.91 -5.94
C GLY EA 302 -3.83 -28.89 -5.85
N MET EA 303 -3.57 -28.36 -4.67
CA MET EA 303 -2.54 -27.34 -4.48
C MET EA 303 -1.48 -27.74 -3.46
N ALA EA 304 -1.65 -28.87 -2.76
CA ALA EA 304 -0.61 -29.47 -1.95
C ALA EA 304 -0.54 -30.96 -2.25
N PRO EA 305 0.66 -31.55 -2.25
CA PRO EA 305 0.78 -33.01 -2.42
C PRO EA 305 0.04 -33.79 -1.34
N LEU EA 306 -0.57 -34.90 -1.74
CA LEU EA 306 -1.24 -35.79 -0.82
C LEU EA 306 -0.26 -36.49 0.11
N ASN EA 307 -0.75 -36.87 1.28
CA ASN EA 307 0.06 -37.52 2.31
C ASN EA 307 0.48 -38.94 1.92
N GLU FA 1 30.72 18.10 -7.50
CA GLU FA 1 31.50 18.30 -6.29
C GLU FA 1 30.59 18.14 -5.06
N VAL FA 2 31.18 17.70 -3.94
CA VAL FA 2 30.42 17.42 -2.73
C VAL FA 2 29.79 18.69 -2.17
N SER FA 3 28.46 18.72 -2.12
CA SER FA 3 27.71 19.81 -1.52
C SER FA 3 27.81 19.80 0.00
N GLU FA 4 27.53 20.96 0.61
CA GLU FA 4 27.62 21.13 2.05
C GLU FA 4 26.77 20.10 2.81
N PHE FA 5 25.55 19.85 2.35
CA PHE FA 5 24.69 18.85 3.01
C PHE FA 5 25.24 17.43 2.88
N ALA FA 6 25.85 17.10 1.75
CA ALA FA 6 26.48 15.79 1.61
C ALA FA 6 27.68 15.63 2.55
N PHE FA 7 28.50 16.67 2.67
CA PHE FA 7 29.54 16.69 3.69
C PHE FA 7 28.97 16.56 5.10
N ARG FA 8 27.90 17.31 5.39
CA ARG FA 8 27.25 17.25 6.70
C ARG FA 8 26.75 15.84 7.04
N LEU FA 9 26.18 15.14 6.07
CA LEU FA 9 25.74 13.76 6.30
C LEU FA 9 26.91 12.82 6.59
N MET FA 10 28.04 13.00 5.90
CA MET FA 10 29.22 12.17 6.17
C MET FA 10 29.76 12.39 7.57
N MET FA 11 29.97 13.66 7.95
CA MET FA 11 30.45 13.96 9.29
C MET FA 11 29.46 13.53 10.37
N ALA FA 12 28.16 13.72 10.13
CA ALA FA 12 27.15 13.23 11.06
C ALA FA 12 27.23 11.72 11.26
N ALA FA 13 27.53 10.96 10.20
CA ALA FA 13 27.73 9.52 10.35
C ALA FA 13 28.97 9.20 11.19
N VAL FA 14 30.07 9.91 10.99
CA VAL FA 14 31.26 9.75 11.83
C VAL FA 14 30.94 10.08 13.28
N ILE FA 15 30.29 11.22 13.50
CA ILE FA 15 29.90 11.65 14.85
C ILE FA 15 28.96 10.63 15.50
N PHE FA 16 28.02 10.08 14.73
CA PHE FA 16 27.09 9.07 15.27
C PHE FA 16 27.84 7.90 15.89
N VAL FA 17 28.79 7.31 15.15
CA VAL FA 17 29.48 6.12 15.64
C VAL FA 17 30.43 6.47 16.78
N GLY FA 18 31.20 7.54 16.65
CA GLY FA 18 32.12 7.93 17.71
C GLY FA 18 31.45 8.28 19.02
N VAL FA 19 30.45 9.16 18.99
CA VAL FA 19 29.69 9.49 20.20
C VAL FA 19 28.94 8.27 20.71
N GLY FA 20 28.40 7.46 19.81
CA GLY FA 20 27.75 6.22 20.21
C GLY FA 20 28.63 5.29 21.02
N ILE FA 21 29.87 5.07 20.55
CA ILE FA 21 30.79 4.18 21.26
C ILE FA 21 31.16 4.73 22.64
N MET FA 22 31.51 6.02 22.71
CA MET FA 22 31.94 6.58 23.99
C MET FA 22 30.81 6.62 25.03
N PHE FA 23 29.59 6.98 24.62
CA PHE FA 23 28.47 6.91 25.55
C PHE FA 23 27.98 5.51 25.83
N ALA FA 24 28.16 4.57 24.89
CA ALA FA 24 27.90 3.17 25.20
C ALA FA 24 28.82 2.67 26.32
N PHE FA 25 30.09 3.06 26.27
CA PHE FA 25 31.01 2.75 27.37
C PHE FA 25 30.60 3.50 28.64
N ALA FA 26 30.40 4.81 28.56
CA ALA FA 26 30.12 5.61 29.75
C ALA FA 26 28.77 5.26 30.37
N GLY FA 27 27.74 5.07 29.55
CA GLY FA 27 26.43 4.68 30.04
C GLY FA 27 26.30 3.23 30.45
N GLY FA 28 27.29 2.40 30.13
CA GLY FA 28 27.24 0.99 30.48
C GLY FA 28 26.19 0.18 29.76
N HIS FA 29 25.68 0.68 28.64
CA HIS FA 29 24.75 -0.06 27.80
C HIS FA 29 24.77 0.57 26.41
N TRP FA 30 24.79 -0.27 25.37
CA TRP FA 30 24.85 0.22 24.00
C TRP FA 30 23.67 1.11 23.63
N PHE FA 31 22.51 0.93 24.26
CA PHE FA 31 21.36 1.79 23.97
C PHE FA 31 21.60 3.25 24.34
N VAL FA 32 22.34 3.49 25.42
CA VAL FA 32 22.74 4.86 25.75
C VAL FA 32 23.59 5.46 24.64
N GLY FA 33 24.48 4.66 24.06
CA GLY FA 33 25.21 5.10 22.88
C GLY FA 33 24.32 5.43 21.69
N LEU FA 34 23.36 4.57 21.40
CA LEU FA 34 22.43 4.82 20.31
C LEU FA 34 21.62 6.10 20.52
N VAL FA 35 21.05 6.28 21.71
CA VAL FA 35 20.24 7.46 22.00
C VAL FA 35 21.07 8.73 21.90
N VAL FA 36 22.19 8.79 22.62
CA VAL FA 36 23.02 10.00 22.61
C VAL FA 36 23.66 10.23 21.25
N GLY FA 37 24.30 9.20 20.70
CA GLY FA 37 24.92 9.33 19.38
C GLY FA 37 23.92 9.71 18.30
N GLY FA 38 22.72 9.13 18.35
CA GLY FA 38 21.69 9.45 17.38
C GLY FA 38 21.20 10.88 17.42
N LEU FA 39 20.79 11.34 18.60
CA LEU FA 39 20.28 12.70 18.74
C LEU FA 39 21.34 13.76 18.43
N VAL FA 40 22.59 13.51 18.81
CA VAL FA 40 23.67 14.44 18.46
C VAL FA 40 23.94 14.45 16.96
N ALA FA 41 24.03 13.27 16.34
CA ALA FA 41 24.25 13.20 14.89
C ALA FA 41 23.09 13.80 14.12
N ALA FA 42 21.86 13.63 14.60
CA ALA FA 42 20.71 14.27 13.98
C ALA FA 42 20.80 15.80 14.05
N PHE FA 43 21.14 16.33 15.22
CA PHE FA 43 21.43 17.76 15.35
C PHE FA 43 22.51 18.23 14.37
N PHE FA 44 23.59 17.46 14.23
CA PHE FA 44 24.62 17.81 13.26
C PHE FA 44 24.10 17.77 11.82
N ALA FA 45 23.41 16.69 11.45
CA ALA FA 45 22.90 16.55 10.10
C ALA FA 45 21.91 17.64 9.72
N ALA FA 46 21.07 18.07 10.67
CA ALA FA 46 20.08 19.11 10.41
C ALA FA 46 20.66 20.51 10.18
N THR FA 47 21.96 20.72 10.42
CA THR FA 47 22.49 22.08 10.54
C THR FA 47 23.60 22.46 9.55
N PRO FA 48 23.49 22.16 8.25
CA PRO FA 48 24.48 22.67 7.30
C PRO FA 48 24.44 24.18 7.17
N ASN FA 49 25.56 24.73 6.70
CA ASN FA 49 25.81 26.17 6.70
C ASN FA 49 24.85 26.95 5.79
N PRO GA 1 47.11 -2.60 -45.70
CA PRO GA 1 45.77 -2.39 -45.15
C PRO GA 1 45.23 -3.56 -44.33
N LYS GA 2 45.42 -4.80 -44.78
CA LYS GA 2 44.67 -5.93 -44.23
C LYS GA 2 45.02 -6.22 -42.77
N THR GA 3 46.26 -5.97 -42.35
CA THR GA 3 46.59 -6.15 -40.93
C THR GA 3 45.80 -5.19 -40.04
N ASN GA 4 45.53 -3.97 -40.53
CA ASN GA 4 44.68 -3.04 -39.79
C ASN GA 4 43.25 -3.55 -39.67
N LEU GA 5 42.69 -4.07 -40.76
CA LEU GA 5 41.35 -4.66 -40.73
C LEU GA 5 41.28 -5.87 -39.82
N ARG GA 6 42.26 -6.76 -39.90
CA ARG GA 6 42.33 -7.92 -39.00
C ARG GA 6 42.34 -7.49 -37.54
N LEU GA 7 43.18 -6.53 -37.19
CA LEU GA 7 43.23 -6.02 -35.82
C LEU GA 7 41.91 -5.36 -35.40
N TRP GA 8 41.23 -4.68 -36.33
CA TRP GA 8 39.95 -4.06 -36.01
C TRP GA 8 38.87 -5.09 -35.67
N VAL GA 9 38.75 -6.15 -36.48
CA VAL GA 9 37.81 -7.22 -36.16
C VAL GA 9 38.10 -7.83 -34.79
N ALA GA 10 39.37 -8.14 -34.52
CA ALA GA 10 39.77 -8.69 -33.23
C ALA GA 10 39.43 -7.75 -32.08
N PHE GA 11 39.72 -6.45 -32.24
CA PHE GA 11 39.40 -5.47 -31.21
C PHE GA 11 37.91 -5.38 -30.91
N GLN GA 12 37.05 -5.39 -31.93
CA GLN GA 12 35.60 -5.37 -31.69
C GLN GA 12 35.13 -6.59 -30.91
N MET GA 13 35.60 -7.79 -31.27
CA MET GA 13 35.27 -8.98 -30.51
C MET GA 13 35.83 -8.95 -29.09
N MET GA 14 37.04 -8.41 -28.91
CA MET GA 14 37.60 -8.26 -27.58
C MET GA 14 36.84 -7.26 -26.71
N LYS GA 15 36.23 -6.24 -27.30
CA LYS GA 15 35.36 -5.35 -26.53
C LYS GA 15 34.18 -6.11 -25.92
N GLY GA 16 33.51 -6.94 -26.72
CA GLY GA 16 32.40 -7.73 -26.17
C GLY GA 16 32.84 -8.71 -25.11
N ALA GA 17 33.92 -9.44 -25.37
CA ALA GA 17 34.48 -10.36 -24.38
C ALA GA 17 34.91 -9.64 -23.11
N GLY GA 18 35.54 -8.48 -23.25
CA GLY GA 18 35.98 -7.71 -22.09
C GLY GA 18 34.85 -7.26 -21.18
N TRP GA 19 33.76 -6.77 -21.76
CA TRP GA 19 32.57 -6.44 -20.96
C TRP GA 19 31.92 -7.67 -20.35
N ALA GA 20 31.74 -8.73 -21.13
CA ALA GA 20 31.16 -9.95 -20.58
C ALA GA 20 32.04 -10.53 -19.47
N GLY GA 21 33.36 -10.47 -19.64
CA GLY GA 21 34.26 -10.86 -18.58
C GLY GA 21 34.15 -9.98 -17.35
N GLY GA 22 34.26 -8.66 -17.54
CA GLY GA 22 34.17 -7.73 -16.43
C GLY GA 22 32.91 -7.87 -15.59
N VAL GA 23 31.76 -8.01 -16.24
CA VAL GA 23 30.52 -8.27 -15.52
C VAL GA 23 30.57 -9.61 -14.79
N PHE GA 24 31.07 -10.65 -15.45
CA PHE GA 24 31.16 -11.97 -14.82
C PHE GA 24 32.11 -11.96 -13.62
N PHE GA 25 33.32 -11.40 -13.79
CA PHE GA 25 34.27 -11.31 -12.69
C PHE GA 25 33.76 -10.43 -11.56
N GLY GA 26 33.13 -9.30 -11.88
CA GLY GA 26 32.50 -8.48 -10.85
C GLY GA 26 31.40 -9.20 -10.08
N THR GA 27 30.60 -10.01 -10.77
CA THR GA 27 29.63 -10.87 -10.10
C THR GA 27 30.30 -11.83 -9.12
N LEU GA 28 31.36 -12.50 -9.56
CA LEU GA 28 32.09 -13.41 -8.68
C LEU GA 28 32.74 -12.70 -7.49
N LEU GA 29 33.22 -11.48 -7.69
CA LEU GA 29 33.72 -10.68 -6.56
C LEU GA 29 32.62 -10.36 -5.54
N LEU GA 30 31.43 -9.99 -6.01
CA LEU GA 30 30.31 -9.77 -5.08
C LEU GA 30 29.94 -11.04 -4.33
N ILE GA 31 29.90 -12.19 -5.02
CA ILE GA 31 29.66 -13.47 -4.37
C ILE GA 31 30.76 -13.77 -3.35
N GLY GA 32 32.02 -13.49 -3.70
CA GLY GA 32 33.12 -13.71 -2.79
C GLY GA 32 33.09 -12.84 -1.53
N PHE GA 33 32.64 -11.60 -1.67
CA PHE GA 33 32.41 -10.75 -0.50
C PHE GA 33 31.43 -11.38 0.48
N PHE GA 34 30.25 -11.78 0.01
CA PHE GA 34 29.28 -12.42 0.90
C PHE GA 34 29.77 -13.76 1.45
N ARG GA 35 30.60 -14.47 0.69
CA ARG GA 35 31.22 -15.69 1.19
C ARG GA 35 32.21 -15.41 2.33
N VAL GA 36 33.11 -14.45 2.11
CA VAL GA 36 34.06 -14.04 3.15
C VAL GA 36 33.35 -13.56 4.42
N VAL GA 37 32.38 -12.66 4.27
CA VAL GA 37 31.58 -12.22 5.42
C VAL GA 37 30.91 -13.38 6.13
N GLY GA 38 30.30 -14.29 5.37
CA GLY GA 38 29.67 -15.46 5.98
C GLY GA 38 30.63 -16.40 6.69
N LEU GA 39 31.89 -16.46 6.23
CA LEU GA 39 32.91 -17.21 6.94
C LEU GA 39 33.36 -16.54 8.23
N MET GA 40 33.27 -15.21 8.32
CA MET GA 40 33.63 -14.51 9.54
C MET GA 40 32.54 -14.54 10.61
N LEU GA 41 31.27 -14.53 10.22
CA LEU GA 41 30.18 -14.60 11.18
C LEU GA 41 30.08 -15.99 11.85
N PRO GA 42 29.38 -16.08 13.01
CA PRO GA 42 29.25 -17.35 13.74
C PRO GA 42 28.35 -18.40 13.08
N ILE GA 43 28.19 -18.35 11.77
CA ILE GA 43 27.19 -19.18 11.08
C ILE GA 43 27.53 -20.66 11.23
N GLN GA 44 28.80 -21.02 11.08
CA GLN GA 44 29.26 -22.41 11.14
C GLN GA 44 28.81 -23.10 12.41
N GLU GA 45 28.82 -22.37 13.54
CA GLU GA 45 28.32 -22.88 14.82
C GLU GA 45 26.81 -23.03 14.85
N ASN GA 46 26.09 -22.10 14.22
CA ASN GA 46 24.64 -21.93 14.37
C ASN GA 46 23.89 -22.25 13.10
N GLN GA 47 24.29 -23.32 12.42
CA GLN GA 47 23.78 -23.65 11.09
C GLN GA 47 22.30 -24.00 11.14
N ALA GA 48 21.50 -23.31 10.32
CA ALA GA 48 20.05 -23.49 10.31
C ALA GA 48 19.64 -24.84 9.71
N PRO GA 49 18.54 -25.42 10.19
CA PRO GA 49 17.93 -26.58 9.53
C PRO GA 49 17.41 -26.26 8.13
N ALA GA 50 17.41 -27.27 7.28
CA ALA GA 50 16.98 -27.14 5.89
C ALA GA 50 15.52 -26.70 5.78
N PRO GA 51 15.22 -25.60 5.07
CA PRO GA 51 13.83 -25.15 4.94
C PRO GA 51 13.00 -25.94 3.94
N ASN GA 52 13.62 -26.77 3.10
CA ASN GA 52 12.94 -27.51 2.05
C ASN GA 52 12.94 -29.00 2.38
N ILE GA 53 11.86 -29.68 2.00
CA ILE GA 53 11.78 -31.13 2.14
C ILE GA 53 12.87 -31.87 1.35
N THR GA 54 13.45 -31.23 0.33
CA THR GA 54 14.59 -31.81 -0.36
C THR GA 54 15.81 -31.92 0.56
N GLY GA 55 15.82 -31.21 1.67
CA GLY GA 55 16.92 -31.25 2.61
C GLY GA 55 18.13 -30.42 2.22
#